data_3A74
#
_entry.id   3A74
#
_cell.length_a   80.176
_cell.length_b   85.080
_cell.length_c   151.764
_cell.angle_alpha   90.00
_cell.angle_beta   90.01
_cell.angle_gamma   90.00
#
_symmetry.space_group_name_H-M   'P 1 21 1'
#
loop_
_entity.id
_entity.type
_entity.pdbx_description
1 polymer 'Lysyl-tRNA synthetase'
2 non-polymer "BIS(ADENOSINE)-5'-TETRAPHOSPHATE"
3 non-polymer '2,6-DIAMINO-HEXANOIC ACID AMIDE'
4 non-polymer 'MAGNESIUM ION'
5 water water
#
_entity_poly.entity_id   1
_entity_poly.type   'polypeptide(L)'
_entity_poly.pdbx_seq_one_letter_code
;SHEELNDQLRVRREKLKKIEELGVDPFGKRFERTHKAEELFELYGDLSKEELEEQQIEVAVAGRIMTKRGMGKAGFAHIQ
DVTGQIQIYVRQDDVGEQQYELFKISDLGDIVGVRGTMFKTKVGELSIKVSSYEFLTKALRPLPEKYHGLKDIEQRYRQR
YLDLIMNPESKKTFITRSLIIQSMRRYLDSHGYLEVETPMMHAVAGGAAARPFITHHNALDMTLYMRIAIELHLKRLIVG
GLEKVYEIGRVFRNEGISTRHNPEFTMLELYEAYADFRDIMKLTENLIAHIATEVLGTTKIQYGEHLVDLTPEWRRLHMV
DAIKEYVGVDFWRQMSDEEARELAKEHGVEVAPHMTFGHIVNEFFEQKVEDKLIQPTFIYGHPVEISPLAKKNPDDPRFT
DRFELFIVGREHANAFTELNDPIDQRQRFEEQLKEREQGNDEAHEMDEDFLEALEYGMPPTGGLGIGVDRLVMLLTNSPS
IRDVLLFPQMRHK
;
_entity_poly.pdbx_strand_id   A,B,C,D
#
# COMPACT_ATOMS: atom_id res chain seq x y z
N GLU A 4 21.31 -5.95 -3.15
CA GLU A 4 20.06 -5.43 -3.79
C GLU A 4 19.64 -6.34 -4.95
N LEU A 5 19.79 -5.84 -6.17
CA LEU A 5 19.46 -6.62 -7.35
C LEU A 5 20.68 -7.44 -7.78
N ASN A 6 20.44 -8.54 -8.49
CA ASN A 6 21.52 -9.43 -8.92
C ASN A 6 22.06 -10.12 -7.67
N ASP A 7 21.76 -9.52 -6.52
CA ASP A 7 22.16 -10.06 -5.23
C ASP A 7 21.20 -11.22 -4.96
N GLN A 8 19.97 -10.86 -4.61
CA GLN A 8 18.94 -11.85 -4.34
C GLN A 8 18.57 -12.46 -5.69
N LEU A 9 18.73 -11.68 -6.75
CA LEU A 9 18.40 -12.13 -8.09
C LEU A 9 19.29 -13.31 -8.51
N ARG A 10 20.57 -13.23 -8.21
CA ARG A 10 21.48 -14.32 -8.58
C ARG A 10 21.10 -15.56 -7.78
N VAL A 11 20.78 -15.36 -6.50
CA VAL A 11 20.39 -16.46 -5.64
C VAL A 11 19.15 -17.17 -6.18
N ARG A 12 18.17 -16.39 -6.63
CA ARG A 12 16.94 -16.96 -7.17
C ARG A 12 17.18 -17.73 -8.46
N ARG A 13 18.11 -17.24 -9.28
CA ARG A 13 18.42 -17.94 -10.52
C ARG A 13 19.11 -19.25 -10.17
N GLU A 14 19.95 -19.21 -9.14
CA GLU A 14 20.67 -20.40 -8.70
C GLU A 14 19.70 -21.49 -8.25
N LYS A 15 18.74 -21.12 -7.42
CA LYS A 15 17.75 -22.06 -6.93
C LYS A 15 16.91 -22.60 -8.07
N LEU A 16 16.79 -21.81 -9.13
CA LEU A 16 16.04 -22.21 -10.30
C LEU A 16 16.69 -23.45 -10.92
N LYS A 17 18.01 -23.42 -11.03
CA LYS A 17 18.74 -24.55 -11.60
C LYS A 17 18.73 -25.76 -10.67
N LYS A 18 18.80 -25.49 -9.38
CA LYS A 18 18.79 -26.57 -8.39
C LYS A 18 17.48 -27.36 -8.50
N ILE A 19 16.37 -26.64 -8.68
CA ILE A 19 15.06 -27.26 -8.80
C ILE A 19 14.99 -28.10 -10.06
N GLU A 20 15.51 -27.57 -11.16
CA GLU A 20 15.51 -28.29 -12.42
C GLU A 20 16.29 -29.58 -12.27
N GLU A 21 17.33 -29.54 -11.44
CA GLU A 21 18.18 -30.69 -11.21
C GLU A 21 17.53 -31.74 -10.33
N LEU A 22 16.45 -31.36 -9.63
CA LEU A 22 15.74 -32.29 -8.79
C LEU A 22 14.65 -33.00 -9.60
N GLY A 23 14.69 -32.81 -10.91
CA GLY A 23 13.73 -33.44 -11.80
C GLY A 23 12.35 -32.82 -11.76
N VAL A 24 12.27 -31.55 -11.37
CA VAL A 24 10.99 -30.84 -11.29
C VAL A 24 10.93 -29.69 -12.28
N ASP A 25 9.75 -29.47 -12.85
CA ASP A 25 9.53 -28.37 -13.80
C ASP A 25 9.34 -27.13 -12.93
N PRO A 26 10.35 -26.24 -12.90
CA PRO A 26 10.29 -25.02 -12.10
C PRO A 26 9.16 -24.06 -12.44
N PHE A 27 8.44 -24.33 -13.51
CA PHE A 27 7.34 -23.46 -13.89
C PHE A 27 5.99 -24.17 -13.93
N GLY A 28 6.00 -25.39 -13.37
CA GLY A 28 4.82 -26.21 -13.21
C GLY A 28 3.92 -26.67 -14.33
N LYS A 29 3.05 -27.61 -13.97
CA LYS A 29 2.05 -28.18 -14.87
C LYS A 29 0.72 -27.75 -14.30
N ARG A 30 -0.37 -28.28 -14.85
CA ARG A 30 -1.69 -27.96 -14.36
C ARG A 30 -1.78 -28.51 -12.94
N PHE A 31 -2.65 -27.92 -12.13
CA PHE A 31 -2.81 -28.36 -10.74
C PHE A 31 -4.28 -28.28 -10.35
N GLU A 32 -4.83 -29.39 -9.86
CA GLU A 32 -6.23 -29.42 -9.48
C GLU A 32 -6.48 -29.07 -8.01
N ARG A 33 -7.30 -28.05 -7.79
CA ARG A 33 -7.63 -27.60 -6.45
C ARG A 33 -9.03 -28.02 -6.08
N THR A 34 -9.30 -28.06 -4.78
CA THR A 34 -10.61 -28.42 -4.27
C THR A 34 -11.24 -27.20 -3.59
N HIS A 35 -10.39 -26.31 -3.08
CA HIS A 35 -10.89 -25.13 -2.38
C HIS A 35 -10.04 -23.88 -2.55
N LYS A 36 -10.63 -22.76 -2.14
CA LYS A 36 -9.99 -21.45 -2.12
C LYS A 36 -9.78 -21.23 -0.62
N ALA A 37 -8.79 -20.43 -0.25
CA ALA A 37 -8.50 -20.18 1.16
C ALA A 37 -9.73 -19.75 1.96
N GLU A 38 -10.46 -18.76 1.45
CA GLU A 38 -11.65 -18.27 2.16
C GLU A 38 -12.70 -19.34 2.38
N GLU A 39 -12.91 -20.22 1.40
CA GLU A 39 -13.89 -21.28 1.52
C GLU A 39 -13.54 -22.18 2.71
N LEU A 40 -12.23 -22.40 2.90
CA LEU A 40 -11.77 -23.23 4.00
C LEU A 40 -12.17 -22.62 5.34
N PHE A 41 -11.98 -21.31 5.47
CA PHE A 41 -12.34 -20.63 6.71
C PHE A 41 -13.85 -20.58 6.93
N GLU A 42 -14.60 -20.39 5.86
CA GLU A 42 -16.05 -20.33 5.97
C GLU A 42 -16.62 -21.67 6.44
N LEU A 43 -16.08 -22.75 5.89
CA LEU A 43 -16.53 -24.10 6.21
C LEU A 43 -15.98 -24.70 7.50
N TYR A 44 -14.70 -24.49 7.77
CA TYR A 44 -14.08 -25.10 8.94
C TYR A 44 -13.44 -24.16 9.96
N GLY A 45 -13.62 -22.87 9.78
CA GLY A 45 -13.03 -21.92 10.71
C GLY A 45 -13.54 -21.99 12.13
N ASP A 46 -14.78 -22.43 12.33
CA ASP A 46 -15.34 -22.50 13.68
C ASP A 46 -15.32 -23.89 14.30
N LEU A 47 -14.55 -24.80 13.72
CA LEU A 47 -14.43 -26.15 14.26
C LEU A 47 -13.22 -26.17 15.17
N SER A 48 -13.30 -26.93 16.26
CA SER A 48 -12.19 -27.01 17.21
C SER A 48 -11.08 -27.90 16.68
N LYS A 49 -9.92 -27.79 17.30
CA LYS A 49 -8.77 -28.59 16.91
C LYS A 49 -9.15 -30.07 16.94
N GLU A 50 -9.88 -30.46 17.98
CA GLU A 50 -10.30 -31.85 18.14
C GLU A 50 -11.28 -32.28 17.05
N GLU A 51 -12.25 -31.43 16.74
CA GLU A 51 -13.23 -31.75 15.70
C GLU A 51 -12.52 -31.99 14.37
N LEU A 52 -11.56 -31.13 14.05
CA LEU A 52 -10.81 -31.26 12.80
C LEU A 52 -10.01 -32.56 12.74
N GLU A 53 -9.39 -32.93 13.86
CA GLU A 53 -8.60 -34.15 13.91
C GLU A 53 -9.49 -35.36 13.66
N GLU A 54 -10.72 -35.30 14.17
CA GLU A 54 -11.67 -36.39 14.04
C GLU A 54 -12.33 -36.49 12.68
N GLN A 55 -12.29 -35.40 11.90
CA GLN A 55 -12.94 -35.42 10.59
C GLN A 55 -11.97 -35.60 9.40
N GLN A 56 -10.68 -35.41 9.66
CA GLN A 56 -9.66 -35.57 8.62
C GLN A 56 -10.10 -35.07 7.24
N ILE A 57 -10.44 -33.79 7.17
CA ILE A 57 -10.89 -33.18 5.92
C ILE A 57 -9.72 -32.90 4.99
N GLU A 58 -9.72 -33.58 3.83
CA GLU A 58 -8.66 -33.42 2.85
C GLU A 58 -8.97 -32.33 1.84
N VAL A 59 -7.96 -31.54 1.50
CA VAL A 59 -8.13 -30.45 0.54
C VAL A 59 -6.90 -30.28 -0.34
N ALA A 60 -7.07 -29.49 -1.39
CA ALA A 60 -6.00 -29.19 -2.32
C ALA A 60 -6.14 -27.72 -2.67
N VAL A 61 -5.08 -26.95 -2.44
CA VAL A 61 -5.08 -25.52 -2.72
C VAL A 61 -3.75 -25.11 -3.34
N ALA A 62 -3.70 -23.91 -3.90
CA ALA A 62 -2.47 -23.41 -4.51
C ALA A 62 -2.39 -21.91 -4.31
N GLY A 63 -1.17 -21.39 -4.22
CA GLY A 63 -1.01 -19.96 -4.02
C GLY A 63 0.43 -19.52 -3.90
N ARG A 64 0.63 -18.22 -3.71
CA ARG A 64 1.95 -17.65 -3.61
C ARG A 64 2.42 -17.61 -2.15
N ILE A 65 3.70 -17.94 -1.94
CA ILE A 65 4.28 -17.94 -0.60
C ILE A 65 4.51 -16.49 -0.17
N MET A 66 3.80 -16.07 0.88
CA MET A 66 3.92 -14.70 1.37
C MET A 66 4.80 -14.60 2.61
N THR A 67 4.82 -15.66 3.41
CA THR A 67 5.64 -15.72 4.62
C THR A 67 6.11 -17.14 4.76
N LYS A 68 7.21 -17.35 5.46
CA LYS A 68 7.74 -18.69 5.65
C LYS A 68 8.62 -18.75 6.88
N ARG A 69 8.50 -19.83 7.64
CA ARG A 69 9.32 -20.00 8.83
C ARG A 69 9.73 -21.46 8.93
N GLY A 70 11.03 -21.70 8.79
CA GLY A 70 11.53 -23.06 8.85
C GLY A 70 11.93 -23.45 10.27
N MET A 71 11.69 -24.71 10.61
CA MET A 71 12.02 -25.21 11.94
C MET A 71 12.60 -26.62 11.89
N GLY A 72 13.77 -26.73 11.26
CA GLY A 72 14.43 -28.02 11.16
C GLY A 72 13.82 -29.00 10.18
N LYS A 73 13.20 -30.06 10.69
CA LYS A 73 12.58 -31.08 9.86
C LYS A 73 11.12 -30.76 9.54
N ALA A 74 10.68 -29.58 9.93
CA ALA A 74 9.30 -29.15 9.67
C ALA A 74 9.27 -27.64 9.56
N GLY A 75 8.23 -27.11 8.92
CA GLY A 75 8.12 -25.67 8.78
C GLY A 75 6.73 -25.20 8.38
N PHE A 76 6.51 -23.90 8.49
CA PHE A 76 5.22 -23.30 8.15
C PHE A 76 5.38 -22.29 7.02
N ALA A 77 4.25 -21.90 6.44
CA ALA A 77 4.24 -20.89 5.39
C ALA A 77 2.79 -20.49 5.16
N HIS A 78 2.59 -19.23 4.78
CA HIS A 78 1.25 -18.76 4.48
C HIS A 78 1.22 -18.60 2.97
N ILE A 79 0.29 -19.29 2.32
CA ILE A 79 0.19 -19.17 0.87
C ILE A 79 -1.07 -18.39 0.57
N GLN A 80 -1.00 -17.57 -0.46
CA GLN A 80 -2.11 -16.71 -0.82
C GLN A 80 -2.71 -16.96 -2.19
N ASP A 81 -4.03 -17.15 -2.24
CA ASP A 81 -4.71 -17.32 -3.53
C ASP A 81 -5.59 -16.08 -3.69
N VAL A 82 -6.43 -16.06 -4.72
CA VAL A 82 -7.26 -14.88 -4.96
C VAL A 82 -8.26 -14.52 -3.86
N THR A 83 -8.49 -15.42 -2.90
CA THR A 83 -9.45 -15.15 -1.82
C THR A 83 -8.82 -14.84 -0.45
N GLY A 84 -7.52 -15.06 -0.32
CA GLY A 84 -6.87 -14.81 0.94
C GLY A 84 -5.70 -15.73 1.21
N GLN A 85 -5.31 -15.84 2.48
CA GLN A 85 -4.18 -16.68 2.88
C GLN A 85 -4.56 -17.84 3.78
N ILE A 86 -3.79 -18.92 3.68
CA ILE A 86 -3.99 -20.11 4.49
C ILE A 86 -2.62 -20.62 4.89
N GLN A 87 -2.45 -20.97 6.16
CA GLN A 87 -1.17 -21.46 6.62
C GLN A 87 -1.02 -22.95 6.30
N ILE A 88 0.17 -23.34 5.85
CA ILE A 88 0.46 -24.74 5.57
C ILE A 88 1.60 -25.19 6.48
N TYR A 89 1.54 -26.45 6.87
CA TYR A 89 2.56 -27.02 7.75
C TYR A 89 3.16 -28.21 7.01
N VAL A 90 4.46 -28.14 6.77
CA VAL A 90 5.18 -29.18 6.03
C VAL A 90 6.23 -29.88 6.90
N ARG A 91 6.05 -31.19 7.08
CA ARG A 91 6.97 -32.01 7.88
C ARG A 91 7.73 -32.96 6.97
N GLN A 92 9.03 -33.05 7.16
CA GLN A 92 9.87 -33.91 6.34
C GLN A 92 9.46 -35.38 6.38
N ASP A 93 9.16 -35.88 7.58
CA ASP A 93 8.77 -37.28 7.71
C ASP A 93 7.42 -37.60 7.07
N ASP A 94 6.64 -36.56 6.79
CA ASP A 94 5.32 -36.75 6.19
C ASP A 94 5.31 -36.69 4.67
N VAL A 95 6.01 -35.71 4.11
CA VAL A 95 6.06 -35.55 2.66
C VAL A 95 7.25 -36.24 2.00
N GLY A 96 8.21 -36.69 2.79
CA GLY A 96 9.36 -37.35 2.22
C GLY A 96 10.51 -36.38 1.99
N GLU A 97 11.71 -36.93 1.84
CA GLU A 97 12.91 -36.14 1.62
C GLU A 97 12.89 -35.24 0.40
N GLN A 98 12.49 -35.79 -0.73
CA GLN A 98 12.46 -35.02 -1.97
C GLN A 98 11.52 -33.83 -1.92
N GLN A 99 10.28 -34.05 -1.49
CA GLN A 99 9.32 -32.95 -1.41
C GLN A 99 9.74 -31.93 -0.36
N TYR A 100 10.37 -32.41 0.72
CA TYR A 100 10.79 -31.49 1.76
C TYR A 100 11.92 -30.61 1.26
N GLU A 101 12.78 -31.17 0.41
CA GLU A 101 13.87 -30.40 -0.15
C GLU A 101 13.28 -29.24 -0.96
N LEU A 102 12.19 -29.51 -1.66
CA LEU A 102 11.52 -28.48 -2.46
C LEU A 102 10.93 -27.41 -1.57
N PHE A 103 10.39 -27.82 -0.43
CA PHE A 103 9.83 -26.85 0.51
C PHE A 103 10.94 -25.95 1.06
N LYS A 104 12.05 -26.56 1.43
CA LYS A 104 13.18 -25.80 1.97
C LYS A 104 13.79 -24.81 0.99
N ILE A 105 13.86 -25.20 -0.27
CA ILE A 105 14.45 -24.33 -1.27
C ILE A 105 13.45 -23.24 -1.72
N SER A 106 12.16 -23.47 -1.45
CA SER A 106 11.12 -22.51 -1.82
C SER A 106 11.34 -21.13 -1.20
N ASP A 107 11.16 -20.10 -2.02
CA ASP A 107 11.34 -18.69 -1.63
C ASP A 107 10.01 -17.97 -1.50
N LEU A 108 10.04 -16.83 -0.82
CA LEU A 108 8.84 -16.01 -0.71
C LEU A 108 8.62 -15.61 -2.17
N GLY A 109 7.38 -15.61 -2.62
CA GLY A 109 7.10 -15.24 -4.00
C GLY A 109 6.85 -16.44 -4.88
N ASP A 110 7.49 -17.57 -4.56
CA ASP A 110 7.29 -18.78 -5.34
C ASP A 110 5.84 -19.23 -5.20
N ILE A 111 5.35 -19.93 -6.21
CA ILE A 111 3.97 -20.40 -6.20
C ILE A 111 3.98 -21.92 -6.08
N VAL A 112 3.15 -22.44 -5.18
CA VAL A 112 3.10 -23.88 -4.95
C VAL A 112 1.68 -24.41 -4.78
N GLY A 113 1.54 -25.72 -4.94
CA GLY A 113 0.24 -26.34 -4.76
C GLY A 113 0.39 -27.40 -3.68
N VAL A 114 -0.62 -27.55 -2.84
CA VAL A 114 -0.53 -28.56 -1.79
C VAL A 114 -1.82 -29.32 -1.57
N ARG A 115 -1.66 -30.53 -1.04
CA ARG A 115 -2.78 -31.39 -0.71
C ARG A 115 -2.51 -31.75 0.74
N GLY A 116 -3.55 -31.81 1.55
CA GLY A 116 -3.37 -32.14 2.95
C GLY A 116 -4.66 -32.12 3.73
N THR A 117 -4.55 -32.28 5.05
CA THR A 117 -5.72 -32.30 5.91
C THR A 117 -5.81 -31.05 6.77
N MET A 118 -7.04 -30.61 7.03
CA MET A 118 -7.29 -29.44 7.83
C MET A 118 -7.00 -29.68 9.31
N PHE A 119 -6.35 -28.73 9.96
CA PHE A 119 -6.06 -28.83 11.39
C PHE A 119 -5.89 -27.44 11.96
N LYS A 120 -5.86 -27.35 13.29
CA LYS A 120 -5.65 -26.06 13.94
C LYS A 120 -4.45 -26.16 14.85
N THR A 121 -3.61 -25.14 14.81
CA THR A 121 -2.41 -25.10 15.63
C THR A 121 -2.82 -24.74 17.06
N LYS A 122 -1.86 -24.73 17.98
CA LYS A 122 -2.13 -24.41 19.37
C LYS A 122 -2.72 -23.02 19.54
N VAL A 123 -2.44 -22.11 18.61
CA VAL A 123 -3.00 -20.76 18.67
C VAL A 123 -4.35 -20.71 17.98
N GLY A 124 -4.84 -21.87 17.59
CA GLY A 124 -6.14 -21.98 16.94
C GLY A 124 -6.22 -21.54 15.49
N GLU A 125 -5.08 -21.47 14.81
CA GLU A 125 -5.08 -21.04 13.42
C GLU A 125 -5.39 -22.19 12.47
N LEU A 126 -6.45 -22.03 11.68
CA LEU A 126 -6.85 -23.06 10.73
C LEU A 126 -5.70 -23.22 9.73
N SER A 127 -5.22 -24.44 9.58
CA SER A 127 -4.09 -24.72 8.69
C SER A 127 -4.23 -26.03 7.94
N ILE A 128 -3.28 -26.28 7.04
CA ILE A 128 -3.28 -27.50 6.25
C ILE A 128 -2.04 -28.33 6.56
N LYS A 129 -2.25 -29.55 7.03
CA LYS A 129 -1.16 -30.46 7.34
C LYS A 129 -0.86 -31.11 5.99
N VAL A 130 0.21 -30.66 5.34
CA VAL A 130 0.60 -31.12 4.03
C VAL A 130 1.05 -32.57 3.90
N SER A 131 0.51 -33.27 2.91
CA SER A 131 0.89 -34.66 2.65
C SER A 131 1.56 -34.69 1.28
N SER A 132 1.30 -33.67 0.47
CA SER A 132 1.88 -33.54 -0.86
C SER A 132 2.21 -32.08 -1.14
N TYR A 133 3.48 -31.81 -1.43
CA TYR A 133 3.96 -30.46 -1.73
C TYR A 133 4.38 -30.40 -3.20
N GLU A 134 3.72 -29.57 -3.99
CA GLU A 134 4.01 -29.44 -5.41
C GLU A 134 4.53 -28.04 -5.77
N PHE A 135 5.74 -27.98 -6.32
CA PHE A 135 6.31 -26.69 -6.71
C PHE A 135 5.71 -26.32 -8.07
N LEU A 136 5.17 -25.12 -8.18
CA LEU A 136 4.52 -24.71 -9.43
C LEU A 136 5.21 -23.60 -10.23
N THR A 137 5.80 -22.62 -9.56
CA THR A 137 6.49 -21.56 -10.28
C THR A 137 7.50 -20.79 -9.45
N LYS A 138 8.68 -20.65 -10.03
CA LYS A 138 9.76 -19.92 -9.38
C LYS A 138 9.69 -18.43 -9.67
N ALA A 139 9.68 -17.62 -8.62
CA ALA A 139 9.66 -16.17 -8.77
C ALA A 139 11.12 -15.72 -8.82
N LEU A 140 11.54 -15.16 -9.94
CA LEU A 140 12.92 -14.71 -10.08
C LEU A 140 13.21 -13.40 -9.35
N ARG A 141 12.16 -12.66 -9.02
CA ARG A 141 12.29 -11.41 -8.29
C ARG A 141 11.53 -11.52 -6.98
N PRO A 142 12.06 -10.93 -5.91
CA PRO A 142 11.39 -10.98 -4.60
C PRO A 142 10.23 -9.99 -4.53
N LEU A 143 9.30 -10.25 -3.61
CA LEU A 143 8.17 -9.35 -3.45
C LEU A 143 8.74 -8.02 -2.99
N PRO A 144 8.25 -6.91 -3.56
CA PRO A 144 8.71 -5.56 -3.22
C PRO A 144 8.69 -5.28 -1.72
N GLU A 145 9.41 -4.23 -1.32
CA GLU A 145 9.46 -3.83 0.08
C GLU A 145 8.07 -3.50 0.59
N LYS A 146 7.50 -4.39 1.41
CA LYS A 146 6.17 -4.18 1.96
C LYS A 146 6.26 -3.57 3.36
N ASP A 152 5.46 2.91 -2.51
CA ASP A 152 5.12 4.18 -3.13
C ASP A 152 3.79 4.08 -3.87
N ILE A 153 3.08 5.20 -3.95
CA ILE A 153 1.78 5.25 -4.61
C ILE A 153 1.85 5.01 -6.12
N GLU A 154 2.89 5.54 -6.76
CA GLU A 154 3.03 5.39 -8.20
C GLU A 154 3.27 3.95 -8.64
N GLN A 155 4.01 3.18 -7.84
CA GLN A 155 4.27 1.79 -8.19
C GLN A 155 2.98 1.00 -8.27
N ARG A 156 2.02 1.39 -7.43
CA ARG A 156 0.72 0.72 -7.40
C ARG A 156 0.02 0.84 -8.75
N TYR A 157 0.22 1.98 -9.41
CA TYR A 157 -0.41 2.21 -10.70
C TYR A 157 0.49 1.75 -11.86
N ARG A 158 1.80 1.89 -11.70
CA ARG A 158 2.77 1.49 -12.72
C ARG A 158 2.88 -0.02 -12.84
N GLN A 159 2.81 -0.72 -11.70
CA GLN A 159 2.90 -2.17 -11.64
C GLN A 159 1.72 -2.68 -10.83
N ARG A 160 0.53 -2.58 -11.42
CA ARG A 160 -0.70 -3.02 -10.76
C ARG A 160 -0.64 -4.41 -10.16
N TYR A 161 0.05 -5.33 -10.84
CA TYR A 161 0.12 -6.69 -10.34
C TYR A 161 0.72 -6.78 -8.93
N LEU A 162 1.68 -5.91 -8.63
CA LEU A 162 2.29 -5.91 -7.30
C LEU A 162 1.27 -5.41 -6.28
N ASP A 163 0.46 -4.43 -6.69
CA ASP A 163 -0.58 -3.86 -5.85
C ASP A 163 -1.60 -4.95 -5.51
N LEU A 164 -2.02 -5.68 -6.53
CA LEU A 164 -2.99 -6.75 -6.37
C LEU A 164 -2.50 -7.87 -5.45
N ILE A 165 -1.19 -8.12 -5.44
CA ILE A 165 -0.60 -9.16 -4.60
C ILE A 165 -0.39 -8.71 -3.16
N MET A 166 0.25 -7.55 -3.01
CA MET A 166 0.57 -7.03 -1.68
C MET A 166 -0.56 -6.33 -0.93
N ASN A 167 -1.49 -5.74 -1.68
CA ASN A 167 -2.62 -5.05 -1.06
C ASN A 167 -3.91 -5.78 -1.45
N PRO A 168 -4.16 -6.95 -0.83
CA PRO A 168 -5.35 -7.77 -1.09
C PRO A 168 -6.64 -6.97 -1.16
N GLU A 169 -6.67 -5.81 -0.51
CA GLU A 169 -7.85 -4.96 -0.51
C GLU A 169 -8.16 -4.46 -1.93
N SER A 170 -7.12 -4.04 -2.64
CA SER A 170 -7.24 -3.50 -3.99
C SER A 170 -8.07 -4.28 -5.00
N LYS A 171 -7.98 -5.60 -4.98
CA LYS A 171 -8.73 -6.41 -5.93
C LYS A 171 -10.23 -6.18 -5.78
N LYS A 172 -10.68 -5.93 -4.56
CA LYS A 172 -12.10 -5.72 -4.31
C LYS A 172 -12.72 -4.62 -5.15
N THR A 173 -11.99 -3.54 -5.36
CA THR A 173 -12.53 -2.42 -6.16
C THR A 173 -12.81 -2.87 -7.59
N PHE A 174 -11.94 -3.70 -8.14
CA PHE A 174 -12.10 -4.20 -9.50
C PHE A 174 -13.17 -5.28 -9.60
N ILE A 175 -13.36 -6.04 -8.54
CA ILE A 175 -14.40 -7.06 -8.55
C ILE A 175 -15.73 -6.30 -8.51
N THR A 176 -15.79 -5.25 -7.69
CA THR A 176 -16.99 -4.45 -7.60
C THR A 176 -17.27 -3.75 -8.93
N ARG A 177 -16.21 -3.30 -9.59
CA ARG A 177 -16.37 -2.65 -10.88
C ARG A 177 -17.08 -3.59 -11.87
N SER A 178 -16.68 -4.87 -11.87
CA SER A 178 -17.31 -5.83 -12.78
C SER A 178 -18.78 -6.02 -12.42
N LEU A 179 -19.10 -6.03 -11.12
CA LEU A 179 -20.48 -6.20 -10.70
C LEU A 179 -21.33 -5.00 -11.11
N ILE A 180 -20.73 -3.81 -11.09
CA ILE A 180 -21.43 -2.59 -11.45
C ILE A 180 -21.82 -2.62 -12.94
N ILE A 181 -20.89 -3.02 -13.78
CA ILE A 181 -21.15 -3.07 -15.21
C ILE A 181 -22.13 -4.19 -15.55
N GLN A 182 -22.01 -5.32 -14.85
CA GLN A 182 -22.92 -6.44 -15.10
C GLN A 182 -24.34 -6.05 -14.68
N SER A 183 -24.46 -5.30 -13.59
CA SER A 183 -25.76 -4.85 -13.11
C SER A 183 -26.36 -3.89 -14.14
N MET A 184 -25.50 -3.04 -14.71
CA MET A 184 -25.92 -2.07 -15.72
C MET A 184 -26.48 -2.79 -16.95
N ARG A 185 -25.75 -3.78 -17.44
CA ARG A 185 -26.24 -4.50 -18.61
C ARG A 185 -27.51 -5.25 -18.30
N ARG A 186 -27.61 -5.78 -17.09
CA ARG A 186 -28.80 -6.53 -16.67
C ARG A 186 -30.04 -5.65 -16.77
N TYR A 187 -29.96 -4.45 -16.21
CA TYR A 187 -31.09 -3.52 -16.25
C TYR A 187 -31.47 -3.13 -17.67
N LEU A 188 -30.48 -2.69 -18.44
CA LEU A 188 -30.75 -2.26 -19.81
C LEU A 188 -31.29 -3.40 -20.67
N ASP A 189 -30.68 -4.58 -20.57
CA ASP A 189 -31.14 -5.73 -21.34
C ASP A 189 -32.58 -6.06 -20.99
N SER A 190 -32.88 -6.11 -19.70
CA SER A 190 -34.22 -6.44 -19.25
C SER A 190 -35.26 -5.38 -19.61
N HIS A 191 -34.79 -4.17 -19.95
CA HIS A 191 -35.71 -3.10 -20.32
C HIS A 191 -35.78 -2.85 -21.82
N GLY A 192 -35.34 -3.84 -22.59
CA GLY A 192 -35.42 -3.76 -24.04
C GLY A 192 -34.36 -3.05 -24.85
N TYR A 193 -33.28 -2.60 -24.22
CA TYR A 193 -32.23 -1.92 -24.98
C TYR A 193 -31.27 -2.96 -25.54
N LEU A 194 -30.98 -2.84 -26.84
CA LEU A 194 -30.09 -3.77 -27.53
C LEU A 194 -28.63 -3.35 -27.40
N GLU A 195 -27.80 -4.24 -26.85
CA GLU A 195 -26.39 -3.95 -26.69
C GLU A 195 -25.72 -4.09 -28.05
N VAL A 196 -25.05 -3.04 -28.49
CA VAL A 196 -24.39 -3.05 -29.79
C VAL A 196 -22.93 -2.62 -29.74
N GLU A 197 -22.24 -2.84 -30.85
CA GLU A 197 -20.84 -2.46 -31.00
C GLU A 197 -20.73 -1.65 -32.29
N THR A 198 -20.35 -0.39 -32.15
CA THR A 198 -20.18 0.50 -33.30
C THR A 198 -18.70 0.82 -33.43
N PRO A 199 -18.27 1.37 -34.57
CA PRO A 199 -16.85 1.70 -34.80
C PRO A 199 -16.15 2.55 -33.77
N MET A 200 -14.90 2.20 -33.49
CA MET A 200 -14.06 2.97 -32.57
C MET A 200 -13.10 3.81 -33.40
N MET A 201 -13.05 3.51 -34.70
CA MET A 201 -12.20 4.25 -35.63
C MET A 201 -13.17 4.97 -36.58
N HIS A 202 -13.12 6.30 -36.57
CA HIS A 202 -14.02 7.13 -37.36
C HIS A 202 -13.36 7.97 -38.46
N ALA A 203 -14.10 8.21 -39.53
CA ALA A 203 -13.58 9.04 -40.62
C ALA A 203 -13.54 10.47 -40.08
N VAL A 204 -14.53 10.80 -39.25
CA VAL A 204 -14.66 12.11 -38.63
C VAL A 204 -14.99 11.92 -37.15
N ALA A 205 -14.14 12.42 -36.27
CA ALA A 205 -14.37 12.28 -34.83
C ALA A 205 -15.41 13.27 -34.31
N GLY A 206 -16.65 12.82 -34.21
CA GLY A 206 -17.71 13.70 -33.74
C GLY A 206 -18.46 13.15 -32.55
N GLY A 207 -19.50 13.85 -32.13
CA GLY A 207 -20.30 13.40 -31.01
C GLY A 207 -19.93 14.00 -29.67
N ALA A 208 -18.90 14.84 -29.66
CA ALA A 208 -18.46 15.49 -28.43
C ALA A 208 -17.49 16.62 -28.73
N ALA A 209 -17.07 17.33 -27.69
CA ALA A 209 -16.13 18.43 -27.82
C ALA A 209 -14.81 17.97 -27.19
N ALA A 210 -13.91 17.46 -28.01
CA ALA A 210 -12.62 16.99 -27.51
C ALA A 210 -11.64 16.78 -28.65
N ARG A 211 -10.34 16.79 -28.31
CA ARG A 211 -9.27 16.58 -29.29
C ARG A 211 -9.14 15.06 -29.46
N PRO A 212 -9.07 14.59 -30.72
CA PRO A 212 -8.94 13.15 -30.95
C PRO A 212 -7.52 12.64 -31.16
N PHE A 213 -7.38 11.33 -31.10
CA PHE A 213 -6.10 10.67 -31.38
C PHE A 213 -6.21 10.41 -32.88
N ILE A 214 -5.16 10.73 -33.62
CA ILE A 214 -5.15 10.53 -35.06
C ILE A 214 -4.28 9.35 -35.42
N THR A 215 -4.73 8.54 -36.37
CA THR A 215 -3.96 7.39 -36.79
C THR A 215 -4.08 7.20 -38.29
N HIS A 216 -3.39 6.21 -38.83
CA HIS A 216 -3.43 5.99 -40.28
C HIS A 216 -3.55 4.54 -40.67
N HIS A 217 -4.40 4.28 -41.66
CA HIS A 217 -4.59 2.93 -42.18
C HIS A 217 -3.70 2.82 -43.41
N ASN A 218 -2.68 1.97 -43.32
CA ASN A 218 -1.74 1.79 -44.42
C ASN A 218 -2.28 1.23 -45.73
N ALA A 219 -2.90 0.04 -45.67
CA ALA A 219 -3.42 -0.59 -46.88
C ALA A 219 -4.44 0.28 -47.61
N LEU A 220 -5.30 0.95 -46.86
CA LEU A 220 -6.31 1.80 -47.47
C LEU A 220 -5.83 3.24 -47.60
N ASP A 221 -4.64 3.53 -47.07
CA ASP A 221 -4.09 4.88 -47.12
C ASP A 221 -5.21 5.84 -46.74
N MET A 222 -5.59 5.80 -45.47
CA MET A 222 -6.68 6.62 -44.97
C MET A 222 -6.43 7.11 -43.55
N THR A 223 -6.77 8.36 -43.28
CA THR A 223 -6.60 8.92 -41.94
C THR A 223 -7.82 8.54 -41.13
N LEU A 224 -7.60 8.01 -39.94
CA LEU A 224 -8.70 7.62 -39.07
C LEU A 224 -8.54 8.29 -37.72
N TYR A 225 -9.65 8.47 -37.02
CA TYR A 225 -9.61 9.09 -35.72
C TYR A 225 -10.24 8.14 -34.71
N MET A 226 -9.60 7.98 -33.55
CA MET A 226 -10.18 7.11 -32.54
C MET A 226 -11.41 7.90 -32.05
N ARG A 227 -12.52 7.20 -31.81
CA ARG A 227 -13.74 7.88 -31.41
C ARG A 227 -13.67 8.63 -30.08
N ILE A 228 -14.22 9.84 -30.08
CA ILE A 228 -14.26 10.67 -28.88
C ILE A 228 -15.63 10.53 -28.24
N ALA A 229 -16.52 9.81 -28.93
CA ALA A 229 -17.89 9.59 -28.47
C ALA A 229 -18.51 8.48 -29.30
N ILE A 230 -19.62 7.92 -28.82
CA ILE A 230 -20.31 6.83 -29.51
C ILE A 230 -21.59 7.30 -30.19
N GLU A 231 -22.01 8.52 -29.85
CA GLU A 231 -23.24 9.11 -30.33
C GLU A 231 -23.67 9.04 -31.80
N LEU A 232 -22.83 9.51 -32.72
CA LEU A 232 -23.22 9.54 -34.11
C LEU A 232 -23.57 8.21 -34.78
N HIS A 233 -22.86 7.14 -34.46
CA HIS A 233 -23.19 5.86 -35.07
C HIS A 233 -24.42 5.25 -34.39
N LEU A 234 -24.61 5.53 -33.10
CA LEU A 234 -25.79 5.00 -32.43
C LEU A 234 -27.02 5.69 -33.00
N LYS A 235 -26.90 6.97 -33.32
CA LYS A 235 -28.01 7.70 -33.91
C LYS A 235 -28.37 7.11 -35.27
N ARG A 236 -27.38 6.64 -36.00
CA ARG A 236 -27.62 6.02 -37.30
C ARG A 236 -28.46 4.75 -37.11
N LEU A 237 -28.28 4.07 -35.98
CA LEU A 237 -29.05 2.86 -35.69
C LEU A 237 -30.49 3.21 -35.35
N ILE A 238 -30.70 4.41 -34.79
CA ILE A 238 -32.05 4.85 -34.46
C ILE A 238 -32.75 5.19 -35.78
N VAL A 239 -32.02 5.80 -36.71
CA VAL A 239 -32.59 6.09 -38.02
C VAL A 239 -32.92 4.73 -38.63
N GLY A 240 -32.03 3.77 -38.37
CA GLY A 240 -32.19 2.41 -38.87
C GLY A 240 -33.39 1.67 -38.29
N GLY A 241 -34.02 2.27 -37.28
CA GLY A 241 -35.20 1.67 -36.68
C GLY A 241 -35.03 0.72 -35.51
N LEU A 242 -33.83 0.67 -34.93
CA LEU A 242 -33.63 -0.25 -33.80
C LEU A 242 -34.28 0.19 -32.49
N GLU A 243 -34.76 1.43 -32.43
CA GLU A 243 -35.49 1.99 -31.28
C GLU A 243 -34.81 2.13 -29.91
N LYS A 244 -34.16 1.06 -29.45
CA LYS A 244 -33.50 1.09 -28.15
C LYS A 244 -32.15 0.41 -28.26
N VAL A 245 -31.07 1.18 -28.18
CA VAL A 245 -29.73 0.63 -28.28
C VAL A 245 -28.81 1.25 -27.24
N TYR A 246 -27.79 0.49 -26.84
CA TYR A 246 -26.82 1.00 -25.89
C TYR A 246 -25.49 0.34 -26.17
N GLU A 247 -24.42 1.00 -25.73
CA GLU A 247 -23.09 0.49 -25.93
C GLU A 247 -22.25 0.94 -24.75
N ILE A 248 -21.61 -0.01 -24.08
CA ILE A 248 -20.73 0.31 -22.97
C ILE A 248 -19.37 0.02 -23.58
N GLY A 249 -18.64 1.08 -23.94
CA GLY A 249 -17.37 0.86 -24.58
C GLY A 249 -16.37 1.97 -24.40
N ARG A 250 -15.15 1.68 -24.83
CA ARG A 250 -14.05 2.62 -24.73
C ARG A 250 -14.21 3.81 -25.65
N VAL A 251 -13.82 4.96 -25.14
CA VAL A 251 -13.84 6.22 -25.86
C VAL A 251 -12.45 6.78 -25.63
N PHE A 252 -11.94 7.53 -26.61
CA PHE A 252 -10.59 8.05 -26.52
C PHE A 252 -10.51 9.56 -26.72
N ARG A 253 -9.82 10.23 -25.82
CA ARG A 253 -9.65 11.67 -25.92
C ARG A 253 -8.19 12.04 -25.66
N ASN A 254 -7.63 12.76 -26.61
CA ASN A 254 -6.23 13.18 -26.57
C ASN A 254 -6.13 14.39 -25.63
N GLU A 255 -6.24 14.13 -24.33
CA GLU A 255 -6.19 15.19 -23.33
C GLU A 255 -5.41 14.77 -22.09
N GLY A 256 -5.02 15.76 -21.29
CA GLY A 256 -4.26 15.49 -20.07
C GLY A 256 -5.03 14.64 -19.07
N ILE A 257 -4.29 13.99 -18.18
CA ILE A 257 -4.89 13.13 -17.17
C ILE A 257 -5.23 13.93 -15.91
N SER A 258 -6.17 13.42 -15.13
CA SER A 258 -6.57 14.06 -13.89
C SER A 258 -7.20 13.01 -13.01
N THR A 259 -7.63 13.39 -11.81
CA THR A 259 -8.25 12.42 -10.91
C THR A 259 -9.58 11.94 -11.47
N ARG A 260 -10.03 12.55 -12.56
CA ARG A 260 -11.29 12.16 -13.17
C ARG A 260 -11.20 12.01 -14.68
N HIS A 261 -9.98 12.09 -15.21
CA HIS A 261 -9.72 11.94 -16.65
C HIS A 261 -8.58 10.99 -16.99
N ASN A 262 -8.83 10.08 -17.93
CA ASN A 262 -7.83 9.14 -18.45
C ASN A 262 -8.08 9.24 -19.96
N PRO A 263 -7.00 9.17 -20.78
CA PRO A 263 -7.12 9.26 -22.25
C PRO A 263 -8.05 8.23 -22.88
N GLU A 264 -8.14 7.05 -22.28
CA GLU A 264 -9.08 6.06 -22.76
C GLU A 264 -9.96 5.73 -21.57
N PHE A 265 -11.26 5.85 -21.75
CA PHE A 265 -12.18 5.57 -20.66
C PHE A 265 -13.41 4.86 -21.19
N THR A 266 -14.26 4.42 -20.27
CA THR A 266 -15.45 3.68 -20.66
C THR A 266 -16.70 4.50 -20.48
N MET A 267 -17.49 4.60 -21.54
CA MET A 267 -18.71 5.38 -21.49
C MET A 267 -19.89 4.54 -21.93
N LEU A 268 -21.03 4.80 -21.29
CA LEU A 268 -22.26 4.13 -21.68
C LEU A 268 -22.95 5.20 -22.51
N GLU A 269 -23.42 4.83 -23.69
CA GLU A 269 -24.21 5.74 -24.50
C GLU A 269 -25.43 4.91 -24.86
N LEU A 270 -26.60 5.51 -24.81
CA LEU A 270 -27.81 4.78 -25.15
C LEU A 270 -28.81 5.74 -25.72
N TYR A 271 -29.62 5.24 -26.64
CA TYR A 271 -30.61 6.06 -27.30
C TYR A 271 -31.95 5.37 -27.31
N GLU A 272 -33.00 6.16 -27.09
CA GLU A 272 -34.35 5.62 -27.05
C GLU A 272 -35.29 6.46 -27.89
N ALA A 273 -35.81 5.86 -28.95
CA ALA A 273 -36.76 6.53 -29.82
C ALA A 273 -38.05 6.80 -29.05
N TYR A 274 -38.69 7.92 -29.37
CA TYR A 274 -39.97 8.32 -28.77
C TYR A 274 -39.91 8.83 -27.34
N ALA A 275 -38.70 9.04 -26.83
CA ALA A 275 -38.52 9.56 -25.48
C ALA A 275 -37.88 10.95 -25.58
N ASP A 276 -38.02 11.76 -24.54
CA ASP A 276 -37.39 13.08 -24.52
C ASP A 276 -36.46 13.12 -23.30
N PHE A 277 -35.80 14.25 -23.04
CA PHE A 277 -34.88 14.27 -21.92
C PHE A 277 -35.48 14.06 -20.54
N ARG A 278 -36.77 14.33 -20.39
CA ARG A 278 -37.41 14.12 -19.10
C ARG A 278 -37.52 12.61 -18.85
N ASP A 279 -37.80 11.86 -19.92
CA ASP A 279 -37.88 10.41 -19.81
C ASP A 279 -36.50 9.89 -19.45
N ILE A 280 -35.47 10.48 -20.05
CA ILE A 280 -34.09 10.05 -19.80
C ILE A 280 -33.68 10.36 -18.36
N MET A 281 -34.21 11.43 -17.78
CA MET A 281 -33.87 11.74 -16.38
C MET A 281 -34.36 10.58 -15.51
N LYS A 282 -35.59 10.12 -15.75
CA LYS A 282 -36.15 9.03 -14.99
C LYS A 282 -35.35 7.75 -15.20
N LEU A 283 -35.00 7.47 -16.45
CA LEU A 283 -34.21 6.29 -16.76
C LEU A 283 -32.87 6.34 -16.03
N THR A 284 -32.23 7.51 -16.05
CA THR A 284 -30.93 7.67 -15.40
C THR A 284 -30.97 7.45 -13.89
N GLU A 285 -31.92 8.07 -13.20
CA GLU A 285 -31.97 7.87 -11.76
C GLU A 285 -32.37 6.43 -11.43
N ASN A 286 -33.23 5.83 -12.25
CA ASN A 286 -33.64 4.44 -12.01
C ASN A 286 -32.49 3.46 -12.23
N LEU A 287 -31.75 3.66 -13.32
CA LEU A 287 -30.63 2.79 -13.66
C LEU A 287 -29.56 2.84 -12.58
N ILE A 288 -29.17 4.04 -12.18
CA ILE A 288 -28.15 4.18 -11.16
C ILE A 288 -28.63 3.67 -9.80
N ALA A 289 -29.90 3.91 -9.48
CA ALA A 289 -30.44 3.41 -8.21
C ALA A 289 -30.46 1.89 -8.23
N HIS A 290 -30.81 1.31 -9.38
CA HIS A 290 -30.84 -0.14 -9.52
C HIS A 290 -29.45 -0.71 -9.24
N ILE A 291 -28.45 -0.12 -9.87
CA ILE A 291 -27.06 -0.56 -9.71
C ILE A 291 -26.58 -0.45 -8.27
N ALA A 292 -26.76 0.72 -7.67
CA ALA A 292 -26.35 0.93 -6.29
C ALA A 292 -27.04 -0.07 -5.35
N THR A 293 -28.34 -0.27 -5.57
CA THR A 293 -29.10 -1.19 -4.75
C THR A 293 -28.61 -2.63 -4.86
N GLU A 294 -28.41 -3.10 -6.08
CA GLU A 294 -27.94 -4.47 -6.26
C GLU A 294 -26.55 -4.70 -5.72
N VAL A 295 -25.65 -3.76 -6.00
CA VAL A 295 -24.26 -3.90 -5.58
C VAL A 295 -23.94 -3.53 -4.13
N LEU A 296 -24.55 -2.46 -3.63
CA LEU A 296 -24.28 -2.01 -2.27
C LEU A 296 -25.42 -2.30 -1.29
N GLY A 297 -26.58 -2.65 -1.81
CA GLY A 297 -27.72 -2.94 -0.95
C GLY A 297 -28.51 -1.72 -0.56
N THR A 298 -28.03 -0.53 -0.95
CA THR A 298 -28.72 0.72 -0.63
C THR A 298 -28.27 1.85 -1.56
N THR A 299 -29.10 2.88 -1.64
CA THR A 299 -28.79 4.05 -2.46
C THR A 299 -28.21 5.20 -1.64
N LYS A 300 -28.07 4.98 -0.33
CA LYS A 300 -27.46 5.98 0.53
C LYS A 300 -26.02 5.52 0.69
N ILE A 301 -25.09 6.29 0.12
CA ILE A 301 -23.69 5.91 0.16
C ILE A 301 -22.78 6.98 0.75
N GLN A 302 -21.53 6.61 0.94
CA GLN A 302 -20.53 7.52 1.47
C GLN A 302 -19.48 7.72 0.39
N TYR A 303 -19.12 8.98 0.15
CA TYR A 303 -18.08 9.28 -0.83
C TYR A 303 -17.25 10.42 -0.25
N GLY A 304 -16.00 10.13 0.09
CA GLY A 304 -15.17 11.16 0.68
C GLY A 304 -15.84 11.55 1.98
N GLU A 305 -16.01 12.84 2.23
CA GLU A 305 -16.64 13.31 3.45
C GLU A 305 -18.12 13.59 3.23
N HIS A 306 -18.66 13.09 2.13
CA HIS A 306 -20.06 13.31 1.81
C HIS A 306 -20.98 12.11 1.99
N LEU A 307 -22.18 12.39 2.47
CA LEU A 307 -23.20 11.37 2.62
C LEU A 307 -24.06 11.64 1.39
N VAL A 308 -23.93 10.80 0.38
CA VAL A 308 -24.67 10.99 -0.87
C VAL A 308 -25.92 10.13 -0.94
N ASP A 309 -27.07 10.78 -1.14
CA ASP A 309 -28.33 10.04 -1.23
C ASP A 309 -28.72 9.89 -2.70
N LEU A 310 -28.57 8.66 -3.22
CA LEU A 310 -28.90 8.37 -4.61
C LEU A 310 -30.33 7.87 -4.78
N THR A 311 -31.16 8.07 -3.76
CA THR A 311 -32.54 7.64 -3.82
C THR A 311 -33.38 8.55 -4.73
N PRO A 312 -34.02 7.99 -5.76
CA PRO A 312 -34.85 8.82 -6.65
C PRO A 312 -36.03 9.32 -5.83
N GLU A 313 -36.64 10.45 -6.20
CA GLU A 313 -36.24 11.25 -7.35
C GLU A 313 -35.18 12.28 -7.00
N TRP A 314 -34.31 12.58 -7.95
CA TRP A 314 -33.24 13.55 -7.72
C TRP A 314 -33.68 14.97 -8.03
N ARG A 315 -32.90 15.93 -7.56
CA ARG A 315 -33.21 17.34 -7.79
C ARG A 315 -33.09 17.74 -9.25
N ARG A 316 -34.04 18.53 -9.73
CA ARG A 316 -34.01 19.06 -11.10
C ARG A 316 -33.77 20.54 -10.92
N LEU A 317 -32.77 21.09 -11.60
CA LEU A 317 -32.46 22.51 -11.46
C LEU A 317 -31.95 23.08 -12.78
N HIS A 318 -32.59 24.12 -13.28
CA HIS A 318 -32.17 24.73 -14.53
C HIS A 318 -30.82 25.40 -14.31
N MET A 319 -29.92 25.31 -15.29
CA MET A 319 -28.60 25.91 -15.16
C MET A 319 -28.68 27.38 -14.79
N VAL A 320 -29.60 28.11 -15.41
CA VAL A 320 -29.76 29.53 -15.12
C VAL A 320 -30.21 29.76 -13.67
N ASP A 321 -31.11 28.91 -13.19
CA ASP A 321 -31.58 29.04 -11.81
C ASP A 321 -30.45 28.68 -10.84
N ALA A 322 -29.59 27.77 -11.28
CA ALA A 322 -28.46 27.33 -10.46
C ALA A 322 -27.51 28.51 -10.25
N ILE A 323 -27.22 29.21 -11.34
CA ILE A 323 -26.33 30.37 -11.29
C ILE A 323 -26.95 31.45 -10.41
N LYS A 324 -28.27 31.59 -10.47
CA LYS A 324 -28.94 32.59 -9.64
C LYS A 324 -28.84 32.23 -8.16
N GLU A 325 -29.02 30.95 -7.83
CA GLU A 325 -28.97 30.51 -6.44
C GLU A 325 -27.56 30.53 -5.85
N TYR A 326 -26.58 30.04 -6.62
CA TYR A 326 -25.21 29.95 -6.14
C TYR A 326 -24.27 31.12 -6.42
N VAL A 327 -24.68 32.04 -7.27
CA VAL A 327 -23.85 33.21 -7.59
C VAL A 327 -24.62 34.50 -7.37
N GLY A 328 -25.84 34.57 -7.94
CA GLY A 328 -26.65 35.77 -7.78
C GLY A 328 -26.99 36.45 -9.10
N VAL A 329 -26.32 36.04 -10.17
CA VAL A 329 -26.58 36.62 -11.48
C VAL A 329 -27.77 35.91 -12.12
N ASP A 330 -28.67 36.68 -12.71
CA ASP A 330 -29.86 36.13 -13.34
C ASP A 330 -29.75 36.19 -14.87
N PHE A 331 -29.37 35.09 -15.49
CA PHE A 331 -29.23 35.06 -16.95
C PHE A 331 -30.53 34.85 -17.72
N TRP A 332 -31.67 34.89 -17.04
CA TRP A 332 -32.95 34.74 -17.74
C TRP A 332 -33.16 36.03 -18.53
N ARG A 333 -32.53 37.11 -18.06
CA ARG A 333 -32.65 38.41 -18.71
C ARG A 333 -31.99 38.39 -20.09
N GLN A 334 -32.69 38.93 -21.08
CA GLN A 334 -32.15 39.00 -22.43
C GLN A 334 -31.07 40.06 -22.38
N MET A 335 -29.87 39.70 -22.82
CA MET A 335 -28.75 40.64 -22.80
C MET A 335 -27.82 40.41 -23.98
N SER A 336 -26.98 41.40 -24.25
CA SER A 336 -26.03 41.33 -25.36
C SER A 336 -24.82 40.53 -24.92
N ASP A 337 -24.03 40.06 -25.89
CA ASP A 337 -22.84 39.30 -25.55
C ASP A 337 -21.91 40.19 -24.73
N GLU A 338 -21.86 41.47 -25.07
CA GLU A 338 -21.01 42.41 -24.36
C GLU A 338 -21.45 42.52 -22.91
N GLU A 339 -22.77 42.52 -22.69
CA GLU A 339 -23.28 42.61 -21.32
C GLU A 339 -22.86 41.37 -20.54
N ALA A 340 -22.90 40.21 -21.19
CA ALA A 340 -22.51 38.97 -20.53
C ALA A 340 -21.01 38.99 -20.22
N ARG A 341 -20.21 39.56 -21.11
CA ARG A 341 -18.76 39.63 -20.91
C ARG A 341 -18.43 40.53 -19.73
N GLU A 342 -19.21 41.59 -19.55
CA GLU A 342 -19.00 42.51 -18.45
C GLU A 342 -19.28 41.79 -17.13
N LEU A 343 -20.40 41.06 -17.08
CA LEU A 343 -20.75 40.33 -15.88
C LEU A 343 -19.65 39.32 -15.53
N ALA A 344 -19.11 38.67 -16.54
CA ALA A 344 -18.05 37.68 -16.33
C ALA A 344 -16.87 38.35 -15.66
N LYS A 345 -16.51 39.54 -16.14
CA LYS A 345 -15.39 40.27 -15.57
C LYS A 345 -15.65 40.65 -14.12
N GLU A 346 -16.84 41.14 -13.85
CA GLU A 346 -17.22 41.54 -12.51
C GLU A 346 -17.23 40.38 -11.52
N HIS A 347 -17.53 39.19 -12.02
CA HIS A 347 -17.61 38.01 -11.14
C HIS A 347 -16.44 37.05 -11.19
N GLY A 348 -15.34 37.48 -11.83
CA GLY A 348 -14.16 36.64 -11.90
C GLY A 348 -14.28 35.38 -12.74
N VAL A 349 -15.14 35.41 -13.75
CA VAL A 349 -15.33 34.26 -14.63
C VAL A 349 -14.46 34.43 -15.88
N GLU A 350 -13.56 33.47 -16.11
CA GLU A 350 -12.67 33.50 -17.26
C GLU A 350 -13.41 33.09 -18.54
N VAL A 351 -13.17 33.84 -19.61
CA VAL A 351 -13.83 33.56 -20.88
C VAL A 351 -12.85 33.60 -22.05
N ALA A 352 -13.18 32.86 -23.11
CA ALA A 352 -12.32 32.81 -24.31
C ALA A 352 -12.93 33.67 -25.43
N PRO A 353 -12.08 34.08 -26.40
CA PRO A 353 -12.45 34.91 -27.55
C PRO A 353 -13.71 34.51 -28.33
N HIS A 354 -13.88 33.22 -28.59
CA HIS A 354 -15.02 32.73 -29.36
C HIS A 354 -16.34 32.69 -28.59
N MET A 355 -16.28 32.89 -27.28
CA MET A 355 -17.49 32.84 -26.45
C MET A 355 -18.49 33.98 -26.54
N THR A 356 -19.77 33.61 -26.56
CA THR A 356 -20.86 34.56 -26.59
C THR A 356 -21.73 34.26 -25.36
N PHE A 357 -22.91 34.86 -25.28
CA PHE A 357 -23.80 34.67 -24.13
C PHE A 357 -23.90 33.24 -23.59
N GLY A 358 -24.25 32.30 -24.46
CA GLY A 358 -24.39 30.92 -24.05
C GLY A 358 -23.15 30.31 -23.41
N HIS A 359 -22.00 30.48 -24.05
CA HIS A 359 -20.77 29.93 -23.50
C HIS A 359 -20.48 30.55 -22.15
N ILE A 360 -20.76 31.84 -22.00
CA ILE A 360 -20.49 32.53 -20.75
C ILE A 360 -21.37 32.03 -19.61
N VAL A 361 -22.63 31.74 -19.90
CA VAL A 361 -23.53 31.22 -18.88
C VAL A 361 -22.93 29.93 -18.37
N ASN A 362 -22.49 29.07 -19.29
CA ASN A 362 -21.88 27.80 -18.93
C ASN A 362 -20.61 27.99 -18.10
N GLU A 363 -19.81 29.01 -18.43
CA GLU A 363 -18.59 29.25 -17.68
C GLU A 363 -18.90 29.66 -16.25
N PHE A 364 -19.97 30.46 -16.08
CA PHE A 364 -20.39 30.87 -14.75
C PHE A 364 -20.72 29.61 -13.95
N PHE A 365 -21.45 28.71 -14.59
CA PHE A 365 -21.84 27.47 -13.92
C PHE A 365 -20.65 26.58 -13.57
N GLU A 366 -19.80 26.31 -14.56
CA GLU A 366 -18.65 25.44 -14.32
C GLU A 366 -17.64 25.97 -13.31
N GLN A 367 -17.33 27.26 -13.43
CA GLN A 367 -16.35 27.89 -12.55
C GLN A 367 -16.82 28.26 -11.16
N LYS A 368 -18.09 28.63 -11.02
CA LYS A 368 -18.58 29.08 -9.73
C LYS A 368 -19.70 28.27 -9.08
N VAL A 369 -20.28 27.31 -9.79
CA VAL A 369 -21.40 26.55 -9.24
C VAL A 369 -21.25 25.04 -9.10
N GLU A 370 -20.85 24.38 -10.19
CA GLU A 370 -20.80 22.93 -10.20
C GLU A 370 -20.12 22.20 -9.04
N ASP A 371 -19.05 22.75 -8.45
CA ASP A 371 -18.39 22.04 -7.37
C ASP A 371 -19.21 22.01 -6.07
N LYS A 372 -20.29 22.77 -6.03
CA LYS A 372 -21.13 22.80 -4.83
C LYS A 372 -22.29 21.81 -4.91
N LEU A 373 -22.46 21.19 -6.07
CA LEU A 373 -23.55 20.23 -6.24
C LEU A 373 -23.12 18.85 -5.79
N ILE A 374 -23.35 18.55 -4.52
CA ILE A 374 -22.98 17.26 -3.93
C ILE A 374 -24.03 16.18 -4.14
N GLN A 375 -25.27 16.47 -3.82
CA GLN A 375 -26.34 15.48 -4.00
C GLN A 375 -26.65 15.37 -5.49
N PRO A 376 -27.05 14.17 -5.96
CA PRO A 376 -27.36 14.03 -7.39
C PRO A 376 -28.31 15.10 -7.89
N THR A 377 -27.88 15.86 -8.89
CA THR A 377 -28.67 16.94 -9.43
C THR A 377 -28.69 16.96 -10.95
N PHE A 378 -29.88 17.07 -11.54
CA PHE A 378 -30.01 17.17 -12.97
C PHE A 378 -30.01 18.64 -13.35
N ILE A 379 -28.86 19.15 -13.79
CA ILE A 379 -28.75 20.55 -14.20
C ILE A 379 -29.20 20.53 -15.66
N TYR A 380 -30.21 21.31 -16.00
CA TYR A 380 -30.71 21.30 -17.37
C TYR A 380 -30.85 22.67 -18.03
N GLY A 381 -31.08 22.66 -19.33
CA GLY A 381 -31.26 23.90 -20.06
C GLY A 381 -29.96 24.50 -20.60
N HIS A 382 -28.96 23.65 -20.85
CA HIS A 382 -27.68 24.13 -21.38
C HIS A 382 -27.87 25.04 -22.59
N PRO A 383 -27.14 26.17 -22.62
CA PRO A 383 -27.24 27.10 -23.75
C PRO A 383 -27.03 26.37 -25.09
N VAL A 384 -27.70 26.84 -26.13
CA VAL A 384 -27.60 26.21 -27.44
C VAL A 384 -26.20 26.19 -28.04
N GLU A 385 -25.39 27.22 -27.77
CA GLU A 385 -24.04 27.29 -28.34
C GLU A 385 -23.11 26.16 -27.95
N ILE A 386 -23.32 25.59 -26.77
CA ILE A 386 -22.49 24.49 -26.33
C ILE A 386 -23.21 23.15 -26.44
N SER A 387 -24.35 23.15 -27.11
CA SER A 387 -25.15 21.93 -27.26
C SER A 387 -25.56 21.74 -28.72
N PRO A 388 -24.58 21.54 -29.62
CA PRO A 388 -24.82 21.36 -31.06
C PRO A 388 -25.64 20.16 -31.52
N LEU A 389 -25.85 19.18 -30.65
CA LEU A 389 -26.60 17.99 -31.03
C LEU A 389 -27.92 17.84 -30.26
N ALA A 390 -28.28 18.87 -29.50
CA ALA A 390 -29.50 18.85 -28.70
C ALA A 390 -30.57 19.79 -29.25
N LYS A 391 -31.83 19.41 -29.10
CA LYS A 391 -32.95 20.21 -29.58
C LYS A 391 -33.17 21.45 -28.72
N LYS A 392 -33.48 22.58 -29.35
CA LYS A 392 -33.72 23.81 -28.61
C LYS A 392 -34.98 23.70 -27.77
N ASN A 393 -35.01 24.41 -26.65
CA ASN A 393 -36.19 24.44 -25.80
C ASN A 393 -37.22 25.25 -26.57
N PRO A 394 -38.47 24.76 -26.66
CA PRO A 394 -39.53 25.47 -27.38
C PRO A 394 -39.87 26.86 -26.84
N ASP A 395 -39.80 27.03 -25.52
CA ASP A 395 -40.12 28.31 -24.88
C ASP A 395 -39.05 29.39 -24.99
N ASP A 396 -37.79 29.00 -24.84
CA ASP A 396 -36.67 29.93 -24.91
C ASP A 396 -35.56 29.23 -25.69
N PRO A 397 -35.41 29.56 -26.98
CA PRO A 397 -34.40 28.97 -27.85
C PRO A 397 -32.93 29.25 -27.53
N ARG A 398 -32.68 30.04 -26.50
CA ARG A 398 -31.31 30.33 -26.10
C ARG A 398 -30.79 29.07 -25.42
N PHE A 399 -31.72 28.24 -24.95
CA PHE A 399 -31.37 27.02 -24.25
C PHE A 399 -31.90 25.77 -24.95
N THR A 400 -31.33 24.64 -24.58
CA THR A 400 -31.72 23.36 -25.18
C THR A 400 -32.26 22.40 -24.11
N ASP A 401 -32.99 21.39 -24.56
CA ASP A 401 -33.53 20.41 -23.63
C ASP A 401 -32.45 19.35 -23.45
N ARG A 402 -31.49 19.69 -22.61
CA ARG A 402 -30.34 18.86 -22.30
C ARG A 402 -30.11 18.94 -20.80
N PHE A 403 -29.52 17.90 -20.22
CA PHE A 403 -29.20 17.92 -18.80
C PHE A 403 -27.88 17.21 -18.58
N GLU A 404 -27.24 17.57 -17.48
CA GLU A 404 -26.00 16.93 -17.08
C GLU A 404 -26.22 16.54 -15.64
N LEU A 405 -25.76 15.35 -15.29
CA LEU A 405 -25.92 14.86 -13.92
C LEU A 405 -24.70 15.21 -13.09
N PHE A 406 -24.91 15.93 -12.00
CA PHE A 406 -23.81 16.27 -11.11
C PHE A 406 -23.94 15.57 -9.78
N ILE A 407 -22.85 14.98 -9.32
CA ILE A 407 -22.80 14.28 -8.03
C ILE A 407 -21.41 14.57 -7.47
N VAL A 408 -21.34 14.79 -6.16
CA VAL A 408 -20.07 15.10 -5.50
C VAL A 408 -19.21 16.10 -6.28
N GLY A 409 -19.87 17.14 -6.79
CA GLY A 409 -19.21 18.21 -7.52
C GLY A 409 -18.67 17.95 -8.92
N ARG A 410 -19.05 16.85 -9.56
CA ARG A 410 -18.55 16.58 -10.91
C ARG A 410 -19.63 15.96 -11.79
N GLU A 411 -19.49 16.12 -13.11
N GLU A 411 -19.46 16.11 -13.10
CA GLU A 411 -20.46 15.56 -14.04
CA GLU A 411 -20.42 15.55 -14.06
C GLU A 411 -20.28 14.05 -14.22
C GLU A 411 -20.27 14.04 -14.21
N HIS A 412 -21.39 13.34 -14.14
CA HIS A 412 -21.41 11.89 -14.29
C HIS A 412 -22.18 11.46 -15.53
N ALA A 413 -23.05 12.35 -16.02
CA ALA A 413 -23.85 12.03 -17.20
C ALA A 413 -24.22 13.27 -18.01
N ASN A 414 -24.57 13.02 -19.27
CA ASN A 414 -24.94 14.09 -20.21
C ASN A 414 -26.02 13.48 -21.08
N ALA A 415 -27.12 14.21 -21.27
CA ALA A 415 -28.22 13.68 -22.06
C ALA A 415 -29.09 14.76 -22.66
N PHE A 416 -29.75 14.46 -23.76
CA PHE A 416 -30.65 15.43 -24.33
C PHE A 416 -31.80 14.88 -25.16
N THR A 417 -32.70 15.81 -25.49
CA THR A 417 -33.80 15.51 -26.38
C THR A 417 -32.97 15.74 -27.63
N GLU A 418 -32.71 14.66 -28.36
CA GLU A 418 -31.86 14.73 -29.54
C GLU A 418 -32.35 15.59 -30.70
N LEU A 419 -31.41 16.25 -31.36
CA LEU A 419 -31.75 17.08 -32.50
C LEU A 419 -31.94 16.17 -33.71
N ASN A 420 -33.15 16.12 -34.24
CA ASN A 420 -33.41 15.28 -35.40
C ASN A 420 -33.76 16.09 -36.65
N ASP A 421 -33.77 17.41 -36.51
CA ASP A 421 -34.05 18.32 -37.63
C ASP A 421 -32.71 18.43 -38.39
N PRO A 422 -32.63 17.87 -39.60
CA PRO A 422 -31.40 17.92 -40.41
C PRO A 422 -30.94 19.32 -40.79
N ILE A 423 -31.90 20.19 -41.06
CA ILE A 423 -31.60 21.57 -41.45
C ILE A 423 -30.98 22.30 -40.28
N ASP A 424 -31.59 22.15 -39.11
CA ASP A 424 -31.08 22.78 -37.90
C ASP A 424 -29.71 22.19 -37.56
N GLN A 425 -29.58 20.88 -37.69
CA GLN A 425 -28.32 20.22 -37.38
C GLN A 425 -27.18 20.73 -38.26
N ARG A 426 -27.43 20.91 -39.55
CA ARG A 426 -26.39 21.40 -40.43
C ARG A 426 -25.98 22.79 -39.95
N GLN A 427 -26.97 23.60 -39.60
CA GLN A 427 -26.71 24.94 -39.10
C GLN A 427 -25.83 24.91 -37.85
N ARG A 428 -26.10 23.97 -36.95
CA ARG A 428 -25.31 23.85 -35.73
C ARG A 428 -23.86 23.54 -36.07
N PHE A 429 -23.66 22.63 -37.03
CA PHE A 429 -22.30 22.27 -37.41
C PHE A 429 -21.59 23.48 -38.04
N GLU A 430 -22.32 24.26 -38.84
CA GLU A 430 -21.73 25.43 -39.46
C GLU A 430 -21.29 26.42 -38.39
N GLU A 431 -22.11 26.57 -37.35
CA GLU A 431 -21.77 27.47 -36.25
C GLU A 431 -20.54 26.96 -35.51
N GLN A 432 -20.43 25.64 -35.38
CA GLN A 432 -19.27 25.03 -34.71
C GLN A 432 -18.01 25.27 -35.53
N LEU A 433 -18.12 25.12 -36.84
CA LEU A 433 -16.97 25.32 -37.71
C LEU A 433 -16.49 26.77 -37.59
N LYS A 434 -17.43 27.68 -37.41
CA LYS A 434 -17.10 29.09 -37.25
C LYS A 434 -16.36 29.27 -35.92
N GLU A 435 -16.82 28.57 -34.89
CA GLU A 435 -16.15 28.67 -33.59
C GLU A 435 -14.70 28.20 -33.69
N ARG A 436 -14.48 27.18 -34.50
CA ARG A 436 -13.12 26.65 -34.68
C ARG A 436 -12.24 27.71 -35.33
N GLU A 437 -12.82 28.46 -36.26
CA GLU A 437 -12.07 29.51 -36.94
C GLU A 437 -11.73 30.61 -35.94
N GLN A 438 -12.51 30.70 -34.87
CA GLN A 438 -12.29 31.71 -33.85
C GLN A 438 -11.48 31.21 -32.65
N GLY A 439 -10.83 30.07 -32.81
CA GLY A 439 -10.01 29.56 -31.72
C GLY A 439 -10.47 28.34 -30.95
N ASN A 440 -11.70 27.90 -31.14
CA ASN A 440 -12.17 26.72 -30.42
C ASN A 440 -11.80 25.46 -31.17
N ASP A 441 -10.62 24.90 -30.88
CA ASP A 441 -10.17 23.70 -31.58
C ASP A 441 -10.82 22.41 -31.08
N GLU A 442 -11.88 22.56 -30.28
CA GLU A 442 -12.61 21.41 -29.76
C GLU A 442 -14.01 21.41 -30.35
N ALA A 443 -14.29 22.40 -31.21
CA ALA A 443 -15.60 22.51 -31.84
C ALA A 443 -15.87 21.28 -32.70
N HIS A 444 -17.15 20.97 -32.89
CA HIS A 444 -17.58 19.84 -33.70
C HIS A 444 -17.24 20.12 -35.16
N GLU A 445 -16.92 19.08 -35.92
CA GLU A 445 -16.60 19.26 -37.33
C GLU A 445 -17.77 18.78 -38.17
N MET A 446 -17.73 19.04 -39.47
CA MET A 446 -18.81 18.63 -40.35
C MET A 446 -18.80 17.12 -40.57
N ASP A 447 -19.98 16.52 -40.62
CA ASP A 447 -20.13 15.09 -40.85
C ASP A 447 -21.28 14.92 -41.82
N GLU A 448 -20.99 15.00 -43.11
CA GLU A 448 -22.02 14.87 -44.14
C GLU A 448 -22.74 13.52 -44.12
N ASP A 449 -22.00 12.45 -43.83
CA ASP A 449 -22.62 11.12 -43.77
C ASP A 449 -23.67 11.09 -42.67
N PHE A 450 -23.38 11.76 -41.57
CA PHE A 450 -24.32 11.82 -40.47
C PHE A 450 -25.56 12.64 -40.85
N LEU A 451 -25.34 13.77 -41.51
CA LEU A 451 -26.46 14.62 -41.91
C LEU A 451 -27.34 13.87 -42.90
N GLU A 452 -26.70 13.09 -43.78
CA GLU A 452 -27.44 12.31 -44.76
C GLU A 452 -28.36 11.33 -44.02
N ALA A 453 -27.82 10.69 -42.99
CA ALA A 453 -28.60 9.75 -42.20
C ALA A 453 -29.83 10.44 -41.62
N LEU A 454 -29.65 11.63 -41.05
CA LEU A 454 -30.78 12.36 -40.49
C LEU A 454 -31.83 12.71 -41.54
N GLU A 455 -31.38 12.93 -42.76
CA GLU A 455 -32.31 13.29 -43.84
C GLU A 455 -33.26 12.15 -44.21
N TYR A 456 -32.91 10.91 -43.85
CA TYR A 456 -33.80 9.80 -44.13
C TYR A 456 -34.83 9.74 -43.01
N GLY A 457 -34.59 10.54 -41.96
CA GLY A 457 -35.49 10.60 -40.84
C GLY A 457 -35.16 9.87 -39.54
N MET A 458 -34.86 10.62 -38.50
CA MET A 458 -34.58 10.05 -37.18
C MET A 458 -35.76 10.49 -36.31
N PRO A 459 -36.46 9.52 -35.70
CA PRO A 459 -37.61 9.86 -34.85
C PRO A 459 -37.22 10.69 -33.62
N PRO A 460 -38.20 11.31 -32.97
CA PRO A 460 -37.82 12.08 -31.78
C PRO A 460 -37.12 11.04 -30.90
N THR A 461 -36.01 11.41 -30.28
CA THR A 461 -35.23 10.48 -29.50
C THR A 461 -34.65 11.12 -28.25
N GLY A 462 -34.42 10.30 -27.23
CA GLY A 462 -33.80 10.75 -25.99
C GLY A 462 -32.48 10.02 -25.91
N GLY A 463 -31.38 10.73 -25.68
CA GLY A 463 -30.07 10.09 -25.62
C GLY A 463 -29.37 10.32 -24.29
N LEU A 464 -28.46 9.41 -23.95
CA LEU A 464 -27.75 9.48 -22.68
C LEU A 464 -26.31 8.99 -22.76
N GLY A 465 -25.44 9.64 -22.00
CA GLY A 465 -24.05 9.24 -21.94
C GLY A 465 -23.63 9.26 -20.47
N ILE A 466 -23.11 8.14 -19.97
CA ILE A 466 -22.67 8.07 -18.57
C ILE A 466 -21.20 7.65 -18.51
N GLY A 467 -20.41 8.37 -17.71
CA GLY A 467 -19.02 8.02 -17.57
C GLY A 467 -18.99 6.85 -16.61
N VAL A 468 -18.76 5.65 -17.13
CA VAL A 468 -18.75 4.46 -16.29
C VAL A 468 -17.66 4.47 -15.22
N ASP A 469 -16.46 4.91 -15.57
CA ASP A 469 -15.36 4.97 -14.60
C ASP A 469 -15.76 5.88 -13.44
N ARG A 470 -16.35 7.04 -13.74
CA ARG A 470 -16.75 7.95 -12.69
C ARG A 470 -17.85 7.35 -11.81
N LEU A 471 -18.76 6.61 -12.42
CA LEU A 471 -19.82 5.98 -11.63
C LEU A 471 -19.17 4.94 -10.71
N VAL A 472 -18.19 4.20 -11.22
CA VAL A 472 -17.50 3.18 -10.42
C VAL A 472 -16.76 3.86 -9.26
N MET A 473 -16.18 5.03 -9.51
CA MET A 473 -15.49 5.76 -8.45
C MET A 473 -16.48 6.08 -7.33
N LEU A 474 -17.63 6.60 -7.71
CA LEU A 474 -18.67 6.98 -6.74
C LEU A 474 -19.14 5.81 -5.89
N LEU A 475 -19.42 4.69 -6.54
CA LEU A 475 -19.93 3.50 -5.85
C LEU A 475 -18.88 2.67 -5.12
N THR A 476 -17.60 2.99 -5.30
CA THR A 476 -16.55 2.26 -4.60
C THR A 476 -15.80 3.20 -3.67
N ASN A 477 -16.27 4.44 -3.59
CA ASN A 477 -15.66 5.48 -2.76
C ASN A 477 -14.16 5.59 -3.08
N SER A 478 -13.86 5.68 -4.37
CA SER A 478 -12.49 5.83 -4.86
C SER A 478 -12.29 7.30 -5.21
N PRO A 479 -11.27 7.95 -4.61
CA PRO A 479 -10.97 9.36 -4.84
C PRO A 479 -10.44 9.72 -6.24
N SER A 480 -9.84 8.75 -6.92
CA SER A 480 -9.28 9.00 -8.25
C SER A 480 -9.63 7.93 -9.25
N ILE A 481 -9.72 8.31 -10.51
CA ILE A 481 -10.03 7.37 -11.56
C ILE A 481 -8.89 6.37 -11.70
N ARG A 482 -7.70 6.75 -11.23
CA ARG A 482 -6.55 5.85 -11.31
C ARG A 482 -6.76 4.64 -10.40
N ASP A 483 -7.72 4.75 -9.48
CA ASP A 483 -8.03 3.68 -8.54
C ASP A 483 -9.05 2.68 -9.07
N VAL A 484 -9.78 3.04 -10.13
CA VAL A 484 -10.79 2.14 -10.68
C VAL A 484 -10.39 1.58 -12.05
N LEU A 485 -9.19 1.95 -12.50
CA LEU A 485 -8.65 1.47 -13.77
C LEU A 485 -7.49 0.55 -13.42
N LEU A 486 -7.49 -0.65 -14.00
CA LEU A 486 -6.42 -1.60 -13.72
C LEU A 486 -5.05 -1.06 -14.12
N PHE A 487 -4.98 -0.42 -15.29
CA PHE A 487 -3.73 0.12 -15.80
C PHE A 487 -3.91 1.55 -16.32
N PRO A 488 -4.06 2.52 -15.42
CA PRO A 488 -4.24 3.92 -15.84
C PRO A 488 -3.04 4.44 -16.61
N GLN A 489 -3.28 5.41 -17.50
CA GLN A 489 -2.21 5.98 -18.30
C GLN A 489 -1.16 6.62 -17.40
N MET A 490 0.09 6.20 -17.59
CA MET A 490 1.21 6.71 -16.80
C MET A 490 2.01 7.75 -17.58
N ARG A 491 2.57 8.71 -16.87
CA ARG A 491 3.38 9.74 -17.50
C ARG A 491 4.66 9.05 -17.95
N HIS A 492 5.36 9.62 -18.93
CA HIS A 492 6.59 9.02 -19.42
C HIS A 492 7.55 8.68 -18.28
N GLU B 4 -37.50 13.39 -60.69
CA GLU B 4 -36.19 12.79 -60.33
C GLU B 4 -36.00 12.84 -58.82
N LEU B 5 -34.87 12.32 -58.35
CA LEU B 5 -34.56 12.33 -56.93
C LEU B 5 -34.48 13.77 -56.45
N ASN B 6 -33.91 14.63 -57.30
CA ASN B 6 -33.78 16.05 -56.98
C ASN B 6 -35.15 16.70 -56.87
N ASP B 7 -36.10 16.20 -57.67
CA ASP B 7 -37.46 16.72 -57.67
C ASP B 7 -38.15 16.31 -56.36
N GLN B 8 -37.96 15.05 -55.98
CA GLN B 8 -38.56 14.51 -54.76
C GLN B 8 -38.09 15.28 -53.51
N LEU B 9 -36.83 15.66 -53.50
CA LEU B 9 -36.26 16.39 -52.37
C LEU B 9 -36.95 17.74 -52.19
N ARG B 10 -37.19 18.44 -53.30
CA ARG B 10 -37.84 19.75 -53.25
C ARG B 10 -39.24 19.59 -52.67
N VAL B 11 -39.97 18.58 -53.14
CA VAL B 11 -41.33 18.33 -52.67
C VAL B 11 -41.37 18.06 -51.17
N ARG B 12 -40.53 17.14 -50.71
CA ARG B 12 -40.49 16.80 -49.29
C ARG B 12 -40.11 18.02 -48.47
N ARG B 13 -39.29 18.87 -49.07
CA ARG B 13 -38.86 20.09 -48.41
C ARG B 13 -40.06 21.04 -48.27
N GLU B 14 -40.95 21.05 -49.26
CA GLU B 14 -42.12 21.92 -49.21
C GLU B 14 -43.21 21.37 -48.30
N LYS B 15 -43.31 20.04 -48.21
CA LYS B 15 -44.30 19.42 -47.34
C LYS B 15 -43.94 19.76 -45.90
N LEU B 16 -42.65 19.81 -45.62
CA LEU B 16 -42.16 20.12 -44.29
C LEU B 16 -42.72 21.48 -43.85
N LYS B 17 -42.81 22.42 -44.79
CA LYS B 17 -43.32 23.74 -44.50
C LYS B 17 -44.82 23.71 -44.25
N LYS B 18 -45.54 22.92 -45.04
CA LYS B 18 -46.98 22.81 -44.91
C LYS B 18 -47.37 22.21 -43.56
N ILE B 19 -46.55 21.29 -43.05
CA ILE B 19 -46.83 20.67 -41.76
C ILE B 19 -46.66 21.69 -40.65
N GLU B 20 -45.60 22.50 -40.76
CA GLU B 20 -45.34 23.54 -39.78
C GLU B 20 -46.50 24.52 -39.78
N GLU B 21 -47.00 24.82 -40.97
CA GLU B 21 -48.12 25.74 -41.12
C GLU B 21 -49.36 25.18 -40.43
N LEU B 22 -49.41 23.86 -40.26
CA LEU B 22 -50.53 23.21 -39.60
C LEU B 22 -50.34 23.27 -38.08
N GLY B 23 -49.29 23.98 -37.66
CA GLY B 23 -49.01 24.11 -36.25
C GLY B 23 -48.44 22.86 -35.59
N VAL B 24 -47.85 21.99 -36.39
CA VAL B 24 -47.28 20.75 -35.89
C VAL B 24 -45.76 20.83 -35.91
N ASP B 25 -45.12 20.22 -34.92
CA ASP B 25 -43.66 20.19 -34.87
C ASP B 25 -43.34 19.01 -35.80
N PRO B 26 -42.79 19.30 -36.99
CA PRO B 26 -42.45 18.27 -37.96
C PRO B 26 -41.42 17.24 -37.53
N PHE B 27 -40.83 17.44 -36.35
CA PHE B 27 -39.84 16.48 -35.87
C PHE B 27 -40.23 15.83 -34.55
N GLY B 28 -41.50 16.03 -34.20
CA GLY B 28 -42.11 15.43 -33.04
C GLY B 28 -41.69 15.63 -31.61
N LYS B 29 -42.56 15.16 -30.72
CA LYS B 29 -42.36 15.21 -29.28
C LYS B 29 -42.33 13.75 -28.85
N ARG B 30 -42.24 13.50 -27.56
CA ARG B 30 -42.22 12.13 -27.07
C ARG B 30 -43.57 11.51 -27.44
N PHE B 31 -43.60 10.19 -27.56
CA PHE B 31 -44.84 9.48 -27.90
C PHE B 31 -44.90 8.20 -27.08
N GLU B 32 -45.97 8.03 -26.32
CA GLU B 32 -46.12 6.83 -25.49
C GLU B 32 -46.76 5.69 -26.28
N ARG B 33 -46.14 4.52 -26.22
CA ARG B 33 -46.64 3.35 -26.93
C ARG B 33 -47.10 2.28 -25.95
N THR B 34 -47.94 1.37 -26.43
CA THR B 34 -48.44 0.29 -25.59
C THR B 34 -47.98 -1.05 -26.14
N HIS B 35 -47.73 -1.12 -27.45
CA HIS B 35 -47.30 -2.36 -28.07
C HIS B 35 -46.36 -2.20 -29.26
N LYS B 36 -45.82 -3.35 -29.68
CA LYS B 36 -44.95 -3.46 -30.84
C LYS B 36 -45.83 -4.12 -31.87
N ALA B 37 -45.51 -3.96 -33.15
CA ALA B 37 -46.31 -4.54 -34.21
C ALA B 37 -46.49 -6.06 -34.07
N GLU B 38 -45.41 -6.77 -33.75
CA GLU B 38 -45.48 -8.22 -33.62
C GLU B 38 -46.32 -8.68 -32.43
N GLU B 39 -46.27 -7.94 -31.33
CA GLU B 39 -47.03 -8.30 -30.13
C GLU B 39 -48.52 -8.29 -30.45
N LEU B 40 -48.95 -7.30 -31.22
CA LEU B 40 -50.34 -7.16 -31.62
C LEU B 40 -50.84 -8.43 -32.30
N PHE B 41 -50.06 -8.94 -33.26
CA PHE B 41 -50.43 -10.15 -33.97
C PHE B 41 -50.43 -11.37 -33.05
N GLU B 42 -49.44 -11.43 -32.16
CA GLU B 42 -49.34 -12.55 -31.23
C GLU B 42 -50.49 -12.63 -30.24
N LEU B 43 -50.94 -11.47 -29.75
CA LEU B 43 -52.02 -11.43 -28.77
C LEU B 43 -53.42 -11.64 -29.37
N TYR B 44 -53.62 -11.24 -30.62
CA TYR B 44 -54.93 -11.42 -31.26
C TYR B 44 -54.91 -11.47 -32.78
N GLY B 45 -53.92 -12.16 -33.34
CA GLY B 45 -53.83 -12.26 -34.78
C GLY B 45 -54.87 -13.23 -35.35
N ASP B 46 -55.48 -14.01 -34.47
CA ASP B 46 -56.50 -14.97 -34.91
C ASP B 46 -57.89 -14.66 -34.37
N LEU B 47 -57.99 -13.62 -33.55
CA LEU B 47 -59.28 -13.22 -32.99
C LEU B 47 -60.13 -12.55 -34.06
N SER B 48 -61.26 -13.17 -34.39
CA SER B 48 -62.16 -12.66 -35.41
C SER B 48 -62.57 -11.20 -35.17
N LYS B 49 -62.90 -10.52 -36.26
CA LYS B 49 -63.31 -9.12 -36.22
C LYS B 49 -64.43 -8.87 -35.20
N GLU B 50 -65.24 -9.90 -34.97
CA GLU B 50 -66.37 -9.81 -34.03
C GLU B 50 -65.92 -9.41 -32.64
N GLU B 51 -65.10 -10.26 -32.03
CA GLU B 51 -64.59 -10.02 -30.68
C GLU B 51 -63.87 -8.68 -30.60
N LEU B 52 -63.09 -8.37 -31.63
CA LEU B 52 -62.34 -7.12 -31.68
C LEU B 52 -63.31 -5.93 -31.61
N GLU B 53 -64.40 -6.04 -32.37
CA GLU B 53 -65.40 -4.99 -32.42
C GLU B 53 -66.06 -4.82 -31.05
N GLU B 54 -66.24 -5.93 -30.35
CA GLU B 54 -66.89 -5.92 -29.04
C GLU B 54 -65.97 -5.36 -27.95
N GLN B 55 -64.73 -5.85 -27.91
CA GLN B 55 -63.76 -5.42 -26.92
C GLN B 55 -63.22 -4.00 -27.06
N GLN B 56 -63.05 -3.55 -28.29
CA GLN B 56 -62.51 -2.21 -28.52
C GLN B 56 -61.17 -2.08 -27.82
N ILE B 57 -60.23 -2.95 -28.19
CA ILE B 57 -58.90 -2.95 -27.60
C ILE B 57 -58.08 -1.76 -28.09
N GLU B 58 -57.87 -0.79 -27.21
CA GLU B 58 -57.12 0.40 -27.55
C GLU B 58 -55.61 0.15 -27.46
N VAL B 59 -54.89 0.60 -28.48
CA VAL B 59 -53.44 0.42 -28.52
C VAL B 59 -52.76 1.69 -29.02
N ALA B 60 -51.45 1.76 -28.86
CA ALA B 60 -50.68 2.91 -29.33
C ALA B 60 -49.35 2.40 -29.86
N VAL B 61 -49.10 2.65 -31.13
CA VAL B 61 -47.86 2.21 -31.76
C VAL B 61 -47.27 3.36 -32.55
N ALA B 62 -46.02 3.20 -32.98
CA ALA B 62 -45.34 4.21 -33.76
C ALA B 62 -44.38 3.53 -34.72
N GLY B 63 -44.13 4.15 -35.86
CA GLY B 63 -43.23 3.56 -36.83
C GLY B 63 -43.13 4.34 -38.12
N ARG B 64 -42.33 3.82 -39.04
CA ARG B 64 -42.10 4.45 -40.34
C ARG B 64 -43.11 4.00 -41.39
N ILE B 65 -43.62 4.95 -42.16
CA ILE B 65 -44.58 4.63 -43.22
C ILE B 65 -43.82 3.96 -44.35
N MET B 66 -44.12 2.68 -44.60
CA MET B 66 -43.46 1.93 -45.66
C MET B 66 -44.29 1.88 -46.93
N THR B 67 -45.61 1.86 -46.76
CA THR B 67 -46.53 1.84 -47.89
C THR B 67 -47.75 2.67 -47.52
N LYS B 68 -48.45 3.16 -48.54
CA LYS B 68 -49.63 3.97 -48.31
C LYS B 68 -50.55 3.77 -49.52
N ARG B 69 -51.86 3.79 -49.29
CA ARG B 69 -52.80 3.60 -50.39
C ARG B 69 -54.17 4.20 -50.11
N GLY B 70 -54.93 4.39 -51.17
CA GLY B 70 -56.27 4.94 -51.02
C GLY B 70 -56.38 6.40 -51.41
N MET B 71 -57.61 6.81 -51.68
CA MET B 71 -57.91 8.18 -52.05
C MET B 71 -59.16 8.53 -51.26
N GLY B 72 -59.55 9.80 -51.27
CA GLY B 72 -60.75 10.19 -50.55
C GLY B 72 -60.58 10.46 -49.07
N LYS B 73 -61.65 10.27 -48.32
CA LYS B 73 -61.67 10.53 -46.89
C LYS B 73 -61.31 9.36 -45.98
N ALA B 74 -60.73 8.32 -46.56
CA ALA B 74 -60.30 7.16 -45.79
C ALA B 74 -59.10 6.58 -46.49
N GLY B 75 -58.09 6.20 -45.73
CA GLY B 75 -56.89 5.65 -46.33
C GLY B 75 -56.19 4.63 -45.46
N PHE B 76 -55.21 3.95 -46.04
CA PHE B 76 -54.43 2.93 -45.35
C PHE B 76 -52.95 3.24 -45.42
N ALA B 77 -52.20 2.60 -44.53
CA ALA B 77 -50.76 2.75 -44.50
C ALA B 77 -50.21 1.62 -43.65
N HIS B 78 -49.00 1.20 -43.98
CA HIS B 78 -48.33 0.16 -43.23
C HIS B 78 -47.15 0.83 -42.57
N ILE B 79 -47.13 0.84 -41.24
CA ILE B 79 -46.04 1.45 -40.50
C ILE B 79 -45.19 0.32 -39.94
N GLN B 80 -43.89 0.56 -39.86
CA GLN B 80 -42.95 -0.44 -39.41
C GLN B 80 -42.18 -0.03 -38.18
N ASP B 81 -42.17 -0.89 -37.18
CA ASP B 81 -41.40 -0.62 -35.97
C ASP B 81 -40.28 -1.65 -35.92
N VAL B 82 -39.54 -1.71 -34.82
CA VAL B 82 -38.44 -2.65 -34.74
C VAL B 82 -38.82 -4.12 -34.86
N THR B 83 -40.09 -4.44 -34.61
CA THR B 83 -40.54 -5.84 -34.69
C THR B 83 -41.28 -6.24 -35.98
N GLY B 84 -41.70 -5.27 -36.77
CA GLY B 84 -42.42 -5.61 -38.00
C GLY B 84 -43.34 -4.51 -38.48
N GLN B 85 -44.33 -4.89 -39.29
CA GLN B 85 -45.28 -3.92 -39.84
C GLN B 85 -46.72 -4.17 -39.39
N ILE B 86 -47.49 -3.09 -39.33
CA ILE B 86 -48.89 -3.17 -38.95
C ILE B 86 -49.66 -2.18 -39.81
N GLN B 87 -50.80 -2.60 -40.34
CA GLN B 87 -51.61 -1.73 -41.18
C GLN B 87 -52.45 -0.79 -40.31
N ILE B 88 -52.48 0.49 -40.70
CA ILE B 88 -53.30 1.45 -39.98
C ILE B 88 -54.38 1.94 -40.92
N TYR B 89 -55.58 2.14 -40.39
CA TYR B 89 -56.72 2.58 -41.16
C TYR B 89 -57.15 3.94 -40.61
N VAL B 90 -57.01 4.98 -41.43
CA VAL B 90 -57.34 6.32 -41.01
C VAL B 90 -58.54 6.89 -41.76
N ARG B 91 -59.58 7.25 -41.01
CA ARG B 91 -60.80 7.81 -41.60
C ARG B 91 -60.98 9.24 -41.15
N GLN B 92 -61.26 10.12 -42.10
CA GLN B 92 -61.48 11.53 -41.79
C GLN B 92 -62.64 11.66 -40.80
N ASP B 93 -63.67 10.83 -40.94
CA ASP B 93 -64.81 10.95 -40.02
C ASP B 93 -64.54 10.40 -38.63
N ASP B 94 -63.30 9.98 -38.38
CA ASP B 94 -62.92 9.47 -37.06
C ASP B 94 -61.90 10.41 -36.42
N VAL B 95 -60.82 10.68 -37.14
CA VAL B 95 -59.75 11.53 -36.62
C VAL B 95 -59.95 13.03 -36.76
N GLY B 96 -60.87 13.45 -37.64
CA GLY B 96 -61.09 14.87 -37.82
C GLY B 96 -60.32 15.43 -38.99
N GLU B 97 -60.67 16.65 -39.40
CA GLU B 97 -60.03 17.30 -40.53
C GLU B 97 -58.52 17.57 -40.42
N GLN B 98 -58.09 18.21 -39.34
CA GLN B 98 -56.67 18.50 -39.21
C GLN B 98 -55.79 17.26 -39.21
N GLN B 99 -56.17 16.25 -38.44
CA GLN B 99 -55.37 15.04 -38.38
C GLN B 99 -55.42 14.27 -39.70
N TYR B 100 -56.57 14.32 -40.38
CA TYR B 100 -56.66 13.62 -41.65
C TYR B 100 -55.77 14.30 -42.67
N GLU B 101 -55.68 15.63 -42.61
CA GLU B 101 -54.83 16.36 -43.54
C GLU B 101 -53.38 15.94 -43.30
N LEU B 102 -53.01 15.73 -42.04
CA LEU B 102 -51.65 15.31 -41.72
C LEU B 102 -51.40 13.94 -42.32
N PHE B 103 -52.40 13.07 -42.23
CA PHE B 103 -52.28 11.73 -42.78
C PHE B 103 -52.07 11.80 -44.30
N LYS B 104 -52.88 12.63 -44.96
CA LYS B 104 -52.80 12.78 -46.39
C LYS B 104 -51.46 13.34 -46.87
N ILE B 105 -50.90 14.29 -46.13
CA ILE B 105 -49.63 14.88 -46.53
C ILE B 105 -48.43 13.98 -46.19
N SER B 106 -48.65 13.02 -45.29
CA SER B 106 -47.57 12.10 -44.91
C SER B 106 -47.01 11.34 -46.11
N ASP B 107 -45.68 11.24 -46.16
CA ASP B 107 -44.93 10.56 -47.22
C ASP B 107 -44.39 9.22 -46.75
N LEU B 108 -44.01 8.37 -47.69
CA LEU B 108 -43.39 7.10 -47.33
C LEU B 108 -42.09 7.59 -46.67
N GLY B 109 -41.66 6.93 -45.61
CA GLY B 109 -40.45 7.35 -44.95
C GLY B 109 -40.72 8.19 -43.71
N ASP B 110 -41.82 8.93 -43.70
CA ASP B 110 -42.16 9.75 -42.53
C ASP B 110 -42.47 8.82 -41.37
N ILE B 111 -42.21 9.29 -40.15
CA ILE B 111 -42.48 8.50 -38.95
C ILE B 111 -43.69 9.06 -38.23
N VAL B 112 -44.62 8.18 -37.84
CA VAL B 112 -45.81 8.64 -37.16
C VAL B 112 -46.22 7.76 -35.99
N GLY B 113 -47.08 8.29 -35.13
CA GLY B 113 -47.56 7.54 -33.99
C GLY B 113 -49.07 7.54 -34.06
N VAL B 114 -49.69 6.42 -33.70
CA VAL B 114 -51.14 6.36 -33.73
C VAL B 114 -51.74 5.69 -32.52
N ARG B 115 -52.96 6.08 -32.18
CA ARG B 115 -53.71 5.49 -31.09
C ARG B 115 -54.99 5.04 -31.77
N GLY B 116 -55.49 3.89 -31.39
CA GLY B 116 -56.71 3.38 -31.99
C GLY B 116 -57.09 2.03 -31.45
N THR B 117 -58.07 1.39 -32.07
CA THR B 117 -58.53 0.08 -31.64
C THR B 117 -58.20 -0.99 -32.67
N MET B 118 -57.92 -2.20 -32.20
CA MET B 118 -57.61 -3.30 -33.09
C MET B 118 -58.85 -3.69 -33.87
N PHE B 119 -58.63 -4.28 -35.05
CA PHE B 119 -59.73 -4.73 -35.90
C PHE B 119 -59.16 -5.37 -37.15
N LYS B 120 -60.01 -6.08 -37.88
CA LYS B 120 -59.57 -6.73 -39.12
C LYS B 120 -60.44 -6.20 -40.26
N THR B 121 -59.83 -5.98 -41.41
CA THR B 121 -60.56 -5.49 -42.56
C THR B 121 -61.38 -6.63 -43.14
N LYS B 122 -61.94 -6.42 -44.33
CA LYS B 122 -62.74 -7.46 -44.97
C LYS B 122 -61.92 -8.74 -45.07
N VAL B 123 -60.71 -8.60 -45.61
CA VAL B 123 -59.80 -9.72 -45.79
C VAL B 123 -59.26 -10.23 -44.44
N GLY B 124 -59.76 -9.65 -43.35
CA GLY B 124 -59.33 -10.08 -42.03
C GLY B 124 -57.91 -9.72 -41.61
N GLU B 125 -57.28 -8.79 -42.31
CA GLU B 125 -55.91 -8.37 -41.97
C GLU B 125 -55.92 -7.56 -40.67
N LEU B 126 -55.18 -8.03 -39.66
CA LEU B 126 -55.13 -7.33 -38.39
C LEU B 126 -54.67 -5.90 -38.64
N SER B 127 -55.44 -4.94 -38.16
CA SER B 127 -55.11 -3.54 -38.36
C SER B 127 -55.51 -2.67 -37.19
N ILE B 128 -55.13 -1.42 -37.23
CA ILE B 128 -55.47 -0.47 -36.18
C ILE B 128 -56.41 0.59 -36.74
N LYS B 129 -57.58 0.72 -36.13
CA LYS B 129 -58.57 1.71 -36.54
C LYS B 129 -58.19 2.96 -35.77
N VAL B 130 -57.42 3.83 -36.42
CA VAL B 130 -56.93 5.06 -35.81
C VAL B 130 -57.95 6.04 -35.27
N SER B 131 -57.72 6.49 -34.04
CA SER B 131 -58.58 7.45 -33.38
C SER B 131 -57.77 8.73 -33.21
N SER B 132 -56.45 8.59 -33.25
CA SER B 132 -55.54 9.72 -33.12
C SER B 132 -54.30 9.51 -33.98
N TYR B 133 -54.00 10.49 -34.83
CA TYR B 133 -52.85 10.42 -35.74
C TYR B 133 -51.84 11.50 -35.38
N GLU B 134 -50.65 11.06 -34.94
CA GLU B 134 -49.58 11.96 -34.52
C GLU B 134 -48.41 11.95 -35.51
N PHE B 135 -48.11 13.09 -36.13
CA PHE B 135 -46.97 13.15 -37.05
C PHE B 135 -45.73 13.30 -36.16
N LEU B 136 -44.75 12.42 -36.32
CA LEU B 136 -43.54 12.48 -35.49
C LEU B 136 -42.25 12.96 -36.14
N THR B 137 -42.00 12.61 -37.39
CA THR B 137 -40.78 13.05 -38.06
C THR B 137 -40.88 13.02 -39.57
N LYS B 138 -40.44 14.11 -40.19
CA LYS B 138 -40.46 14.21 -41.64
C LYS B 138 -39.16 13.66 -42.23
N ALA B 139 -39.28 12.76 -43.19
CA ALA B 139 -38.10 12.21 -43.86
C ALA B 139 -37.85 13.11 -45.05
N LEU B 140 -36.71 13.78 -45.07
CA LEU B 140 -36.42 14.70 -46.17
C LEU B 140 -35.98 13.97 -47.44
N ARG B 141 -35.55 12.72 -47.28
CA ARG B 141 -35.13 11.89 -48.41
C ARG B 141 -36.06 10.68 -48.51
N PRO B 142 -36.41 10.26 -49.73
CA PRO B 142 -37.29 9.11 -49.93
C PRO B 142 -36.62 7.78 -49.61
N LEU B 143 -37.42 6.83 -49.15
CA LEU B 143 -36.91 5.52 -48.82
C LEU B 143 -36.62 4.81 -50.14
N PRO B 144 -35.67 3.87 -50.15
CA PRO B 144 -35.34 3.16 -51.39
C PRO B 144 -36.55 2.43 -51.97
N GLU B 145 -36.63 2.40 -53.30
CA GLU B 145 -37.73 1.72 -53.98
C GLU B 145 -37.63 0.23 -53.68
N LYS B 146 -38.63 -0.31 -53.00
CA LYS B 146 -38.64 -1.73 -52.66
C LYS B 146 -38.48 -2.57 -53.93
N ASP B 152 -27.60 -3.00 -53.71
CA ASP B 152 -26.19 -3.39 -53.82
C ASP B 152 -25.62 -3.74 -52.45
N ILE B 153 -24.95 -4.90 -52.38
CA ILE B 153 -24.37 -5.38 -51.14
C ILE B 153 -23.47 -4.40 -50.40
N GLU B 154 -22.47 -3.85 -51.09
CA GLU B 154 -21.55 -2.91 -50.46
C GLU B 154 -22.27 -1.63 -50.05
N GLN B 155 -23.41 -1.37 -50.69
CA GLN B 155 -24.19 -0.18 -50.39
C GLN B 155 -24.89 -0.36 -49.05
N ARG B 156 -25.21 -1.62 -48.73
CA ARG B 156 -25.87 -1.93 -47.47
C ARG B 156 -24.92 -1.73 -46.29
N TYR B 157 -23.62 -1.82 -46.56
CA TYR B 157 -22.63 -1.63 -45.50
C TYR B 157 -22.33 -0.14 -45.34
N ARG B 158 -22.37 0.60 -46.46
CA ARG B 158 -22.10 2.02 -46.45
C ARG B 158 -23.22 2.80 -45.76
N GLN B 159 -24.45 2.31 -45.89
CA GLN B 159 -25.60 2.92 -45.23
C GLN B 159 -26.37 1.82 -44.53
N ARG B 160 -25.80 1.33 -43.43
CA ARG B 160 -26.43 0.26 -42.67
C ARG B 160 -27.86 0.58 -42.25
N TYR B 161 -28.13 1.85 -41.96
CA TYR B 161 -29.48 2.21 -41.54
C TYR B 161 -30.53 1.92 -42.61
N LEU B 162 -30.17 2.10 -43.87
CA LEU B 162 -31.11 1.81 -44.95
C LEU B 162 -31.35 0.31 -45.05
N ASP B 163 -30.27 -0.46 -44.84
CA ASP B 163 -30.33 -1.92 -44.87
C ASP B 163 -31.26 -2.43 -43.76
N LEU B 164 -31.08 -1.89 -42.55
CA LEU B 164 -31.89 -2.30 -41.41
C LEU B 164 -33.37 -2.00 -41.61
N ILE B 165 -33.66 -0.92 -42.34
CA ILE B 165 -35.05 -0.53 -42.60
C ILE B 165 -35.68 -1.38 -43.71
N MET B 166 -34.96 -1.56 -44.81
CA MET B 166 -35.47 -2.30 -45.95
C MET B 166 -35.37 -3.83 -45.89
N ASN B 167 -34.43 -4.35 -45.10
CA ASN B 167 -34.26 -5.80 -45.00
C ASN B 167 -34.32 -6.28 -43.55
N PRO B 168 -35.47 -6.81 -43.13
CA PRO B 168 -35.72 -7.33 -41.78
C PRO B 168 -34.86 -8.50 -41.31
N GLU B 169 -34.30 -9.26 -42.23
CA GLU B 169 -33.47 -10.39 -41.85
C GLU B 169 -32.11 -9.91 -41.37
N SER B 170 -31.70 -8.72 -41.81
CA SER B 170 -30.41 -8.17 -41.42
C SER B 170 -30.43 -7.77 -39.95
N LYS B 171 -31.50 -7.11 -39.54
CA LYS B 171 -31.63 -6.68 -38.15
C LYS B 171 -31.58 -7.89 -37.21
N LYS B 172 -32.12 -9.02 -37.67
CA LYS B 172 -32.13 -10.23 -36.87
C LYS B 172 -30.72 -10.72 -36.59
N THR B 173 -29.84 -10.57 -37.58
CA THR B 173 -28.45 -10.99 -37.45
C THR B 173 -27.79 -10.27 -36.27
N PHE B 174 -28.05 -8.97 -36.15
CA PHE B 174 -27.46 -8.19 -35.08
C PHE B 174 -28.11 -8.45 -33.72
N ILE B 175 -29.38 -8.80 -33.72
CA ILE B 175 -30.04 -9.11 -32.46
C ILE B 175 -29.41 -10.42 -31.97
N THR B 176 -29.18 -11.34 -32.90
CA THR B 176 -28.59 -12.62 -32.57
C THR B 176 -27.16 -12.39 -32.08
N ARG B 177 -26.45 -11.46 -32.71
CA ARG B 177 -25.08 -11.18 -32.28
C ARG B 177 -25.07 -10.80 -30.80
N SER B 178 -26.01 -9.96 -30.38
CA SER B 178 -26.07 -9.54 -28.99
C SER B 178 -26.34 -10.71 -28.06
N LEU B 179 -27.20 -11.63 -28.51
CA LEU B 179 -27.54 -12.81 -27.71
C LEU B 179 -26.33 -13.72 -27.54
N ILE B 180 -25.54 -13.85 -28.60
CA ILE B 180 -24.34 -14.68 -28.57
C ILE B 180 -23.35 -14.14 -27.54
N ILE B 181 -23.11 -12.84 -27.56
CA ILE B 181 -22.19 -12.24 -26.61
C ILE B 181 -22.72 -12.31 -25.18
N GLN B 182 -24.04 -12.17 -25.03
CA GLN B 182 -24.66 -12.25 -23.70
C GLN B 182 -24.51 -13.66 -23.15
N SER B 183 -24.79 -14.65 -24.00
CA SER B 183 -24.68 -16.05 -23.61
C SER B 183 -23.24 -16.34 -23.22
N MET B 184 -22.29 -15.77 -23.96
CA MET B 184 -20.87 -15.99 -23.67
C MET B 184 -20.50 -15.47 -22.28
N ARG B 185 -20.89 -14.23 -21.98
CA ARG B 185 -20.56 -13.68 -20.68
C ARG B 185 -21.24 -14.44 -19.54
N ARG B 186 -22.48 -14.87 -19.75
CA ARG B 186 -23.19 -15.63 -18.71
C ARG B 186 -22.42 -16.89 -18.36
N TYR B 187 -22.01 -17.63 -19.38
CA TYR B 187 -21.25 -18.85 -19.16
C TYR B 187 -19.97 -18.54 -18.40
N LEU B 188 -19.19 -17.59 -18.91
CA LEU B 188 -17.94 -17.22 -18.27
C LEU B 188 -18.13 -16.70 -16.84
N ASP B 189 -19.13 -15.85 -16.64
CA ASP B 189 -19.40 -15.32 -15.31
C ASP B 189 -19.78 -16.45 -14.36
N SER B 190 -20.67 -17.33 -14.82
CA SER B 190 -21.13 -18.46 -14.01
C SER B 190 -20.03 -19.48 -13.73
N HIS B 191 -18.95 -19.43 -14.52
CA HIS B 191 -17.84 -20.37 -14.33
C HIS B 191 -16.67 -19.75 -13.57
N GLY B 192 -16.93 -18.63 -12.91
CA GLY B 192 -15.90 -17.99 -12.10
C GLY B 192 -14.88 -17.06 -12.74
N TYR B 193 -15.05 -16.67 -14.00
CA TYR B 193 -14.06 -15.76 -14.59
C TYR B 193 -14.47 -14.32 -14.35
N LEU B 194 -13.50 -13.48 -13.99
CA LEU B 194 -13.75 -12.08 -13.73
C LEU B 194 -13.62 -11.25 -15.00
N GLU B 195 -14.69 -10.55 -15.36
CA GLU B 195 -14.67 -9.70 -16.55
C GLU B 195 -13.90 -8.41 -16.22
N VAL B 196 -12.87 -8.14 -17.01
CA VAL B 196 -12.05 -6.96 -16.79
C VAL B 196 -11.87 -6.12 -18.03
N GLU B 197 -11.34 -4.92 -17.83
CA GLU B 197 -11.05 -3.99 -18.92
C GLU B 197 -9.59 -3.63 -18.77
N THR B 198 -8.81 -3.83 -19.83
CA THR B 198 -7.39 -3.48 -19.79
C THR B 198 -7.17 -2.48 -20.91
N PRO B 199 -6.03 -1.77 -20.89
CA PRO B 199 -5.70 -0.77 -21.90
C PRO B 199 -5.82 -1.16 -23.37
N MET B 200 -6.32 -0.23 -24.16
CA MET B 200 -6.43 -0.43 -25.61
C MET B 200 -5.31 0.35 -26.28
N MET B 201 -4.68 1.24 -25.52
CA MET B 201 -3.56 2.03 -26.02
C MET B 201 -2.31 1.52 -25.30
N HIS B 202 -1.35 0.99 -26.07
CA HIS B 202 -0.14 0.41 -25.50
C HIS B 202 1.17 1.12 -25.81
N ALA B 203 2.13 1.00 -24.88
CA ALA B 203 3.45 1.58 -25.08
C ALA B 203 4.17 0.74 -26.14
N VAL B 204 3.89 -0.56 -26.13
CA VAL B 204 4.47 -1.51 -27.07
C VAL B 204 3.36 -2.48 -27.51
N ALA B 205 3.09 -2.53 -28.80
CA ALA B 205 2.03 -3.41 -29.32
C ALA B 205 2.49 -4.86 -29.37
N GLY B 206 2.06 -5.67 -28.41
CA GLY B 206 2.46 -7.06 -28.40
C GLY B 206 1.30 -8.01 -28.18
N GLY B 207 1.60 -9.30 -28.06
CA GLY B 207 0.56 -10.29 -27.84
C GLY B 207 0.09 -11.01 -29.08
N ALA B 208 0.63 -10.64 -30.24
CA ALA B 208 0.26 -11.26 -31.51
C ALA B 208 1.22 -10.83 -32.61
N ALA B 209 1.07 -11.44 -33.78
CA ALA B 209 1.89 -11.11 -34.94
C ALA B 209 1.02 -10.26 -35.85
N ALA B 210 1.16 -8.93 -35.75
CA ALA B 210 0.35 -8.02 -36.57
C ALA B 210 0.90 -6.61 -36.59
N ARG B 211 0.55 -5.85 -37.62
CA ARG B 211 0.98 -4.46 -37.75
C ARG B 211 -0.01 -3.61 -36.94
N PRO B 212 0.50 -2.71 -36.08
CA PRO B 212 -0.37 -1.87 -35.28
C PRO B 212 -0.72 -0.51 -35.86
N PHE B 213 -1.78 0.09 -35.32
CA PHE B 213 -2.15 1.44 -35.70
C PHE B 213 -1.33 2.26 -34.71
N ILE B 214 -0.70 3.32 -35.21
CA ILE B 214 0.14 4.16 -34.36
C ILE B 214 -0.51 5.51 -34.13
N THR B 215 -0.39 6.04 -32.92
CA THR B 215 -0.94 7.36 -32.64
C THR B 215 -0.07 8.11 -31.64
N HIS B 216 -0.49 9.32 -31.28
CA HIS B 216 0.31 10.13 -30.38
C HIS B 216 -0.52 10.93 -29.37
N HIS B 217 -0.04 10.95 -28.13
CA HIS B 217 -0.71 11.71 -27.07
C HIS B 217 0.08 13.01 -26.95
N ASN B 218 -0.57 14.12 -27.26
CA ASN B 218 0.10 15.41 -27.22
C ASN B 218 0.58 15.93 -25.87
N ALA B 219 -0.31 15.98 -24.88
CA ALA B 219 0.09 16.49 -23.57
C ALA B 219 1.21 15.67 -22.93
N LEU B 220 1.18 14.36 -23.14
CA LEU B 220 2.19 13.48 -22.57
C LEU B 220 3.37 13.30 -23.52
N ASP B 221 3.21 13.75 -24.76
CA ASP B 221 4.24 13.63 -25.79
C ASP B 221 4.69 12.18 -25.78
N MET B 222 3.74 11.29 -26.05
CA MET B 222 4.00 9.88 -26.02
C MET B 222 3.43 9.16 -27.24
N THR B 223 4.21 8.24 -27.80
CA THR B 223 3.76 7.46 -28.94
C THR B 223 3.00 6.28 -28.35
N LEU B 224 1.82 6.02 -28.88
CA LEU B 224 0.99 4.92 -28.40
C LEU B 224 0.55 4.04 -29.56
N TYR B 225 0.35 2.76 -29.28
CA TYR B 225 -0.09 1.81 -30.30
C TYR B 225 -1.42 1.20 -29.88
N MET B 226 -2.39 1.17 -30.78
CA MET B 226 -3.66 0.57 -30.44
C MET B 226 -3.35 -0.92 -30.25
N ARG B 227 -3.95 -1.54 -29.25
CA ARG B 227 -3.63 -2.94 -28.98
C ARG B 227 -3.96 -3.89 -30.12
N ILE B 228 -3.02 -4.80 -30.42
CA ILE B 228 -3.22 -5.80 -31.48
C ILE B 228 -3.66 -7.10 -30.81
N ALA B 229 -3.69 -7.08 -29.48
CA ALA B 229 -4.11 -8.24 -28.68
C ALA B 229 -4.34 -7.79 -27.24
N ILE B 230 -4.98 -8.63 -26.44
CA ILE B 230 -5.27 -8.28 -25.05
C ILE B 230 -4.39 -9.08 -24.07
N GLU B 231 -3.72 -10.09 -24.60
CA GLU B 231 -2.87 -11.00 -23.83
C GLU B 231 -1.88 -10.49 -22.78
N LEU B 232 -0.99 -9.59 -23.16
CA LEU B 232 0.03 -9.13 -22.22
C LEU B 232 -0.47 -8.48 -20.94
N HIS B 233 -1.55 -7.70 -21.01
CA HIS B 233 -2.05 -7.09 -19.77
C HIS B 233 -2.84 -8.10 -18.94
N LEU B 234 -3.49 -9.06 -19.60
CA LEU B 234 -4.24 -10.07 -18.85
C LEU B 234 -3.24 -10.97 -18.13
N LYS B 235 -2.09 -11.22 -18.75
CA LYS B 235 -1.08 -12.04 -18.10
C LYS B 235 -0.57 -11.31 -16.85
N ARG B 236 -0.51 -9.98 -16.91
CA ARG B 236 -0.09 -9.20 -15.76
C ARG B 236 -1.07 -9.42 -14.60
N LEU B 237 -2.35 -9.57 -14.93
CA LEU B 237 -3.36 -9.80 -13.90
C LEU B 237 -3.22 -11.18 -13.26
N ILE B 238 -2.72 -12.14 -14.04
CA ILE B 238 -2.52 -13.50 -13.53
C ILE B 238 -1.32 -13.48 -12.59
N VAL B 239 -0.32 -12.67 -12.92
CA VAL B 239 0.85 -12.53 -12.04
C VAL B 239 0.27 -11.86 -10.78
N GLY B 240 -0.66 -10.94 -11.01
CA GLY B 240 -1.31 -10.22 -9.93
C GLY B 240 -2.15 -11.11 -9.04
N GLY B 241 -2.32 -12.37 -9.42
CA GLY B 241 -3.08 -13.31 -8.62
C GLY B 241 -4.58 -13.40 -8.80
N LEU B 242 -5.12 -12.82 -9.87
CA LEU B 242 -6.57 -12.86 -10.09
C LEU B 242 -7.12 -14.23 -10.53
N GLU B 243 -6.22 -15.13 -10.92
CA GLU B 243 -6.57 -16.50 -11.28
C GLU B 243 -7.46 -16.78 -12.49
N LYS B 244 -8.57 -16.07 -12.61
CA LYS B 244 -9.48 -16.29 -13.73
C LYS B 244 -10.00 -14.96 -14.23
N VAL B 245 -9.55 -14.55 -15.41
CA VAL B 245 -9.97 -13.28 -15.97
C VAL B 245 -10.29 -13.41 -17.44
N TYR B 246 -11.17 -12.55 -17.93
CA TYR B 246 -11.52 -12.54 -19.33
C TYR B 246 -11.91 -11.14 -19.72
N GLU B 247 -11.84 -10.88 -21.01
CA GLU B 247 -12.18 -9.57 -21.53
C GLU B 247 -12.70 -9.78 -22.94
N ILE B 248 -13.87 -9.22 -23.24
CA ILE B 248 -14.40 -9.30 -24.60
C ILE B 248 -14.36 -7.85 -25.04
N GLY B 249 -13.38 -7.52 -25.86
CA GLY B 249 -13.24 -6.15 -26.30
C GLY B 249 -12.64 -5.99 -27.67
N ARG B 250 -12.60 -4.74 -28.11
CA ARG B 250 -12.07 -4.43 -29.43
C ARG B 250 -10.55 -4.56 -29.50
N VAL B 251 -10.08 -5.04 -30.65
CA VAL B 251 -8.66 -5.21 -30.91
C VAL B 251 -8.46 -4.54 -32.27
N PHE B 252 -7.27 -4.00 -32.50
CA PHE B 252 -7.02 -3.27 -33.75
C PHE B 252 -5.79 -3.73 -34.48
N ARG B 253 -5.96 -4.03 -35.77
CA ARG B 253 -4.85 -4.46 -36.59
C ARG B 253 -4.85 -3.70 -37.91
N ASN B 254 -3.72 -3.06 -38.19
CA ASN B 254 -3.53 -2.26 -39.39
C ASN B 254 -3.33 -3.22 -40.57
N GLU B 255 -4.43 -3.79 -41.05
CA GLU B 255 -4.37 -4.73 -42.17
C GLU B 255 -5.60 -4.65 -43.06
N GLY B 256 -5.46 -5.13 -44.29
CA GLY B 256 -6.56 -5.10 -45.24
C GLY B 256 -7.75 -5.94 -44.80
N ILE B 257 -8.92 -5.61 -45.33
CA ILE B 257 -10.12 -6.36 -44.97
C ILE B 257 -10.25 -7.63 -45.80
N SER B 258 -11.09 -8.54 -45.34
CA SER B 258 -11.34 -9.79 -46.03
C SER B 258 -12.69 -10.31 -45.56
N THR B 259 -13.06 -11.49 -46.05
CA THR B 259 -14.31 -12.12 -45.68
C THR B 259 -14.37 -12.36 -44.17
N ARG B 260 -13.21 -12.38 -43.51
CA ARG B 260 -13.19 -12.60 -42.07
C ARG B 260 -12.21 -11.68 -41.33
N HIS B 261 -11.88 -10.55 -41.96
CA HIS B 261 -10.97 -9.56 -41.36
C HIS B 261 -11.51 -8.14 -41.43
N ASN B 262 -11.44 -7.42 -40.31
CA ASN B 262 -11.83 -6.02 -40.23
C ASN B 262 -10.74 -5.41 -39.36
N PRO B 263 -10.29 -4.18 -39.67
CA PRO B 263 -9.23 -3.47 -38.92
C PRO B 263 -9.47 -3.41 -37.42
N GLU B 264 -10.73 -3.31 -37.04
CA GLU B 264 -11.08 -3.33 -35.63
C GLU B 264 -12.10 -4.46 -35.50
N PHE B 265 -11.84 -5.36 -34.58
CA PHE B 265 -12.74 -6.49 -34.36
C PHE B 265 -12.84 -6.78 -32.89
N THR B 266 -13.73 -7.70 -32.53
CA THR B 266 -13.95 -8.05 -31.14
C THR B 266 -13.37 -9.42 -30.83
N MET B 267 -12.53 -9.47 -29.80
CA MET B 267 -11.91 -10.71 -29.42
C MET B 267 -12.15 -11.00 -27.95
N LEU B 268 -12.32 -12.28 -27.63
CA LEU B 268 -12.45 -12.70 -26.26
C LEU B 268 -11.06 -13.25 -25.92
N GLU B 269 -10.45 -12.76 -24.84
CA GLU B 269 -9.18 -13.31 -24.39
C GLU B 269 -9.50 -13.72 -22.95
N LEU B 270 -9.05 -14.90 -22.57
CA LEU B 270 -9.32 -15.44 -21.24
C LEU B 270 -8.10 -16.18 -20.74
N TYR B 271 -7.84 -16.06 -19.44
CA TYR B 271 -6.71 -16.73 -18.83
C TYR B 271 -7.10 -17.42 -17.53
N GLU B 272 -6.61 -18.64 -17.35
CA GLU B 272 -6.92 -19.41 -16.17
C GLU B 272 -5.67 -20.03 -15.56
N ALA B 273 -5.35 -19.60 -14.34
CA ALA B 273 -4.19 -20.13 -13.64
C ALA B 273 -4.42 -21.59 -13.28
N TYR B 274 -3.34 -22.37 -13.31
CA TYR B 274 -3.35 -23.80 -12.96
C TYR B 274 -4.02 -24.72 -13.98
N ALA B 275 -4.25 -24.20 -15.18
CA ALA B 275 -4.84 -24.99 -16.26
C ALA B 275 -3.82 -25.04 -17.39
N ASP B 276 -3.97 -25.99 -18.31
CA ASP B 276 -3.07 -26.11 -19.45
C ASP B 276 -3.93 -26.08 -20.72
N PHE B 277 -3.32 -26.23 -21.89
CA PHE B 277 -4.10 -26.14 -23.12
C PHE B 277 -5.17 -27.22 -23.33
N ARG B 278 -5.03 -28.37 -22.68
CA ARG B 278 -6.03 -29.42 -22.81
C ARG B 278 -7.28 -28.95 -22.06
N ASP B 279 -7.08 -28.32 -20.92
CA ASP B 279 -8.21 -27.80 -20.13
C ASP B 279 -8.92 -26.74 -20.96
N ILE B 280 -8.14 -25.93 -21.67
CA ILE B 280 -8.71 -24.87 -22.51
C ILE B 280 -9.50 -25.44 -23.68
N MET B 281 -9.07 -26.58 -24.21
CA MET B 281 -9.80 -27.21 -25.31
C MET B 281 -11.21 -27.52 -24.83
N LYS B 282 -11.32 -28.13 -23.65
CA LYS B 282 -12.63 -28.48 -23.11
C LYS B 282 -13.47 -27.23 -22.86
N LEU B 283 -12.85 -26.20 -22.29
CA LEU B 283 -13.57 -24.96 -22.04
C LEU B 283 -14.10 -24.39 -23.35
N THR B 284 -13.25 -24.38 -24.37
CA THR B 284 -13.63 -23.83 -25.66
C THR B 284 -14.82 -24.57 -26.30
N GLU B 285 -14.75 -25.89 -26.38
CA GLU B 285 -15.86 -26.63 -26.98
C GLU B 285 -17.13 -26.53 -26.13
N ASN B 286 -16.97 -26.57 -24.80
CA ASN B 286 -18.14 -26.46 -23.92
C ASN B 286 -18.80 -25.09 -24.05
N LEU B 287 -17.97 -24.05 -24.14
CA LEU B 287 -18.47 -22.68 -24.26
C LEU B 287 -19.23 -22.47 -25.56
N ILE B 288 -18.61 -22.83 -26.67
CA ILE B 288 -19.24 -22.64 -27.97
C ILE B 288 -20.50 -23.50 -28.10
N ALA B 289 -20.43 -24.73 -27.62
CA ALA B 289 -21.59 -25.62 -27.70
C ALA B 289 -22.73 -25.02 -26.85
N HIS B 290 -22.37 -24.45 -25.70
CA HIS B 290 -23.34 -23.83 -24.80
C HIS B 290 -24.07 -22.68 -25.50
N ILE B 291 -23.30 -21.79 -26.12
CA ILE B 291 -23.86 -20.65 -26.83
C ILE B 291 -24.78 -21.09 -27.96
N ALA B 292 -24.34 -22.09 -28.72
CA ALA B 292 -25.15 -22.59 -29.82
C ALA B 292 -26.47 -23.11 -29.28
N THR B 293 -26.40 -23.91 -28.22
CA THR B 293 -27.60 -24.48 -27.61
C THR B 293 -28.55 -23.40 -27.13
N GLU B 294 -28.01 -22.37 -26.47
CA GLU B 294 -28.87 -21.29 -25.97
C GLU B 294 -29.50 -20.43 -27.07
N VAL B 295 -28.69 -20.02 -28.03
CA VAL B 295 -29.17 -19.15 -29.11
C VAL B 295 -29.91 -19.83 -30.25
N LEU B 296 -29.41 -20.97 -30.71
CA LEU B 296 -30.04 -21.69 -31.82
C LEU B 296 -30.93 -22.83 -31.40
N GLY B 297 -30.78 -23.27 -30.16
CA GLY B 297 -31.58 -24.36 -29.64
C GLY B 297 -31.00 -25.73 -29.96
N THR B 298 -29.82 -25.74 -30.59
CA THR B 298 -29.17 -26.99 -30.96
C THR B 298 -27.71 -26.77 -31.34
N THR B 299 -26.92 -27.84 -31.34
CA THR B 299 -25.52 -27.73 -31.72
C THR B 299 -25.33 -28.11 -33.18
N LYS B 300 -26.44 -28.45 -33.85
CA LYS B 300 -26.41 -28.81 -35.26
C LYS B 300 -26.69 -27.53 -36.03
N ILE B 301 -25.72 -27.06 -36.80
CA ILE B 301 -25.92 -25.82 -37.54
C ILE B 301 -25.64 -25.93 -39.03
N GLN B 302 -26.00 -24.90 -39.76
CA GLN B 302 -25.78 -24.86 -41.19
C GLN B 302 -24.93 -23.64 -41.50
N TYR B 303 -23.88 -23.81 -42.29
CA TYR B 303 -23.05 -22.69 -42.70
C TYR B 303 -22.74 -22.86 -44.16
N GLY B 304 -23.35 -22.02 -45.01
CA GLY B 304 -23.13 -22.14 -46.44
C GLY B 304 -23.63 -23.50 -46.89
N GLU B 305 -22.79 -24.24 -47.62
CA GLU B 305 -23.17 -25.55 -48.10
C GLU B 305 -22.80 -26.64 -47.11
N HIS B 306 -22.34 -26.24 -45.93
CA HIS B 306 -21.92 -27.21 -44.92
C HIS B 306 -22.87 -27.40 -43.75
N LEU B 307 -22.93 -28.64 -43.26
CA LEU B 307 -23.73 -28.97 -42.08
C LEU B 307 -22.64 -29.19 -41.05
N VAL B 308 -22.57 -28.30 -40.06
CA VAL B 308 -21.55 -28.36 -39.02
C VAL B 308 -22.10 -28.83 -37.68
N ASP B 309 -21.47 -29.86 -37.11
CA ASP B 309 -21.90 -30.40 -35.81
C ASP B 309 -20.99 -29.84 -34.72
N LEU B 310 -21.54 -29.00 -33.85
CA LEU B 310 -20.77 -28.39 -32.77
C LEU B 310 -20.88 -29.14 -31.45
N THR B 311 -21.44 -30.34 -31.50
CA THR B 311 -21.58 -31.16 -30.29
C THR B 311 -20.22 -31.69 -29.83
N PRO B 312 -19.87 -31.50 -28.56
CA PRO B 312 -18.58 -32.00 -28.06
C PRO B 312 -18.60 -33.53 -28.03
N GLU B 313 -17.45 -34.19 -28.04
CA GLU B 313 -16.14 -33.54 -28.06
C GLU B 313 -15.64 -33.44 -29.49
N TRP B 314 -14.94 -32.35 -29.80
CA TRP B 314 -14.43 -32.14 -31.14
C TRP B 314 -13.13 -32.90 -31.39
N ARG B 315 -12.81 -33.07 -32.66
CA ARG B 315 -11.61 -33.78 -33.06
C ARG B 315 -10.33 -33.04 -32.65
N ARG B 316 -9.37 -33.81 -32.13
CA ARG B 316 -8.06 -33.27 -31.74
C ARG B 316 -7.10 -33.81 -32.79
N LEU B 317 -6.41 -32.93 -33.49
CA LEU B 317 -5.48 -33.34 -34.53
C LEU B 317 -4.20 -32.51 -34.50
N HIS B 318 -3.05 -33.19 -34.36
CA HIS B 318 -1.78 -32.50 -34.34
C HIS B 318 -1.51 -31.96 -35.74
N MET B 319 -0.96 -30.74 -35.81
CA MET B 319 -0.67 -30.12 -37.09
C MET B 319 0.16 -31.03 -38.00
N VAL B 320 1.14 -31.70 -37.43
CA VAL B 320 1.99 -32.61 -38.20
C VAL B 320 1.20 -33.79 -38.76
N ASP B 321 0.26 -34.32 -37.98
CA ASP B 321 -0.56 -35.43 -38.45
C ASP B 321 -1.55 -34.95 -39.51
N ALA B 322 -1.97 -33.70 -39.41
CA ALA B 322 -2.91 -33.13 -40.39
C ALA B 322 -2.21 -33.01 -41.75
N ILE B 323 -0.96 -32.56 -41.73
CA ILE B 323 -0.21 -32.41 -42.97
C ILE B 323 0.05 -33.78 -43.59
N LYS B 324 0.31 -34.77 -42.75
CA LYS B 324 0.56 -36.12 -43.22
C LYS B 324 -0.69 -36.72 -43.87
N GLU B 325 -1.85 -36.46 -43.27
CA GLU B 325 -3.11 -36.98 -43.79
C GLU B 325 -3.53 -36.34 -45.11
N TYR B 326 -3.38 -35.02 -45.20
CA TYR B 326 -3.79 -34.28 -46.38
C TYR B 326 -2.73 -34.04 -47.46
N VAL B 327 -1.46 -33.99 -47.08
CA VAL B 327 -0.41 -33.73 -48.07
C VAL B 327 0.50 -34.93 -48.38
N GLY B 328 0.59 -35.87 -47.45
CA GLY B 328 1.42 -37.03 -47.66
C GLY B 328 2.86 -36.80 -47.21
N VAL B 329 3.09 -35.69 -46.53
CA VAL B 329 4.43 -35.35 -46.05
C VAL B 329 4.51 -35.57 -44.54
N ASP B 330 5.60 -36.19 -44.08
CA ASP B 330 5.76 -36.46 -42.66
C ASP B 330 6.83 -35.57 -42.03
N PHE B 331 6.41 -34.68 -41.14
CA PHE B 331 7.37 -33.80 -40.47
C PHE B 331 7.77 -34.23 -39.07
N TRP B 332 7.35 -35.43 -38.65
CA TRP B 332 7.73 -35.94 -37.34
C TRP B 332 9.21 -36.32 -37.38
N ARG B 333 9.66 -36.76 -38.54
CA ARG B 333 11.05 -37.14 -38.72
C ARG B 333 11.94 -35.93 -38.47
N GLN B 334 13.08 -36.14 -37.80
CA GLN B 334 14.01 -35.05 -37.55
C GLN B 334 14.60 -34.70 -38.91
N MET B 335 14.55 -33.42 -39.28
CA MET B 335 15.10 -33.02 -40.57
C MET B 335 15.72 -31.64 -40.53
N SER B 336 16.57 -31.37 -41.52
CA SER B 336 17.25 -30.09 -41.64
C SER B 336 16.36 -29.07 -42.30
N ASP B 337 16.73 -27.80 -42.19
CA ASP B 337 15.97 -26.73 -42.82
C ASP B 337 15.97 -26.91 -44.33
N GLU B 338 17.10 -27.34 -44.89
CA GLU B 338 17.18 -27.51 -46.33
C GLU B 338 16.25 -28.63 -46.80
N GLU B 339 16.11 -29.67 -45.99
CA GLU B 339 15.23 -30.79 -46.34
C GLU B 339 13.79 -30.30 -46.38
N ALA B 340 13.45 -29.41 -45.45
CA ALA B 340 12.11 -28.86 -45.38
C ALA B 340 11.87 -27.93 -46.57
N ARG B 341 12.87 -27.13 -46.91
CA ARG B 341 12.75 -26.21 -48.03
C ARG B 341 12.61 -27.00 -49.35
N GLU B 342 13.22 -28.18 -49.39
CA GLU B 342 13.17 -29.04 -50.57
C GLU B 342 11.73 -29.55 -50.71
N LEU B 343 11.17 -30.00 -49.60
CA LEU B 343 9.80 -30.50 -49.57
C LEU B 343 8.84 -29.41 -49.99
N ALA B 344 9.09 -28.18 -49.54
CA ALA B 344 8.24 -27.05 -49.87
C ALA B 344 8.22 -26.81 -51.38
N LYS B 345 9.39 -26.87 -52.00
CA LYS B 345 9.49 -26.65 -53.44
C LYS B 345 8.75 -27.75 -54.19
N GLU B 346 8.94 -28.99 -53.77
CA GLU B 346 8.29 -30.13 -54.41
C GLU B 346 6.78 -30.07 -54.34
N HIS B 347 6.25 -29.59 -53.22
CA HIS B 347 4.81 -29.52 -53.03
C HIS B 347 4.18 -28.16 -53.31
N GLY B 348 4.98 -27.26 -53.87
CA GLY B 348 4.49 -25.93 -54.21
C GLY B 348 4.07 -25.06 -53.04
N VAL B 349 4.82 -25.12 -51.94
CA VAL B 349 4.52 -24.32 -50.75
C VAL B 349 5.47 -23.13 -50.74
N GLU B 350 4.91 -21.93 -50.80
CA GLU B 350 5.73 -20.72 -50.79
C GLU B 350 6.31 -20.42 -49.41
N VAL B 351 7.59 -20.08 -49.37
CA VAL B 351 8.27 -19.78 -48.11
C VAL B 351 9.05 -18.48 -48.20
N ALA B 352 9.26 -17.83 -47.06
CA ALA B 352 10.00 -16.57 -46.99
C ALA B 352 11.44 -16.82 -46.54
N PRO B 353 12.32 -15.82 -46.72
CA PRO B 353 13.74 -15.93 -46.33
C PRO B 353 14.00 -16.31 -44.87
N HIS B 354 13.26 -15.71 -43.95
CA HIS B 354 13.44 -15.95 -42.53
C HIS B 354 12.92 -17.29 -42.01
N MET B 355 12.30 -18.07 -42.89
CA MET B 355 11.73 -19.35 -42.48
C MET B 355 12.67 -20.53 -42.37
N THR B 356 12.44 -21.34 -41.34
CA THR B 356 13.21 -22.56 -41.11
C THR B 356 12.17 -23.67 -40.95
N PHE B 357 12.61 -24.86 -40.55
CA PHE B 357 11.73 -26.01 -40.38
C PHE B 357 10.36 -25.67 -39.79
N GLY B 358 10.36 -25.06 -38.61
CA GLY B 358 9.11 -24.71 -37.95
C GLY B 358 8.15 -23.89 -38.78
N HIS B 359 8.63 -22.82 -39.41
CA HIS B 359 7.75 -21.97 -40.21
C HIS B 359 7.21 -22.75 -41.41
N ILE B 360 8.06 -23.56 -42.01
CA ILE B 360 7.67 -24.33 -43.19
C ILE B 360 6.56 -25.33 -42.87
N VAL B 361 6.62 -25.94 -41.70
CA VAL B 361 5.60 -26.88 -41.29
C VAL B 361 4.26 -26.15 -41.28
N ASN B 362 4.24 -24.97 -40.67
CA ASN B 362 3.03 -24.19 -40.60
C ASN B 362 2.57 -23.73 -42.00
N GLU B 363 3.52 -23.44 -42.89
CA GLU B 363 3.12 -23.03 -44.24
C GLU B 363 2.43 -24.17 -44.97
N PHE B 364 2.92 -25.40 -44.76
CA PHE B 364 2.30 -26.56 -45.37
C PHE B 364 0.85 -26.66 -44.89
N PHE B 365 0.66 -26.50 -43.58
CA PHE B 365 -0.67 -26.58 -43.01
C PHE B 365 -1.62 -25.50 -43.54
N GLU B 366 -1.18 -24.25 -43.47
CA GLU B 366 -2.01 -23.15 -43.93
C GLU B 366 -2.28 -23.13 -45.44
N GLN B 367 -1.28 -23.51 -46.22
CA GLN B 367 -1.43 -23.49 -47.67
C GLN B 367 -2.06 -24.73 -48.29
N LYS B 368 -1.99 -25.87 -47.61
CA LYS B 368 -2.53 -27.10 -48.18
C LYS B 368 -3.53 -27.86 -47.33
N VAL B 369 -3.76 -27.43 -46.09
CA VAL B 369 -4.65 -28.19 -45.23
C VAL B 369 -5.87 -27.51 -44.59
N GLU B 370 -5.63 -26.36 -43.98
CA GLU B 370 -6.69 -25.66 -43.24
C GLU B 370 -8.05 -25.47 -43.91
N ASP B 371 -8.09 -25.17 -45.20
CA ASP B 371 -9.38 -24.95 -45.84
C ASP B 371 -10.28 -26.18 -45.86
N LYS B 372 -9.70 -27.35 -45.62
CA LYS B 372 -10.48 -28.59 -45.63
C LYS B 372 -11.03 -29.01 -44.26
N LEU B 373 -10.71 -28.24 -43.23
CA LEU B 373 -11.20 -28.54 -41.90
C LEU B 373 -12.54 -27.86 -41.68
N ILE B 374 -13.61 -28.55 -42.08
CA ILE B 374 -14.96 -28.02 -41.97
C ILE B 374 -15.55 -28.24 -40.58
N GLN B 375 -15.54 -29.48 -40.12
CA GLN B 375 -16.07 -29.79 -38.79
C GLN B 375 -15.10 -29.19 -37.77
N PRO B 376 -15.60 -28.78 -36.59
CA PRO B 376 -14.74 -28.18 -35.56
C PRO B 376 -13.56 -29.07 -35.21
N THR B 377 -12.36 -28.52 -35.40
CA THR B 377 -11.13 -29.26 -35.15
C THR B 377 -10.08 -28.48 -34.38
N PHE B 378 -9.56 -29.09 -33.32
CA PHE B 378 -8.51 -28.46 -32.56
C PHE B 378 -7.19 -28.92 -33.18
N ILE B 379 -6.54 -28.05 -33.96
CA ILE B 379 -5.25 -28.39 -34.56
C ILE B 379 -4.23 -27.93 -33.53
N TYR B 380 -3.38 -28.85 -33.05
CA TYR B 380 -2.42 -28.47 -32.04
C TYR B 380 -0.97 -28.85 -32.34
N GLY B 381 -0.06 -28.34 -31.51
CA GLY B 381 1.34 -28.65 -31.69
C GLY B 381 2.09 -27.71 -32.62
N HIS B 382 1.64 -26.46 -32.72
CA HIS B 382 2.31 -25.48 -33.58
C HIS B 382 3.80 -25.38 -33.25
N PRO B 383 4.64 -25.33 -34.28
CA PRO B 383 6.10 -25.21 -34.10
C PRO B 383 6.47 -24.01 -33.22
N VAL B 384 7.49 -24.20 -32.39
CA VAL B 384 7.93 -23.15 -31.49
C VAL B 384 8.28 -21.85 -32.20
N GLU B 385 8.82 -21.93 -33.41
CA GLU B 385 9.20 -20.74 -34.16
C GLU B 385 8.06 -19.75 -34.39
N ILE B 386 6.83 -20.24 -34.49
CA ILE B 386 5.70 -19.36 -34.71
C ILE B 386 4.83 -19.19 -33.47
N SER B 387 5.34 -19.63 -32.32
CA SER B 387 4.60 -19.56 -31.07
C SER B 387 5.46 -18.98 -29.95
N PRO B 388 5.87 -17.71 -30.09
CA PRO B 388 6.72 -17.04 -29.10
C PRO B 388 6.18 -16.91 -27.67
N LEU B 389 4.88 -17.10 -27.48
CA LEU B 389 4.30 -16.96 -26.13
C LEU B 389 3.74 -18.26 -25.56
N ALA B 390 4.02 -19.37 -26.24
CA ALA B 390 3.53 -20.68 -25.82
C ALA B 390 4.64 -21.57 -25.27
N LYS B 391 4.29 -22.38 -24.28
CA LYS B 391 5.27 -23.28 -23.68
C LYS B 391 5.57 -24.47 -24.60
N LYS B 392 6.84 -24.85 -24.68
CA LYS B 392 7.23 -25.98 -25.51
C LYS B 392 6.65 -27.29 -24.98
N ASN B 393 6.36 -28.22 -25.88
CA ASN B 393 5.86 -29.53 -25.49
C ASN B 393 7.05 -30.28 -24.89
N PRO B 394 6.88 -30.87 -23.70
CA PRO B 394 7.94 -31.61 -23.01
C PRO B 394 8.61 -32.75 -23.78
N ASP B 395 7.81 -33.51 -24.52
CA ASP B 395 8.33 -34.66 -25.26
C ASP B 395 9.02 -34.32 -26.58
N ASP B 396 8.51 -33.32 -27.28
CA ASP B 396 9.09 -32.90 -28.56
C ASP B 396 9.06 -31.38 -28.62
N PRO B 397 10.10 -30.72 -28.10
CA PRO B 397 10.24 -29.26 -28.06
C PRO B 397 10.25 -28.50 -29.39
N ARG B 398 10.18 -29.22 -30.51
CA ARG B 398 10.14 -28.54 -31.80
C ARG B 398 8.73 -27.91 -31.88
N PHE B 399 7.82 -28.46 -31.09
CA PHE B 399 6.44 -28.01 -31.07
C PHE B 399 6.02 -27.47 -29.72
N THR B 400 4.94 -26.68 -29.71
CA THR B 400 4.45 -26.09 -28.47
C THR B 400 3.07 -26.63 -28.12
N ASP B 401 2.69 -26.50 -26.86
CA ASP B 401 1.38 -26.93 -26.43
C ASP B 401 0.42 -25.78 -26.71
N ARG B 402 0.09 -25.67 -27.99
CA ARG B 402 -0.79 -24.64 -28.51
C ARG B 402 -1.78 -25.29 -29.46
N PHE B 403 -2.95 -24.68 -29.62
CA PHE B 403 -3.92 -25.19 -30.55
C PHE B 403 -4.68 -24.03 -31.16
N GLU B 404 -5.21 -24.27 -32.35
CA GLU B 404 -6.04 -23.29 -33.02
C GLU B 404 -7.30 -24.05 -33.36
N LEU B 405 -8.43 -23.37 -33.29
CA LEU B 405 -9.70 -23.99 -33.59
C LEU B 405 -10.09 -23.66 -35.02
N PHE B 406 -10.29 -24.69 -35.84
CA PHE B 406 -10.72 -24.48 -37.21
C PHE B 406 -12.13 -25.01 -37.38
N ILE B 407 -12.95 -24.23 -38.06
CA ILE B 407 -14.33 -24.60 -38.37
C ILE B 407 -14.58 -23.97 -39.74
N VAL B 408 -15.34 -24.66 -40.57
CA VAL B 408 -15.63 -24.19 -41.93
C VAL B 408 -14.41 -23.58 -42.62
N GLY B 409 -13.27 -24.25 -42.47
CA GLY B 409 -12.05 -23.82 -43.12
C GLY B 409 -11.30 -22.59 -42.62
N ARG B 410 -11.73 -22.00 -41.50
CA ARG B 410 -11.03 -20.83 -41.00
C ARG B 410 -10.78 -20.89 -39.50
N GLU B 411 -9.79 -20.14 -39.03
N GLU B 411 -9.80 -20.11 -39.05
CA GLU B 411 -9.46 -20.13 -37.61
CA GLU B 411 -9.44 -20.07 -37.64
C GLU B 411 -10.40 -19.25 -36.82
C GLU B 411 -10.43 -19.24 -36.82
N HIS B 412 -10.89 -19.80 -35.71
CA HIS B 412 -11.82 -19.12 -34.84
C HIS B 412 -11.23 -18.87 -33.46
N ALA B 413 -10.20 -19.63 -33.11
CA ALA B 413 -9.59 -19.47 -31.79
C ALA B 413 -8.13 -19.85 -31.77
N ASN B 414 -7.41 -19.32 -30.80
CA ASN B 414 -5.99 -19.58 -30.65
C ASN B 414 -5.77 -19.69 -29.14
N ALA B 415 -5.08 -20.73 -28.71
CA ALA B 415 -4.87 -20.94 -27.28
C ALA B 415 -3.64 -21.77 -26.96
N PHE B 416 -3.10 -21.56 -25.76
CA PHE B 416 -1.96 -22.38 -25.38
C PHE B 416 -1.71 -22.48 -23.89
N THR B 417 -0.75 -23.35 -23.57
CA THR B 417 -0.27 -23.53 -22.21
C THR B 417 0.70 -22.36 -22.26
N GLU B 418 0.46 -21.34 -21.44
CA GLU B 418 1.28 -20.14 -21.45
C GLU B 418 2.72 -20.28 -21.02
N LEU B 419 3.60 -19.55 -21.71
CA LEU B 419 5.02 -19.56 -21.41
C LEU B 419 5.22 -18.66 -20.20
N ASN B 420 5.49 -19.24 -19.04
CA ASN B 420 5.68 -18.44 -17.84
C ASN B 420 7.15 -18.34 -17.41
N ASP B 421 8.03 -19.02 -18.13
CA ASP B 421 9.47 -18.98 -17.85
C ASP B 421 9.97 -17.66 -18.45
N PRO B 422 10.39 -16.70 -17.59
CA PRO B 422 10.87 -15.39 -18.04
C PRO B 422 12.14 -15.46 -18.89
N ILE B 423 12.99 -16.43 -18.59
CA ILE B 423 14.26 -16.58 -19.31
C ILE B 423 13.99 -17.07 -20.72
N ASP B 424 13.13 -18.08 -20.83
CA ASP B 424 12.77 -18.61 -22.14
C ASP B 424 12.05 -17.51 -22.91
N GLN B 425 11.09 -16.84 -22.26
CA GLN B 425 10.34 -15.78 -22.92
C GLN B 425 11.23 -14.70 -23.55
N ARG B 426 12.24 -14.26 -22.81
CA ARG B 426 13.13 -13.23 -23.34
C ARG B 426 13.83 -13.77 -24.57
N GLN B 427 14.20 -15.05 -24.55
CA GLN B 427 14.87 -15.66 -25.69
C GLN B 427 13.93 -15.73 -26.90
N ARG B 428 12.66 -16.02 -26.66
CA ARG B 428 11.70 -16.09 -27.76
C ARG B 428 11.64 -14.73 -28.45
N PHE B 429 11.61 -13.67 -27.65
CA PHE B 429 11.55 -12.32 -28.20
C PHE B 429 12.81 -12.03 -29.00
N GLU B 430 13.95 -12.50 -28.51
CA GLU B 430 15.22 -12.28 -29.19
C GLU B 430 15.22 -12.94 -30.56
N GLU B 431 14.64 -14.14 -30.65
CA GLU B 431 14.56 -14.84 -31.92
C GLU B 431 13.61 -14.08 -32.84
N GLN B 432 12.62 -13.42 -32.25
CA GLN B 432 11.66 -12.65 -33.04
C GLN B 432 12.36 -11.45 -33.66
N LEU B 433 13.22 -10.81 -32.87
CA LEU B 433 13.96 -9.64 -33.36
C LEU B 433 14.84 -10.07 -34.52
N LYS B 434 15.43 -11.25 -34.41
CA LYS B 434 16.29 -11.78 -35.47
C LYS B 434 15.49 -11.95 -36.75
N GLU B 435 14.25 -12.44 -36.62
CA GLU B 435 13.40 -12.64 -37.78
C GLU B 435 13.03 -11.33 -38.44
N ARG B 436 12.78 -10.29 -37.63
CA ARG B 436 12.43 -8.99 -38.17
C ARG B 436 13.54 -8.47 -39.07
N GLU B 437 14.79 -8.73 -38.67
CA GLU B 437 15.93 -8.31 -39.46
C GLU B 437 16.06 -9.17 -40.71
N GLN B 438 15.36 -10.30 -40.71
CA GLN B 438 15.37 -11.22 -41.84
C GLN B 438 14.18 -11.01 -42.77
N GLY B 439 13.41 -9.96 -42.52
CA GLY B 439 12.27 -9.67 -43.38
C GLY B 439 10.89 -9.86 -42.79
N ASN B 440 10.79 -10.37 -41.57
CA ASN B 440 9.49 -10.58 -40.93
C ASN B 440 9.08 -9.33 -40.16
N ASP B 441 8.33 -8.45 -40.81
CA ASP B 441 7.91 -7.20 -40.17
C ASP B 441 6.67 -7.35 -39.28
N GLU B 442 6.36 -8.58 -38.89
CA GLU B 442 5.24 -8.85 -37.99
C GLU B 442 5.76 -9.54 -36.73
N ALA B 443 7.08 -9.66 -36.66
CA ALA B 443 7.73 -10.28 -35.51
C ALA B 443 7.39 -9.50 -34.25
N HIS B 444 7.35 -10.18 -33.11
CA HIS B 444 7.03 -9.52 -31.86
C HIS B 444 8.15 -8.60 -31.38
N GLU B 445 7.77 -7.57 -30.63
CA GLU B 445 8.72 -6.60 -30.10
C GLU B 445 9.20 -7.02 -28.70
N MET B 446 10.32 -6.43 -28.26
CA MET B 446 10.88 -6.74 -26.94
C MET B 446 10.18 -5.89 -25.88
N ASP B 447 9.27 -6.51 -25.13
CA ASP B 447 8.52 -5.82 -24.09
C ASP B 447 9.14 -6.03 -22.71
N GLU B 448 10.00 -5.11 -22.28
CA GLU B 448 10.66 -5.24 -20.99
C GLU B 448 9.70 -5.20 -19.80
N ASP B 449 8.66 -4.38 -19.91
CA ASP B 449 7.68 -4.26 -18.83
C ASP B 449 7.00 -5.60 -18.62
N PHE B 450 6.65 -6.27 -19.71
CA PHE B 450 6.00 -7.57 -19.64
C PHE B 450 6.97 -8.60 -19.03
N LEU B 451 8.21 -8.58 -19.48
CA LEU B 451 9.20 -9.52 -18.96
C LEU B 451 9.39 -9.32 -17.46
N GLU B 452 9.39 -8.06 -17.03
CA GLU B 452 9.54 -7.74 -15.62
C GLU B 452 8.41 -8.42 -14.84
N ALA B 453 7.19 -8.30 -15.36
CA ALA B 453 6.04 -8.90 -14.71
C ALA B 453 6.21 -10.40 -14.52
N LEU B 454 6.63 -11.10 -15.57
CA LEU B 454 6.82 -12.55 -15.48
C LEU B 454 7.89 -12.90 -14.43
N GLU B 455 8.86 -12.01 -14.27
CA GLU B 455 9.93 -12.25 -13.31
C GLU B 455 9.46 -12.26 -11.86
N TYR B 456 8.27 -11.73 -11.60
CA TYR B 456 7.75 -11.77 -10.23
C TYR B 456 7.01 -13.08 -10.03
N GLY B 457 6.84 -13.82 -11.11
CA GLY B 457 6.18 -15.11 -11.06
C GLY B 457 4.75 -15.19 -11.55
N MET B 458 4.56 -15.89 -12.67
CA MET B 458 3.22 -16.10 -13.21
C MET B 458 3.02 -17.62 -13.11
N PRO B 459 1.97 -18.06 -12.43
CA PRO B 459 1.73 -19.51 -12.30
C PRO B 459 1.48 -20.19 -13.63
N PRO B 460 1.52 -21.53 -13.65
CA PRO B 460 1.25 -22.20 -14.92
C PRO B 460 -0.15 -21.73 -15.28
N THR B 461 -0.38 -21.41 -16.55
CA THR B 461 -1.66 -20.86 -16.98
C THR B 461 -2.10 -21.33 -18.35
N GLY B 462 -3.42 -21.38 -18.56
CA GLY B 462 -3.98 -21.75 -19.85
C GLY B 462 -4.67 -20.51 -20.38
N GLY B 463 -4.37 -20.14 -21.63
CA GLY B 463 -4.96 -18.94 -22.20
C GLY B 463 -5.72 -19.21 -23.49
N LEU B 464 -6.70 -18.35 -23.75
CA LEU B 464 -7.56 -18.50 -24.93
C LEU B 464 -7.93 -17.19 -25.61
N GLY B 465 -7.99 -17.22 -26.93
CA GLY B 465 -8.38 -16.06 -27.70
C GLY B 465 -9.40 -16.53 -28.74
N ILE B 466 -10.58 -15.91 -28.75
CA ILE B 466 -11.64 -16.28 -29.70
C ILE B 466 -12.07 -15.06 -30.50
N GLY B 467 -12.18 -15.22 -31.81
CA GLY B 467 -12.63 -14.11 -32.64
C GLY B 467 -14.14 -14.12 -32.54
N VAL B 468 -14.70 -13.20 -31.76
CA VAL B 468 -16.14 -13.12 -31.56
C VAL B 468 -16.91 -12.89 -32.86
N ASP B 469 -16.40 -12.01 -33.72
CA ASP B 469 -17.06 -11.74 -34.99
C ASP B 469 -17.14 -13.00 -35.82
N ARG B 470 -16.05 -13.76 -35.86
CA ARG B 470 -16.04 -14.99 -36.65
C ARG B 470 -17.02 -16.01 -36.06
N LEU B 471 -17.12 -16.06 -34.74
CA LEU B 471 -18.06 -16.98 -34.10
C LEU B 471 -19.48 -16.54 -34.44
N VAL B 472 -19.71 -15.23 -34.51
CA VAL B 472 -21.04 -14.73 -34.83
C VAL B 472 -21.38 -15.08 -36.29
N MET B 473 -20.38 -14.98 -37.17
CA MET B 473 -20.59 -15.34 -38.57
C MET B 473 -21.07 -16.78 -38.65
N LEU B 474 -20.35 -17.66 -37.94
CA LEU B 474 -20.68 -19.07 -37.94
C LEU B 474 -22.10 -19.36 -37.47
N LEU B 475 -22.49 -18.77 -36.35
CA LEU B 475 -23.80 -19.02 -35.78
C LEU B 475 -24.98 -18.28 -36.43
N THR B 476 -24.70 -17.39 -37.37
CA THR B 476 -25.75 -16.66 -38.06
C THR B 476 -25.73 -16.97 -39.56
N ASN B 477 -24.88 -17.93 -39.93
CA ASN B 477 -24.74 -18.33 -41.32
C ASN B 477 -24.45 -17.15 -42.23
N SER B 478 -23.52 -16.30 -41.79
CA SER B 478 -23.12 -15.11 -42.55
C SER B 478 -21.80 -15.42 -43.27
N PRO B 479 -21.78 -15.27 -44.60
CA PRO B 479 -20.57 -15.54 -45.38
C PRO B 479 -19.42 -14.55 -45.20
N SER B 480 -19.74 -13.35 -44.71
CA SER B 480 -18.71 -12.33 -44.51
C SER B 480 -18.82 -11.64 -43.16
N ILE B 481 -17.68 -11.19 -42.64
CA ILE B 481 -17.66 -10.49 -41.36
C ILE B 481 -18.41 -9.17 -41.55
N ARG B 482 -18.48 -8.71 -42.80
CA ARG B 482 -19.17 -7.46 -43.10
C ARG B 482 -20.66 -7.57 -42.83
N ASP B 483 -21.17 -8.80 -42.75
CA ASP B 483 -22.58 -9.05 -42.49
C ASP B 483 -22.91 -9.03 -41.00
N VAL B 484 -21.90 -9.23 -40.15
CA VAL B 484 -22.13 -9.26 -38.70
C VAL B 484 -21.58 -8.05 -37.94
N LEU B 485 -21.07 -7.05 -38.68
CA LEU B 485 -20.57 -5.80 -38.09
C LEU B 485 -21.52 -4.71 -38.56
N LEU B 486 -22.06 -3.94 -37.63
CA LEU B 486 -22.99 -2.89 -38.02
C LEU B 486 -22.38 -1.92 -39.02
N PHE B 487 -21.14 -1.49 -38.78
CA PHE B 487 -20.46 -0.56 -39.66
C PHE B 487 -19.05 -1.02 -40.02
N PRO B 488 -18.94 -2.01 -40.92
CA PRO B 488 -17.62 -2.52 -41.32
C PRO B 488 -16.79 -1.41 -41.98
N GLN B 489 -15.47 -1.54 -41.88
CA GLN B 489 -14.58 -0.54 -42.44
C GLN B 489 -14.78 -0.40 -43.95
N MET B 490 -15.06 0.82 -44.39
CA MET B 490 -15.27 1.08 -45.81
C MET B 490 -13.99 1.59 -46.45
N ARG B 491 -13.84 1.34 -47.74
CA ARG B 491 -12.67 1.81 -48.47
C ARG B 491 -12.96 3.27 -48.81
N HIS B 492 -11.98 3.97 -49.37
CA HIS B 492 -12.20 5.37 -49.75
C HIS B 492 -13.31 5.47 -50.80
N GLU C 4 5.05 45.65 20.60
CA GLU C 4 5.81 44.41 20.92
C GLU C 4 4.85 43.25 21.16
N LEU C 5 4.75 42.82 22.42
CA LEU C 5 3.85 41.73 22.78
C LEU C 5 2.47 42.32 23.10
N ASN C 6 1.43 41.50 22.98
CA ASN C 6 0.06 41.94 23.21
C ASN C 6 -0.31 42.89 22.08
N ASP C 7 0.72 43.40 21.40
CA ASP C 7 0.56 44.30 20.28
C ASP C 7 0.17 43.41 19.10
N GLN C 8 1.15 42.68 18.59
CA GLN C 8 0.92 41.76 17.49
C GLN C 8 0.10 40.60 18.05
N LEU C 9 0.30 40.33 19.34
CA LEU C 9 -0.41 39.25 20.00
C LEU C 9 -1.92 39.48 20.02
N ARG C 10 -2.34 40.70 20.29
CA ARG C 10 -3.78 40.99 20.31
C ARG C 10 -4.31 40.83 18.89
N VAL C 11 -3.56 41.30 17.90
CA VAL C 11 -3.97 41.20 16.52
C VAL C 11 -4.16 39.74 16.10
N ARG C 12 -3.23 38.88 16.52
CA ARG C 12 -3.33 37.47 16.18
C ARG C 12 -4.52 36.81 16.85
N ARG C 13 -4.84 37.21 18.06
CA ARG C 13 -6.00 36.64 18.75
C ARG C 13 -7.25 37.11 18.03
N GLU C 14 -7.24 38.34 17.55
CA GLU C 14 -8.39 38.91 16.84
C GLU C 14 -8.67 38.12 15.56
N LYS C 15 -7.62 37.87 14.78
CA LYS C 15 -7.76 37.11 13.54
C LYS C 15 -8.22 35.69 13.83
N LEU C 16 -7.90 35.21 15.03
CA LEU C 16 -8.30 33.87 15.42
C LEU C 16 -9.82 33.78 15.47
N LYS C 17 -10.45 34.80 16.04
CA LYS C 17 -11.90 34.84 16.14
C LYS C 17 -12.54 35.06 14.78
N LYS C 18 -11.90 35.87 13.94
CA LYS C 18 -12.41 36.15 12.60
C LYS C 18 -12.50 34.86 11.81
N ILE C 19 -11.46 34.03 11.93
CA ILE C 19 -11.41 32.75 11.22
C ILE C 19 -12.51 31.82 11.70
N GLU C 20 -12.72 31.78 13.01
CA GLU C 20 -13.75 30.93 13.58
C GLU C 20 -15.11 31.36 13.07
N GLU C 21 -15.25 32.66 12.83
CA GLU C 21 -16.50 33.22 12.34
C GLU C 21 -16.73 32.92 10.86
N LEU C 22 -15.69 32.51 10.16
CA LEU C 22 -15.81 32.18 8.74
C LEU C 22 -16.17 30.71 8.59
N GLY C 23 -16.51 30.08 9.72
CA GLY C 23 -16.89 28.67 9.71
C GLY C 23 -15.73 27.71 9.53
N VAL C 24 -14.53 28.14 9.89
CA VAL C 24 -13.34 27.30 9.75
C VAL C 24 -12.72 26.98 11.11
N ASP C 25 -12.21 25.75 11.24
CA ASP C 25 -11.55 25.31 12.47
C ASP C 25 -10.15 25.91 12.41
N PRO C 26 -9.88 26.94 13.22
CA PRO C 26 -8.57 27.60 13.23
C PRO C 26 -7.39 26.72 13.61
N PHE C 27 -7.66 25.49 14.03
CA PHE C 27 -6.58 24.59 14.39
C PHE C 27 -6.55 23.32 13.54
N GLY C 28 -7.34 23.36 12.48
CA GLY C 28 -7.41 22.29 11.49
C GLY C 28 -7.78 20.86 11.78
N LYS C 29 -8.01 20.14 10.68
CA LYS C 29 -8.34 18.72 10.72
C LYS C 29 -7.16 18.04 10.03
N ARG C 30 -7.30 16.74 9.78
CA ARG C 30 -6.25 15.99 9.11
C ARG C 30 -6.14 16.56 7.70
N PHE C 31 -4.97 16.42 7.08
CA PHE C 31 -4.76 16.94 5.73
C PHE C 31 -3.88 15.97 4.95
N GLU C 32 -4.36 15.54 3.79
CA GLU C 32 -3.60 14.61 2.97
C GLU C 32 -2.68 15.27 1.95
N ARG C 33 -1.39 14.96 2.05
CA ARG C 33 -0.40 15.51 1.14
C ARG C 33 0.04 14.48 0.12
N THR C 34 0.61 14.96 -0.98
CA THR C 34 1.09 14.08 -2.04
C THR C 34 2.60 14.20 -2.14
N HIS C 35 3.13 15.36 -1.73
CA HIS C 35 4.57 15.60 -1.80
C HIS C 35 5.14 16.48 -0.71
N LYS C 36 6.46 16.48 -0.63
CA LYS C 36 7.23 17.30 0.29
C LYS C 36 7.84 18.33 -0.66
N ALA C 37 8.18 19.52 -0.16
CA ALA C 37 8.76 20.56 -1.00
C ALA C 37 9.96 20.09 -1.82
N GLU C 38 10.91 19.44 -1.16
CA GLU C 38 12.11 18.97 -1.86
C GLU C 38 11.81 17.99 -2.99
N GLU C 39 10.84 17.09 -2.77
CA GLU C 39 10.47 16.13 -3.80
C GLU C 39 10.00 16.85 -5.06
N LEU C 40 9.29 17.96 -4.87
CA LEU C 40 8.79 18.75 -5.98
C LEU C 40 9.95 19.29 -6.81
N PHE C 41 10.97 19.81 -6.15
CA PHE C 41 12.13 20.33 -6.85
C PHE C 41 12.94 19.23 -7.53
N GLU C 42 13.07 18.09 -6.88
CA GLU C 42 13.83 16.97 -7.45
C GLU C 42 13.16 16.47 -8.73
N LEU C 43 11.84 16.37 -8.71
CA LEU C 43 11.07 15.88 -9.83
C LEU C 43 10.79 16.87 -10.94
N TYR C 44 10.46 18.12 -10.57
CA TYR C 44 10.10 19.11 -11.58
C TYR C 44 10.92 20.38 -11.63
N GLY C 45 12.01 20.43 -10.85
CA GLY C 45 12.84 21.63 -10.85
C GLY C 45 13.52 21.97 -12.16
N ASP C 46 13.80 20.97 -12.98
CA ASP C 46 14.48 21.21 -14.25
C ASP C 46 13.57 21.26 -15.46
N LEU C 47 12.26 21.37 -15.23
CA LEU C 47 11.31 21.45 -16.33
C LEU C 47 11.05 22.93 -16.60
N SER C 48 10.86 23.27 -17.87
CA SER C 48 10.63 24.66 -18.25
C SER C 48 9.20 25.08 -17.93
N LYS C 49 8.98 26.39 -17.92
CA LYS C 49 7.65 26.94 -17.65
C LYS C 49 6.63 26.32 -18.60
N GLU C 50 7.02 26.18 -19.86
CA GLU C 50 6.15 25.61 -20.89
C GLU C 50 5.85 24.14 -20.63
N GLU C 51 6.88 23.38 -20.28
CA GLU C 51 6.70 21.95 -20.02
C GLU C 51 5.71 21.75 -18.88
N LEU C 52 5.86 22.54 -17.82
CA LEU C 52 4.96 22.45 -16.67
C LEU C 52 3.52 22.78 -17.04
N GLU C 53 3.33 23.80 -17.86
CA GLU C 53 1.99 24.20 -18.28
C GLU C 53 1.32 23.07 -19.06
N GLU C 54 2.13 22.37 -19.86
CA GLU C 54 1.63 21.28 -20.69
C GLU C 54 1.37 19.98 -19.93
N GLN C 55 1.95 19.84 -18.74
CA GLN C 55 1.76 18.61 -17.97
C GLN C 55 0.76 18.73 -16.82
N GLN C 56 0.39 19.95 -16.46
CA GLN C 56 -0.58 20.18 -15.38
C GLN C 56 -0.44 19.19 -14.23
N ILE C 57 0.73 19.17 -13.60
CA ILE C 57 0.98 18.26 -12.48
C ILE C 57 0.33 18.77 -11.20
N GLU C 58 -0.62 17.99 -10.69
CA GLU C 58 -1.33 18.38 -9.46
C GLU C 58 -0.67 17.81 -8.22
N VAL C 59 -0.61 18.63 -7.17
CA VAL C 59 0.01 18.23 -5.92
C VAL C 59 -0.72 18.79 -4.71
N ALA C 60 -0.38 18.26 -3.54
CA ALA C 60 -0.97 18.70 -2.28
C ALA C 60 0.18 18.72 -1.28
N VAL C 61 0.39 19.88 -0.67
CA VAL C 61 1.45 20.05 0.32
C VAL C 61 0.94 20.88 1.49
N ALA C 62 1.70 20.89 2.59
CA ALA C 62 1.33 21.68 3.76
C ALA C 62 2.58 22.19 4.44
N GLY C 63 2.47 23.35 5.08
CA GLY C 63 3.63 23.91 5.76
C GLY C 63 3.37 25.24 6.41
N ARG C 64 4.40 25.79 7.03
CA ARG C 64 4.29 27.06 7.74
C ARG C 64 4.62 28.22 6.81
N ILE C 65 3.85 29.31 6.94
CA ILE C 65 4.05 30.50 6.11
C ILE C 65 5.28 31.24 6.65
N MET C 66 6.32 31.32 5.83
CA MET C 66 7.56 31.99 6.22
C MET C 66 7.68 33.40 5.64
N THR C 67 7.09 33.60 4.48
CA THR C 67 7.10 34.91 3.82
C THR C 67 5.77 35.05 3.10
N LYS C 68 5.34 36.28 2.86
CA LYS C 68 4.08 36.50 2.18
C LYS C 68 4.07 37.87 1.52
N ARG C 69 3.51 37.93 0.32
CA ARG C 69 3.41 39.20 -0.38
C ARG C 69 2.07 39.26 -1.10
N GLY C 70 1.22 40.18 -0.67
CA GLY C 70 -0.09 40.33 -1.27
C GLY C 70 -0.07 41.32 -2.41
N MET C 71 -0.87 41.03 -3.43
CA MET C 71 -0.95 41.90 -4.61
C MET C 71 -2.38 42.03 -5.11
N GLY C 72 -3.24 42.62 -4.27
CA GLY C 72 -4.63 42.81 -4.65
C GLY C 72 -5.49 41.57 -4.65
N LYS C 73 -5.87 41.10 -5.84
CA LYS C 73 -6.72 39.92 -5.98
C LYS C 73 -5.90 38.63 -6.08
N ALA C 74 -4.59 38.75 -5.90
CA ALA C 74 -3.71 37.59 -5.96
C ALA C 74 -2.50 37.84 -5.08
N GLY C 75 -1.82 36.77 -4.69
CA GLY C 75 -0.66 36.93 -3.83
C GLY C 75 0.22 35.69 -3.77
N PHE C 76 1.42 35.86 -3.23
CA PHE C 76 2.39 34.77 -3.11
C PHE C 76 2.72 34.52 -1.65
N ALA C 77 3.36 33.38 -1.40
CA ALA C 77 3.81 33.02 -0.07
C ALA C 77 4.72 31.81 -0.18
N HIS C 78 5.70 31.72 0.71
CA HIS C 78 6.60 30.58 0.71
C HIS C 78 6.20 29.78 1.94
N ILE C 79 5.84 28.53 1.74
CA ILE C 79 5.46 27.69 2.87
C ILE C 79 6.57 26.67 3.07
N GLN C 80 6.84 26.36 4.32
CA GLN C 80 7.91 25.46 4.67
C GLN C 80 7.50 24.17 5.37
N ASP C 81 7.94 23.04 4.83
CA ASP C 81 7.66 21.76 5.47
C ASP C 81 9.02 21.24 5.95
N VAL C 82 9.05 20.01 6.44
CA VAL C 82 10.30 19.46 6.97
C VAL C 82 11.45 19.33 5.96
N THR C 83 11.17 19.46 4.66
CA THR C 83 12.22 19.33 3.65
C THR C 83 12.65 20.63 2.99
N GLY C 84 11.93 21.70 3.25
CA GLY C 84 12.28 22.97 2.64
C GLY C 84 11.09 23.87 2.35
N GLN C 85 11.28 24.84 1.46
CA GLN C 85 10.22 25.78 1.11
C GLN C 85 9.77 25.70 -0.33
N ILE C 86 8.50 26.02 -0.55
CA ILE C 86 7.91 26.04 -1.89
C ILE C 86 7.00 27.25 -1.98
N GLN C 87 7.10 27.99 -3.07
CA GLN C 87 6.27 29.17 -3.25
C GLN C 87 4.89 28.78 -3.74
N ILE C 88 3.86 29.42 -3.18
CA ILE C 88 2.49 29.18 -3.61
C ILE C 88 1.93 30.51 -4.15
N TYR C 89 1.06 30.39 -5.14
CA TYR C 89 0.44 31.56 -5.75
C TYR C 89 -1.06 31.38 -5.61
N VAL C 90 -1.69 32.32 -4.93
CA VAL C 90 -3.13 32.28 -4.67
C VAL C 90 -3.87 33.43 -5.34
N ARG C 91 -4.79 33.10 -6.24
CA ARG C 91 -5.59 34.09 -6.96
C ARG C 91 -7.04 34.00 -6.51
N GLN C 92 -7.65 35.15 -6.22
CA GLN C 92 -9.03 35.20 -5.77
C GLN C 92 -10.01 34.55 -6.74
N ASP C 93 -9.87 34.84 -8.03
CA ASP C 93 -10.77 34.28 -9.02
C ASP C 93 -10.64 32.77 -9.19
N ASP C 94 -9.53 32.21 -8.70
CA ASP C 94 -9.29 30.77 -8.82
C ASP C 94 -9.79 29.97 -7.62
N VAL C 95 -9.50 30.44 -6.41
CA VAL C 95 -9.92 29.74 -5.20
C VAL C 95 -11.26 30.19 -4.65
N GLY C 96 -11.78 31.31 -5.15
CA GLY C 96 -13.05 31.79 -4.65
C GLY C 96 -12.88 32.81 -3.54
N GLU C 97 -13.93 33.58 -3.30
CA GLU C 97 -13.92 34.62 -2.29
C GLU C 97 -13.62 34.14 -0.87
N GLN C 98 -14.28 33.08 -0.44
CA GLN C 98 -14.09 32.57 0.90
C GLN C 98 -12.66 32.11 1.16
N GLN C 99 -12.12 31.27 0.28
CA GLN C 99 -10.76 30.79 0.46
C GLN C 99 -9.75 31.92 0.36
N TYR C 100 -10.03 32.90 -0.49
CA TYR C 100 -9.11 34.02 -0.64
C TYR C 100 -9.10 34.86 0.62
N GLU C 101 -10.26 34.97 1.27
CA GLU C 101 -10.34 35.74 2.50
C GLU C 101 -9.41 35.08 3.52
N LEU C 102 -9.37 33.75 3.53
CA LEU C 102 -8.52 33.01 4.45
C LEU C 102 -7.05 33.25 4.15
N PHE C 103 -6.72 33.34 2.86
CA PHE C 103 -5.34 33.59 2.45
C PHE C 103 -4.94 35.00 2.92
N LYS C 104 -5.81 35.97 2.71
CA LYS C 104 -5.52 37.34 3.10
C LYS C 104 -5.34 37.53 4.60
N ILE C 105 -6.14 36.82 5.38
CA ILE C 105 -6.06 36.95 6.83
C ILE C 105 -4.88 36.15 7.39
N SER C 106 -4.37 35.20 6.61
CA SER C 106 -3.24 34.37 7.05
C SER C 106 -2.01 35.19 7.38
N ASP C 107 -1.37 34.84 8.51
CA ASP C 107 -0.18 35.51 9.03
C ASP C 107 1.06 34.66 8.83
N LEU C 108 2.23 35.30 8.94
CA LEU C 108 3.48 34.58 8.87
C LEU C 108 3.39 33.70 10.12
N GLY C 109 3.81 32.44 10.01
CA GLY C 109 3.74 31.57 11.16
C GLY C 109 2.55 30.62 11.11
N ASP C 110 1.46 31.06 10.48
CA ASP C 110 0.29 30.20 10.36
C ASP C 110 0.65 29.00 9.50
N ILE C 111 -0.06 27.89 9.71
CA ILE C 111 0.19 26.68 8.96
C ILE C 111 -1.00 26.41 8.06
N VAL C 112 -0.72 26.11 6.79
CA VAL C 112 -1.78 25.86 5.82
C VAL C 112 -1.49 24.68 4.90
N GLY C 113 -2.55 24.19 4.26
CA GLY C 113 -2.40 23.09 3.34
C GLY C 113 -2.95 23.56 2.00
N VAL C 114 -2.30 23.16 0.91
CA VAL C 114 -2.78 23.57 -0.40
C VAL C 114 -2.74 22.47 -1.44
N ARG C 115 -3.59 22.60 -2.44
CA ARG C 115 -3.64 21.68 -3.55
C ARG C 115 -3.55 22.61 -4.76
N GLY C 116 -2.83 22.18 -5.78
CA GLY C 116 -2.69 23.01 -6.96
C GLY C 116 -1.81 22.38 -8.01
N THR C 117 -1.52 23.14 -9.06
CA THR C 117 -0.69 22.66 -10.14
C THR C 117 0.68 23.32 -10.17
N MET C 118 1.68 22.56 -10.56
CA MET C 118 3.05 23.06 -10.63
C MET C 118 3.24 24.02 -11.79
N PHE C 119 3.95 25.11 -11.55
CA PHE C 119 4.23 26.10 -12.58
C PHE C 119 5.50 26.86 -12.21
N LYS C 120 6.03 27.63 -13.16
CA LYS C 120 7.21 28.43 -12.90
C LYS C 120 6.90 29.88 -13.22
N THR C 121 7.34 30.77 -12.34
CA THR C 121 7.11 32.20 -12.52
C THR C 121 8.11 32.71 -13.56
N LYS C 122 7.99 33.98 -13.92
CA LYS C 122 8.87 34.59 -14.91
C LYS C 122 10.34 34.51 -14.50
N VAL C 123 10.61 34.44 -13.20
CA VAL C 123 11.98 34.33 -12.72
C VAL C 123 12.41 32.86 -12.64
N GLY C 124 11.54 31.99 -13.15
CA GLY C 124 11.83 30.57 -13.18
C GLY C 124 11.70 29.82 -11.85
N GLU C 125 10.99 30.39 -10.90
CA GLU C 125 10.84 29.74 -9.60
C GLU C 125 9.71 28.72 -9.61
N LEU C 126 10.04 27.47 -9.30
CA LEU C 126 9.05 26.40 -9.27
C LEU C 126 8.05 26.76 -8.17
N SER C 127 6.77 26.80 -8.54
CA SER C 127 5.72 27.18 -7.61
C SER C 127 4.45 26.37 -7.80
N ILE C 128 3.49 26.59 -6.90
CA ILE C 128 2.21 25.90 -6.95
C ILE C 128 1.07 26.88 -7.19
N LYS C 129 0.35 26.69 -8.29
CA LYS C 129 -0.79 27.54 -8.62
C LYS C 129 -1.93 26.90 -7.83
N VAL C 130 -2.29 27.53 -6.72
CA VAL C 130 -3.31 27.04 -5.82
C VAL C 130 -4.75 27.01 -6.34
N SER C 131 -5.42 25.88 -6.16
CA SER C 131 -6.81 25.74 -6.56
C SER C 131 -7.64 25.54 -5.30
N SER C 132 -6.96 25.13 -4.22
CA SER C 132 -7.60 24.90 -2.94
C SER C 132 -6.68 25.35 -1.81
N TYR C 133 -7.15 26.29 -1.00
CA TYR C 133 -6.38 26.83 0.13
C TYR C 133 -7.06 26.38 1.44
N GLU C 134 -6.34 25.62 2.25
CA GLU C 134 -6.89 25.11 3.52
C GLU C 134 -6.12 25.66 4.73
N PHE C 135 -6.82 26.36 5.61
CA PHE C 135 -6.17 26.90 6.80
C PHE C 135 -6.08 25.76 7.82
N LEU C 136 -4.89 25.53 8.36
CA LEU C 136 -4.71 24.43 9.31
C LEU C 136 -4.41 24.80 10.76
N THR C 137 -3.65 25.86 10.97
CA THR C 137 -3.35 26.27 12.34
C THR C 137 -2.90 27.71 12.50
N LYS C 138 -3.53 28.40 13.43
CA LYS C 138 -3.22 29.79 13.72
C LYS C 138 -2.07 29.90 14.72
N ALA C 139 -1.03 30.64 14.35
CA ALA C 139 0.10 30.87 15.23
C ALA C 139 -0.23 32.13 16.03
N LEU C 140 -0.36 32.00 17.34
CA LEU C 140 -0.69 33.15 18.18
C LEU C 140 0.50 34.06 18.43
N ARG C 141 1.71 33.55 18.20
CA ARG C 141 2.92 34.34 18.36
C ARG C 141 3.65 34.38 17.03
N PRO C 142 4.28 35.53 16.72
CA PRO C 142 5.00 35.69 15.45
C PRO C 142 6.37 35.01 15.52
N LEU C 143 6.91 34.68 14.36
CA LEU C 143 8.22 34.05 14.30
C LEU C 143 9.21 35.07 14.87
N PRO C 144 10.13 34.61 15.73
CA PRO C 144 11.14 35.47 16.36
C PRO C 144 11.91 36.32 15.36
N GLU C 145 12.58 37.35 15.87
CA GLU C 145 13.38 38.25 15.04
C GLU C 145 14.47 37.45 14.32
N LYS C 146 14.29 37.25 13.02
CA LYS C 146 15.28 36.50 12.23
C LYS C 146 16.23 37.46 11.53
N ASP C 152 19.77 35.10 19.22
CA ASP C 152 20.74 34.78 20.26
C ASP C 152 21.00 33.28 20.29
N ILE C 153 22.21 32.91 20.70
CA ILE C 153 22.63 31.51 20.78
C ILE C 153 21.85 30.70 21.82
N GLU C 154 21.58 31.31 22.96
CA GLU C 154 20.87 30.62 24.03
C GLU C 154 19.43 30.26 23.67
N GLN C 155 18.76 31.12 22.92
CA GLN C 155 17.37 30.83 22.53
C GLN C 155 17.32 29.56 21.70
N ARG C 156 18.36 29.32 20.91
CA ARG C 156 18.43 28.12 20.08
C ARG C 156 18.38 26.86 20.93
N TYR C 157 18.97 26.93 22.12
CA TYR C 157 18.98 25.77 23.01
C TYR C 157 17.78 25.77 23.96
N ARG C 158 17.35 26.96 24.37
CA ARG C 158 16.22 27.10 25.28
C ARG C 158 14.89 26.79 24.60
N GLN C 159 14.77 27.19 23.34
CA GLN C 159 13.57 26.96 22.54
C GLN C 159 13.99 26.33 21.22
N ARG C 160 14.40 25.06 21.31
CA ARG C 160 14.85 24.33 20.13
C ARG C 160 13.89 24.40 18.95
N TYR C 161 12.59 24.38 19.22
CA TYR C 161 11.64 24.41 18.11
C TYR C 161 11.80 25.63 17.22
N LEU C 162 12.16 26.76 17.79
CA LEU C 162 12.36 27.97 17.00
C LEU C 162 13.61 27.80 16.12
N ASP C 163 14.62 27.14 16.67
CA ASP C 163 15.87 26.88 15.97
C ASP C 163 15.56 25.99 14.75
N LEU C 164 14.81 24.93 15.00
CA LEU C 164 14.43 23.99 13.95
C LEU C 164 13.63 24.64 12.82
N ILE C 165 12.83 25.64 13.15
CA ILE C 165 12.01 26.35 12.16
C ILE C 165 12.80 27.39 11.38
N MET C 166 13.49 28.26 12.11
CA MET C 166 14.24 29.35 11.50
C MET C 166 15.59 28.98 10.90
N ASN C 167 16.24 27.97 11.45
CA ASN C 167 17.54 27.53 10.94
C ASN C 167 17.41 26.11 10.38
N PRO C 168 16.79 25.98 9.20
CA PRO C 168 16.60 24.69 8.53
C PRO C 168 17.81 23.77 8.55
N GLU C 169 18.98 24.36 8.67
CA GLU C 169 20.24 23.60 8.71
C GLU C 169 20.27 22.69 9.94
N SER C 170 19.88 23.24 11.08
CA SER C 170 19.89 22.55 12.36
C SER C 170 19.28 21.15 12.41
N LYS C 171 18.17 20.94 11.72
CA LYS C 171 17.52 19.64 11.73
C LYS C 171 18.44 18.55 11.21
N LYS C 172 19.30 18.91 10.27
CA LYS C 172 20.20 17.94 9.67
C LYS C 172 21.09 17.22 10.68
N THR C 173 21.56 17.94 11.70
CA THR C 173 22.42 17.34 12.71
C THR C 173 21.67 16.23 13.45
N PHE C 174 20.40 16.45 13.74
CA PHE C 174 19.59 15.47 14.46
C PHE C 174 19.17 14.31 13.58
N ILE C 175 19.01 14.56 12.28
CA ILE C 175 18.67 13.48 11.37
C ILE C 175 19.90 12.59 11.28
N THR C 176 21.07 13.22 11.19
CA THR C 176 22.31 12.47 11.12
C THR C 176 22.53 11.70 12.41
N ARG C 177 22.17 12.30 13.54
CA ARG C 177 22.32 11.61 14.82
C ARG C 177 21.53 10.30 14.81
N SER C 178 20.32 10.33 14.27
CA SER C 178 19.50 9.13 14.22
C SER C 178 20.16 8.08 13.33
N LEU C 179 20.75 8.52 12.22
CA LEU C 179 21.40 7.58 11.30
C LEU C 179 22.62 6.94 11.96
N ILE C 180 23.31 7.71 12.79
CA ILE C 180 24.49 7.21 13.49
C ILE C 180 24.13 6.09 14.46
N ILE C 181 23.06 6.30 15.22
CA ILE C 181 22.64 5.31 16.19
C ILE C 181 22.06 4.07 15.50
N GLN C 182 21.33 4.29 14.41
CA GLN C 182 20.77 3.18 13.66
C GLN C 182 21.87 2.34 13.04
N SER C 183 22.94 2.99 12.58
CA SER C 183 24.07 2.30 11.99
C SER C 183 24.77 1.47 13.08
N MET C 184 24.85 2.04 14.27
CA MET C 184 25.47 1.39 15.41
C MET C 184 24.71 0.11 15.76
N ARG C 185 23.39 0.20 15.86
CA ARG C 185 22.61 -0.98 16.20
C ARG C 185 22.70 -2.02 15.10
N ARG C 186 22.74 -1.57 13.86
CA ARG C 186 22.82 -2.47 12.72
C ARG C 186 24.08 -3.34 12.81
N TYR C 187 25.22 -2.71 13.07
CA TYR C 187 26.47 -3.43 13.19
C TYR C 187 26.47 -4.42 14.35
N LEU C 188 26.09 -3.94 15.53
CA LEU C 188 26.07 -4.79 16.71
C LEU C 188 25.09 -5.95 16.56
N ASP C 189 23.89 -5.66 16.07
CA ASP C 189 22.89 -6.70 15.88
C ASP C 189 23.41 -7.77 14.92
N SER C 190 23.96 -7.32 13.79
CA SER C 190 24.48 -8.25 12.80
C SER C 190 25.70 -9.04 13.28
N HIS C 191 26.34 -8.57 14.35
CA HIS C 191 27.50 -9.28 14.88
C HIS C 191 27.20 -10.08 16.14
N GLY C 192 25.92 -10.37 16.34
CA GLY C 192 25.49 -11.18 17.47
C GLY C 192 25.30 -10.61 18.85
N TYR C 193 25.39 -9.29 19.00
CA TYR C 193 25.19 -8.69 20.32
C TYR C 193 23.70 -8.46 20.53
N LEU C 194 23.20 -8.88 21.68
CA LEU C 194 21.79 -8.75 22.03
C LEU C 194 21.51 -7.40 22.68
N GLU C 195 20.60 -6.63 22.08
CA GLU C 195 20.24 -5.33 22.61
C GLU C 195 19.33 -5.55 23.82
N VAL C 196 19.72 -4.99 24.96
CA VAL C 196 18.94 -5.17 26.18
C VAL C 196 18.63 -3.86 26.88
N GLU C 197 17.75 -3.94 27.87
CA GLU C 197 17.36 -2.80 28.68
C GLU C 197 17.50 -3.22 30.15
N THR C 198 18.41 -2.55 30.85
CA THR C 198 18.63 -2.84 32.26
C THR C 198 18.17 -1.62 33.07
N PRO C 199 18.01 -1.77 34.39
CA PRO C 199 17.54 -0.67 35.26
C PRO C 199 18.28 0.65 35.18
N MET C 200 17.51 1.73 35.22
CA MET C 200 18.07 3.07 35.22
C MET C 200 18.02 3.60 36.66
N MET C 201 17.29 2.88 37.51
CA MET C 201 17.17 3.22 38.92
C MET C 201 17.87 2.09 39.68
N HIS C 202 18.92 2.44 40.41
CA HIS C 202 19.74 1.46 41.14
C HIS C 202 19.71 1.61 42.66
N ALA C 203 19.87 0.49 43.35
CA ALA C 203 19.92 0.51 44.81
C ALA C 203 21.25 1.14 45.19
N VAL C 204 22.27 0.85 44.37
CA VAL C 204 23.62 1.38 44.56
C VAL C 204 24.14 1.87 43.22
N ALA C 205 24.47 3.15 43.11
CA ALA C 205 24.97 3.71 41.85
C ALA C 205 26.44 3.35 41.62
N GLY C 206 26.70 2.30 40.86
CA GLY C 206 28.06 1.89 40.59
C GLY C 206 28.39 1.80 39.12
N GLY C 207 29.59 1.33 38.81
CA GLY C 207 30.00 1.18 37.42
C GLY C 207 30.79 2.35 36.85
N ALA C 208 31.00 3.39 37.66
CA ALA C 208 31.76 4.54 37.22
C ALA C 208 32.12 5.43 38.42
N ALA C 209 32.88 6.48 38.16
CA ALA C 209 33.29 7.43 39.19
C ALA C 209 32.55 8.73 38.93
N ALA C 210 31.42 8.90 39.60
CA ALA C 210 30.61 10.11 39.42
C ALA C 210 29.58 10.25 40.53
N ARG C 211 29.12 11.49 40.74
CA ARG C 211 28.10 11.78 41.75
C ARG C 211 26.75 11.46 41.12
N PRO C 212 25.88 10.74 41.85
CA PRO C 212 24.58 10.39 41.29
C PRO C 212 23.44 11.32 41.69
N PHE C 213 22.32 11.18 40.99
CA PHE C 213 21.11 11.91 41.31
C PHE C 213 20.40 10.96 42.27
N ILE C 214 19.92 11.50 43.39
CA ILE C 214 19.24 10.68 44.39
C ILE C 214 17.74 10.92 44.33
N THR C 215 16.96 9.86 44.46
CA THR C 215 15.51 10.02 44.44
C THR C 215 14.88 9.06 45.44
N HIS C 216 13.56 9.09 45.56
CA HIS C 216 12.89 8.25 46.54
C HIS C 216 11.62 7.61 46.01
N HIS C 217 11.45 6.33 46.33
CA HIS C 217 10.26 5.60 45.93
C HIS C 217 9.32 5.63 47.13
N ASN C 218 8.18 6.30 46.96
CA ASN C 218 7.20 6.44 48.04
C ASN C 218 6.54 5.17 48.54
N ALA C 219 5.87 4.44 47.65
CA ALA C 219 5.17 3.23 48.04
C ALA C 219 6.08 2.20 48.70
N LEU C 220 7.29 2.06 48.19
CA LEU C 220 8.24 1.10 48.74
C LEU C 220 9.14 1.74 49.79
N ASP C 221 9.01 3.05 49.97
CA ASP C 221 9.84 3.78 50.93
C ASP C 221 11.27 3.29 50.75
N MET C 222 11.87 3.65 49.62
CA MET C 222 13.22 3.22 49.30
C MET C 222 14.00 4.31 48.56
N THR C 223 15.28 4.46 48.91
CA THR C 223 16.12 5.44 48.26
C THR C 223 16.68 4.79 47.00
N LEU C 224 16.56 5.49 45.88
CA LEU C 224 17.07 4.98 44.61
C LEU C 224 18.02 5.99 44.00
N TYR C 225 18.93 5.50 43.17
CA TYR C 225 19.88 6.37 42.51
C TYR C 225 19.75 6.20 41.02
N MET C 226 19.74 7.30 40.27
CA MET C 226 19.68 7.18 38.82
C MET C 226 21.04 6.62 38.43
N ARG C 227 21.08 5.69 37.48
CA ARG C 227 22.33 5.06 37.10
C ARG C 227 23.38 6.01 36.52
N ILE C 228 24.63 5.84 36.96
CA ILE C 228 25.75 6.64 36.48
C ILE C 228 26.50 5.83 35.43
N ALA C 229 26.08 4.58 35.25
CA ALA C 229 26.69 3.67 34.28
C ALA C 229 25.77 2.46 34.11
N ILE C 230 26.00 1.69 33.05
CA ILE C 230 25.18 0.53 32.74
C ILE C 230 25.92 -0.78 33.04
N GLU C 231 27.21 -0.66 33.31
CA GLU C 231 28.10 -1.80 33.55
C GLU C 231 27.72 -2.95 34.48
N LEU C 232 27.37 -2.66 35.72
CA LEU C 232 27.09 -3.73 36.67
C LEU C 232 25.93 -4.67 36.34
N HIS C 233 24.84 -4.15 35.76
CA HIS C 233 23.74 -5.04 35.42
C HIS C 233 24.06 -5.81 34.15
N LEU C 234 24.82 -5.21 33.24
CA LEU C 234 25.19 -5.92 32.02
C LEU C 234 26.10 -7.08 32.40
N LYS C 235 26.99 -6.85 33.37
CA LYS C 235 27.88 -7.91 33.83
C LYS C 235 27.08 -9.08 34.41
N ARG C 236 25.98 -8.77 35.08
CA ARG C 236 25.13 -9.81 35.63
C ARG C 236 24.55 -10.67 34.51
N LEU C 237 24.33 -10.06 33.35
CA LEU C 237 23.79 -10.80 32.20
C LEU C 237 24.86 -11.71 31.61
N ILE C 238 26.12 -11.31 31.74
CA ILE C 238 27.23 -12.13 31.26
C ILE C 238 27.36 -13.33 32.21
N VAL C 239 27.18 -13.10 33.50
CA VAL C 239 27.21 -14.20 34.46
C VAL C 239 26.03 -15.10 34.08
N GLY C 240 24.94 -14.47 33.67
CA GLY C 240 23.73 -15.18 33.27
C GLY C 240 23.89 -15.99 32.01
N GLY C 241 25.02 -15.83 31.32
CA GLY C 241 25.30 -16.60 30.13
C GLY C 241 24.87 -16.05 28.79
N LEU C 242 24.48 -14.77 28.73
CA LEU C 242 24.04 -14.19 27.47
C LEU C 242 25.17 -13.93 26.45
N GLU C 243 26.41 -14.00 26.91
CA GLU C 243 27.61 -13.85 26.07
C GLU C 243 27.90 -12.54 25.33
N LYS C 244 26.91 -12.00 24.64
CA LYS C 244 27.09 -10.76 23.90
C LYS C 244 25.87 -9.87 24.11
N VAL C 245 26.03 -8.78 24.84
CA VAL C 245 24.93 -7.87 25.10
C VAL C 245 25.38 -6.42 24.96
N TYR C 246 24.44 -5.55 24.61
CA TYR C 246 24.75 -4.13 24.50
C TYR C 246 23.49 -3.34 24.86
N GLU C 247 23.70 -2.10 25.26
CA GLU C 247 22.59 -1.24 25.61
C GLU C 247 23.00 0.17 25.24
N ILE C 248 22.17 0.84 24.45
CA ILE C 248 22.42 2.23 24.09
C ILE C 248 21.34 2.94 24.90
N GLY C 249 21.73 3.57 25.99
CA GLY C 249 20.74 4.22 26.81
C GLY C 249 21.24 5.37 27.62
N ARG C 250 20.29 6.07 28.23
CA ARG C 250 20.59 7.23 29.05
C ARG C 250 21.31 6.87 30.34
N VAL C 251 22.24 7.72 30.72
CA VAL C 251 23.02 7.59 31.92
C VAL C 251 22.91 8.98 32.56
N PHE C 252 22.94 9.03 33.88
CA PHE C 252 22.77 10.29 34.59
C PHE C 252 23.88 10.59 35.58
N ARG C 253 24.43 11.79 35.50
CA ARG C 253 25.50 12.18 36.41
C ARG C 253 25.22 13.59 36.93
N ASN C 254 25.20 13.71 38.26
CA ASN C 254 24.92 14.97 38.94
C ASN C 254 26.18 15.82 38.91
N GLU C 255 26.49 16.37 37.74
CA GLU C 255 27.68 17.19 37.56
C GLU C 255 27.43 18.40 36.67
N GLY C 256 28.35 19.36 36.73
CA GLY C 256 28.20 20.57 35.92
C GLY C 256 28.22 20.29 34.43
N ILE C 257 27.66 21.23 33.67
CA ILE C 257 27.61 21.09 32.22
C ILE C 257 28.86 21.67 31.57
N SER C 258 29.16 21.22 30.35
CA SER C 258 30.32 21.70 29.61
C SER C 258 30.05 21.42 28.13
N THR C 259 30.98 21.82 27.28
CA THR C 259 30.81 21.58 25.85
C THR C 259 30.84 20.08 25.54
N ARG C 260 31.15 19.27 26.54
CA ARG C 260 31.20 17.83 26.36
C ARG C 260 30.49 17.06 27.46
N HIS C 261 29.81 17.78 28.34
CA HIS C 261 29.06 17.18 29.45
C HIS C 261 27.63 17.72 29.61
N ASN C 262 26.68 16.80 29.75
CA ASN C 262 25.28 17.13 29.99
C ASN C 262 24.92 16.13 31.12
N PRO C 263 24.07 16.55 32.08
CA PRO C 263 23.67 15.69 33.21
C PRO C 263 23.05 14.35 32.81
N GLU C 264 22.33 14.35 31.69
CA GLU C 264 21.79 13.10 31.19
C GLU C 264 22.37 12.95 29.78
N PHE C 265 23.00 11.82 29.52
CA PHE C 265 23.58 11.60 28.21
C PHE C 265 23.37 10.15 27.79
N THR C 266 23.74 9.85 26.56
CA THR C 266 23.55 8.51 26.02
C THR C 266 24.86 7.78 25.88
N MET C 267 24.92 6.59 26.48
CA MET C 267 26.13 5.80 26.41
C MET C 267 25.84 4.42 25.86
N LEU C 268 26.81 3.90 25.12
CA LEU C 268 26.70 2.55 24.61
C LEU C 268 27.58 1.76 25.56
N GLU C 269 27.07 0.67 26.11
CA GLU C 269 27.88 -0.21 26.94
C GLU C 269 27.64 -1.58 26.32
N LEU C 270 28.69 -2.36 26.19
CA LEU C 270 28.53 -3.69 25.63
C LEU C 270 29.57 -4.59 26.22
N TYR C 271 29.22 -5.86 26.37
CA TYR C 271 30.11 -6.84 26.96
C TYR C 271 30.16 -8.08 26.11
N GLU C 272 31.36 -8.63 25.99
CA GLU C 272 31.56 -9.83 25.20
C GLU C 272 32.37 -10.87 25.94
N ALA C 273 31.74 -11.99 26.25
CA ALA C 273 32.42 -13.07 26.94
C ALA C 273 33.50 -13.65 26.03
N TYR C 274 34.60 -14.10 26.65
CA TYR C 274 35.73 -14.72 25.95
C TYR C 274 36.62 -13.79 25.15
N ALA C 275 36.41 -12.48 25.32
CA ALA C 275 37.24 -11.49 24.63
C ALA C 275 38.03 -10.73 25.68
N ASP C 276 39.13 -10.09 25.28
CA ASP C 276 39.92 -9.28 26.19
C ASP C 276 39.97 -7.86 25.61
N PHE C 277 40.67 -6.93 26.26
CA PHE C 277 40.66 -5.57 25.74
C PHE C 277 41.26 -5.36 24.36
N ARG C 278 42.13 -6.27 23.94
CA ARG C 278 42.72 -6.14 22.60
C ARG C 278 41.62 -6.43 21.57
N ASP C 279 40.76 -7.40 21.88
CA ASP C 279 39.66 -7.74 20.99
C ASP C 279 38.73 -6.54 20.92
N ILE C 280 38.51 -5.89 22.07
CA ILE C 280 37.63 -4.74 22.14
C ILE C 280 38.20 -3.55 21.35
N MET C 281 39.52 -3.43 21.28
CA MET C 281 40.12 -2.34 20.50
C MET C 281 39.70 -2.53 19.04
N LYS C 282 39.82 -3.76 18.55
CA LYS C 282 39.46 -4.06 17.17
C LYS C 282 37.97 -3.80 16.93
N LEU C 283 37.14 -4.26 17.86
CA LEU C 283 35.70 -4.03 17.75
C LEU C 283 35.39 -2.54 17.70
N THR C 284 36.05 -1.77 18.57
CA THR C 284 35.80 -0.33 18.63
C THR C 284 36.18 0.40 17.34
N GLU C 285 37.38 0.14 16.81
CA GLU C 285 37.76 0.82 15.59
C GLU C 285 36.88 0.34 14.41
N ASN C 286 36.49 -0.93 14.41
CA ASN C 286 35.65 -1.42 13.32
C ASN C 286 34.23 -0.85 13.39
N LEU C 287 33.67 -0.78 14.59
CA LEU C 287 32.33 -0.25 14.78
C LEU C 287 32.25 1.22 14.36
N ILE C 288 33.20 2.01 14.84
CA ILE C 288 33.21 3.42 14.50
C ILE C 288 33.49 3.65 13.01
N ALA C 289 34.39 2.85 12.44
CA ALA C 289 34.69 2.97 11.02
C ALA C 289 33.45 2.62 10.21
N HIS C 290 32.73 1.58 10.65
CA HIS C 290 31.52 1.16 9.96
C HIS C 290 30.52 2.30 9.94
N ILE C 291 30.30 2.92 11.11
CA ILE C 291 29.36 4.03 11.23
C ILE C 291 29.75 5.23 10.36
N ALA C 292 31.00 5.65 10.46
CA ALA C 292 31.46 6.78 9.67
C ALA C 292 31.30 6.49 8.18
N THR C 293 31.66 5.28 7.78
CA THR C 293 31.57 4.90 6.37
C THR C 293 30.14 4.91 5.86
N GLU C 294 29.22 4.31 6.61
CA GLU C 294 27.82 4.29 6.19
C GLU C 294 27.18 5.67 6.14
N VAL C 295 27.43 6.45 7.17
CA VAL C 295 26.84 7.78 7.29
C VAL C 295 27.51 8.90 6.49
N LEU C 296 28.84 8.91 6.46
CA LEU C 296 29.56 9.97 5.76
C LEU C 296 30.20 9.50 4.46
N GLY C 297 30.26 8.20 4.25
CA GLY C 297 30.85 7.68 3.03
C GLY C 297 32.37 7.52 3.11
N THR C 298 32.95 7.96 4.22
CA THR C 298 34.40 7.86 4.40
C THR C 298 34.80 7.98 5.87
N THR C 299 35.99 7.49 6.20
CA THR C 299 36.49 7.55 7.55
C THR C 299 37.46 8.72 7.74
N LYS C 300 37.68 9.50 6.69
CA LYS C 300 38.52 10.69 6.79
C LYS C 300 37.54 11.84 6.93
N ILE C 301 37.53 12.45 8.10
CA ILE C 301 36.60 13.54 8.38
C ILE C 301 37.27 14.82 8.84
N GLN C 302 36.44 15.86 8.94
CA GLN C 302 36.91 17.16 9.38
C GLN C 302 36.21 17.48 10.69
N TYR C 303 36.98 17.93 11.68
CA TYR C 303 36.40 18.32 12.95
C TYR C 303 37.15 19.55 13.41
N GLY C 304 36.45 20.68 13.46
CA GLY C 304 37.12 21.91 13.85
C GLY C 304 38.21 22.16 12.83
N GLU C 305 39.42 22.44 13.29
CA GLU C 305 40.53 22.69 12.37
C GLU C 305 41.35 21.43 12.15
N HIS C 306 40.80 20.29 12.53
CA HIS C 306 41.52 19.02 12.40
C HIS C 306 41.03 18.10 11.29
N LEU C 307 41.98 17.44 10.65
CA LEU C 307 41.67 16.46 9.62
C LEU C 307 41.87 15.17 10.40
N VAL C 308 40.77 14.54 10.76
CA VAL C 308 40.82 13.32 11.56
C VAL C 308 40.66 12.07 10.70
N ASP C 309 41.65 11.18 10.78
CA ASP C 309 41.59 9.94 10.02
C ASP C 309 41.12 8.79 10.90
N LEU C 310 39.87 8.36 10.70
CA LEU C 310 39.29 7.28 11.49
C LEU C 310 39.49 5.91 10.84
N THR C 311 40.39 5.84 9.87
CA THR C 311 40.65 4.58 9.20
C THR C 311 41.47 3.61 10.08
N PRO C 312 40.92 2.41 10.33
CA PRO C 312 41.66 1.45 11.17
C PRO C 312 42.91 1.03 10.38
N GLU C 313 43.98 0.60 11.05
CA GLU C 313 44.04 0.48 12.51
C GLU C 313 44.52 1.77 13.17
N TRP C 314 44.01 2.02 14.37
CA TRP C 314 44.39 3.23 15.09
C TRP C 314 45.64 3.04 15.94
N ARG C 315 46.23 4.14 16.38
CA ARG C 315 47.43 4.08 17.19
C ARG C 315 47.19 3.48 18.58
N ARG C 316 48.10 2.62 19.03
CA ARG C 316 48.02 2.03 20.36
C ARG C 316 49.18 2.67 21.11
N LEU C 317 48.92 3.22 22.29
CA LEU C 317 49.98 3.87 23.05
C LEU C 317 49.74 3.70 24.55
N HIS C 318 50.70 3.14 25.27
CA HIS C 318 50.54 2.95 26.70
C HIS C 318 50.54 4.32 27.36
N MET C 319 49.72 4.50 28.39
CA MET C 319 49.64 5.77 29.09
C MET C 319 51.01 6.25 29.57
N VAL C 320 51.81 5.32 30.10
CA VAL C 320 53.14 5.68 30.59
C VAL C 320 54.02 6.14 29.44
N ASP C 321 53.94 5.48 28.31
CA ASP C 321 54.75 5.87 27.15
C ASP C 321 54.27 7.21 26.62
N ALA C 322 52.98 7.48 26.77
CA ALA C 322 52.40 8.74 26.32
C ALA C 322 52.99 9.88 27.13
N ILE C 323 53.05 9.69 28.44
CA ILE C 323 53.59 10.70 29.34
C ILE C 323 55.08 10.91 29.03
N LYS C 324 55.77 9.83 28.68
CA LYS C 324 57.18 9.96 28.35
C LYS C 324 57.37 10.77 27.06
N GLU C 325 56.54 10.50 26.05
CA GLU C 325 56.65 11.21 24.77
C GLU C 325 56.23 12.68 24.83
N TYR C 326 55.11 12.93 25.51
CA TYR C 326 54.57 14.28 25.58
C TYR C 326 54.99 15.16 26.76
N VAL C 327 55.63 14.57 27.77
CA VAL C 327 56.08 15.34 28.93
C VAL C 327 57.57 15.11 29.20
N GLY C 328 57.98 13.85 29.22
CA GLY C 328 59.38 13.54 29.46
C GLY C 328 59.62 12.70 30.71
N VAL C 329 58.61 12.58 31.54
CA VAL C 329 58.73 11.80 32.77
C VAL C 329 58.46 10.33 32.44
N ASP C 330 59.30 9.45 32.98
CA ASP C 330 59.16 8.02 32.75
C ASP C 330 58.63 7.30 33.98
N PHE C 331 57.32 7.03 34.00
CA PHE C 331 56.73 6.36 35.14
C PHE C 331 56.87 4.84 35.16
N TRP C 332 57.68 4.29 34.26
CA TRP C 332 57.90 2.85 34.26
C TRP C 332 58.76 2.53 35.48
N ARG C 333 59.52 3.54 35.91
CA ARG C 333 60.39 3.38 37.07
C ARG C 333 59.58 3.17 38.34
N GLN C 334 59.99 2.19 39.15
CA GLN C 334 59.31 1.91 40.40
C GLN C 334 59.69 3.05 41.33
N MET C 335 58.69 3.72 41.90
CA MET C 335 58.94 4.85 42.79
C MET C 335 57.90 4.92 43.91
N SER C 336 58.23 5.68 44.94
CA SER C 336 57.34 5.83 46.09
C SER C 336 56.29 6.88 45.76
N ASP C 337 55.20 6.89 46.51
CA ASP C 337 54.15 7.88 46.28
C ASP C 337 54.74 9.27 46.47
N GLU C 338 55.64 9.40 47.43
CA GLU C 338 56.27 10.69 47.70
C GLU C 338 57.09 11.14 46.50
N GLU C 339 57.76 10.20 45.85
CA GLU C 339 58.55 10.53 44.68
C GLU C 339 57.64 11.01 43.56
N ALA C 340 56.48 10.37 43.42
CA ALA C 340 55.53 10.77 42.39
C ALA C 340 54.96 12.17 42.69
N ARG C 341 54.74 12.45 43.98
CA ARG C 341 54.20 13.76 44.37
C ARG C 341 55.20 14.86 44.07
N GLU C 342 56.49 14.56 44.24
CA GLU C 342 57.53 15.54 43.96
C GLU C 342 57.54 15.85 42.47
N LEU C 343 57.49 14.82 41.64
CA LEU C 343 57.48 15.00 40.20
C LEU C 343 56.29 15.85 39.78
N ALA C 344 55.14 15.60 40.39
CA ALA C 344 53.93 16.36 40.08
C ALA C 344 54.16 17.84 40.35
N LYS C 345 54.80 18.14 41.48
CA LYS C 345 55.08 19.51 41.85
C LYS C 345 56.01 20.16 40.85
N GLU C 346 57.07 19.46 40.49
CA GLU C 346 58.05 19.95 39.54
C GLU C 346 57.45 20.21 38.16
N HIS C 347 56.44 19.44 37.78
CA HIS C 347 55.85 19.58 36.46
C HIS C 347 54.49 20.30 36.40
N GLY C 348 54.12 20.94 37.51
CA GLY C 348 52.86 21.67 37.53
C GLY C 348 51.59 20.84 37.44
N VAL C 349 51.65 19.61 37.94
CA VAL C 349 50.49 18.72 37.92
C VAL C 349 49.78 18.78 39.27
N GLU C 350 48.50 19.18 39.25
CA GLU C 350 47.71 19.29 40.46
C GLU C 350 47.26 17.92 40.95
N VAL C 351 47.38 17.69 42.27
CA VAL C 351 47.00 16.41 42.85
C VAL C 351 46.16 16.59 44.11
N ALA C 352 45.33 15.60 44.42
CA ALA C 352 44.47 15.62 45.60
C ALA C 352 45.05 14.73 46.71
N PRO C 353 44.65 14.98 47.95
CA PRO C 353 45.08 14.24 49.16
C PRO C 353 45.06 12.72 49.09
N HIS C 354 44.00 12.16 48.54
CA HIS C 354 43.85 10.70 48.44
C HIS C 354 44.69 10.04 47.36
N MET C 355 45.31 10.83 46.50
CA MET C 355 46.11 10.28 45.41
C MET C 355 47.47 9.67 45.74
N THR C 356 47.75 8.54 45.09
CA THR C 356 49.02 7.84 45.23
C THR C 356 49.62 7.74 43.82
N PHE C 357 50.68 6.96 43.66
CA PHE C 357 51.34 6.81 42.36
C PHE C 357 50.41 6.71 41.15
N GLY C 358 49.51 5.74 41.18
CA GLY C 358 48.59 5.53 40.08
C GLY C 358 47.75 6.74 39.70
N HIS C 359 47.14 7.38 40.70
CA HIS C 359 46.32 8.56 40.42
C HIS C 359 47.18 9.66 39.81
N ILE C 360 48.41 9.79 40.30
CA ILE C 360 49.29 10.84 39.81
C ILE C 360 49.69 10.64 38.36
N VAL C 361 49.94 9.39 37.98
CA VAL C 361 50.29 9.09 36.60
C VAL C 361 49.14 9.57 35.72
N ASN C 362 47.91 9.23 36.13
CA ASN C 362 46.73 9.63 35.37
C ASN C 362 46.60 11.15 35.31
N GLU C 363 46.94 11.85 36.39
CA GLU C 363 46.84 13.31 36.39
C GLU C 363 47.83 13.90 35.40
N PHE C 364 49.03 13.32 35.32
CA PHE C 364 50.03 13.79 34.38
C PHE C 364 49.44 13.66 32.97
N PHE C 365 48.82 12.52 32.71
CA PHE C 365 48.23 12.28 31.40
C PHE C 365 47.08 13.23 31.07
N GLU C 366 46.11 13.34 31.98
CA GLU C 366 44.96 14.20 31.74
C GLU C 366 45.30 15.69 31.62
N GLN C 367 46.15 16.17 32.51
CA GLN C 367 46.52 17.58 32.53
C GLN C 367 47.55 18.03 31.50
N LYS C 368 48.48 17.15 31.15
CA LYS C 368 49.53 17.55 30.22
C LYS C 368 49.62 16.81 28.89
N VAL C 369 48.85 15.74 28.72
CA VAL C 369 48.95 14.96 27.49
C VAL C 369 47.71 14.81 26.62
N GLU C 370 46.60 14.40 27.23
CA GLU C 370 45.39 14.13 26.47
C GLU C 370 44.89 15.13 25.44
N ASP C 371 45.06 16.43 25.68
CA ASP C 371 44.57 17.39 24.71
C ASP C 371 45.39 17.42 23.41
N LYS C 372 46.53 16.74 23.39
CA LYS C 372 47.36 16.71 22.19
C LYS C 372 47.05 15.50 21.31
N LEU C 373 46.22 14.60 21.80
CA LEU C 373 45.87 13.41 21.03
C LEU C 373 44.71 13.69 20.09
N ILE C 374 45.04 14.11 18.87
CA ILE C 374 44.03 14.45 17.87
C ILE C 374 43.56 13.24 17.07
N GLN C 375 44.49 12.46 16.54
CA GLN C 375 44.11 11.28 15.76
C GLN C 375 43.63 10.21 16.73
N PRO C 376 42.68 9.36 16.31
CA PRO C 376 42.19 8.31 17.21
C PRO C 376 43.33 7.51 17.81
N THR C 377 43.38 7.48 19.14
CA THR C 377 44.43 6.79 19.85
C THR C 377 43.90 5.96 21.02
N PHE C 378 44.34 4.71 21.10
CA PHE C 378 43.95 3.84 22.20
C PHE C 378 45.03 3.98 23.29
N ILE C 379 44.75 4.78 24.31
CA ILE C 379 45.68 4.96 25.42
C ILE C 379 45.36 3.82 26.37
N TYR C 380 46.34 2.99 26.68
CA TYR C 380 46.07 1.84 27.55
C TYR C 380 47.02 1.68 28.72
N GLY C 381 46.65 0.79 29.65
CA GLY C 381 47.48 0.54 30.81
C GLY C 381 47.18 1.43 32.00
N HIS C 382 45.94 1.91 32.10
CA HIS C 382 45.55 2.77 33.20
C HIS C 382 45.93 2.18 34.56
N PRO C 383 46.51 3.00 35.45
CA PRO C 383 46.91 2.52 36.78
C PRO C 383 45.74 1.82 37.47
N VAL C 384 46.06 0.81 38.29
CA VAL C 384 45.04 0.04 38.98
C VAL C 384 44.16 0.86 39.94
N GLU C 385 44.72 1.88 40.58
CA GLU C 385 43.96 2.69 41.52
C GLU C 385 42.74 3.40 40.95
N ILE C 386 42.79 3.74 39.66
CA ILE C 386 41.67 4.42 39.03
C ILE C 386 40.88 3.48 38.13
N SER C 387 41.17 2.18 38.23
CA SER C 387 40.50 1.17 37.42
C SER C 387 40.01 0.01 38.29
N PRO C 388 39.07 0.28 39.20
CA PRO C 388 38.53 -0.72 40.12
C PRO C 388 37.76 -1.91 39.53
N LEU C 389 37.38 -1.83 38.26
CA LEU C 389 36.62 -2.91 37.65
C LEU C 389 37.38 -3.61 36.52
N ALA C 390 38.65 -3.26 36.36
CA ALA C 390 39.48 -3.83 35.31
C ALA C 390 40.55 -4.78 35.86
N LYS C 391 40.87 -5.80 35.08
CA LYS C 391 41.87 -6.79 35.48
C LYS C 391 43.28 -6.23 35.41
N LYS C 392 44.11 -6.56 36.40
CA LYS C 392 45.49 -6.08 36.39
C LYS C 392 46.28 -6.69 35.25
N ASN C 393 47.27 -5.95 34.77
CA ASN C 393 48.13 -6.44 33.71
C ASN C 393 49.00 -7.50 34.37
N PRO C 394 49.14 -8.68 33.73
CA PRO C 394 49.96 -9.78 34.27
C PRO C 394 51.44 -9.45 34.49
N ASP C 395 52.01 -8.65 33.60
CA ASP C 395 53.42 -8.28 33.68
C ASP C 395 53.77 -7.22 34.73
N ASP C 396 52.92 -6.21 34.86
CA ASP C 396 53.14 -5.11 35.81
C ASP C 396 51.78 -4.79 36.42
N PRO C 397 51.53 -5.30 37.64
CA PRO C 397 50.26 -5.09 38.35
C PRO C 397 49.92 -3.66 38.78
N ARG C 398 50.83 -2.71 38.52
CA ARG C 398 50.56 -1.32 38.85
C ARG C 398 49.54 -0.81 37.84
N PHE C 399 49.47 -1.50 36.71
CA PHE C 399 48.57 -1.11 35.64
C PHE C 399 47.56 -2.20 35.31
N THR C 400 46.49 -1.80 34.62
CA THR C 400 45.43 -2.72 34.24
C THR C 400 45.27 -2.80 32.73
N ASP C 401 44.63 -3.86 32.25
CA ASP C 401 44.41 -4.02 30.83
C ASP C 401 43.11 -3.29 30.51
N ARG C 402 43.26 -1.98 30.40
CA ARG C 402 42.17 -1.06 30.13
C ARG C 402 42.65 -0.05 29.10
N PHE C 403 41.74 0.51 28.32
CA PHE C 403 42.12 1.54 27.37
C PHE C 403 41.03 2.57 27.28
N GLU C 404 41.42 3.78 26.86
CA GLU C 404 40.46 4.85 26.65
C GLU C 404 40.76 5.35 25.26
N LEU C 405 39.71 5.66 24.51
CA LEU C 405 39.87 6.15 23.16
C LEU C 405 39.88 7.67 23.15
N PHE C 406 40.94 8.24 22.61
CA PHE C 406 41.04 9.69 22.53
C PHE C 406 41.01 10.14 21.08
N ILE C 407 40.19 11.15 20.80
CA ILE C 407 40.07 11.72 19.46
C ILE C 407 39.86 13.22 19.68
N VAL C 408 40.46 14.02 18.82
CA VAL C 408 40.38 15.49 18.94
C VAL C 408 40.52 15.98 20.38
N GLY C 409 41.48 15.40 21.09
CA GLY C 409 41.78 15.79 22.45
C GLY C 409 40.82 15.43 23.58
N ARG C 410 39.89 14.52 23.34
CA ARG C 410 38.95 14.14 24.41
C ARG C 410 38.63 12.65 24.37
N GLU C 411 38.22 12.09 25.50
N GLU C 411 38.20 12.11 25.50
CA GLU C 411 37.89 10.68 25.56
CA GLU C 411 37.86 10.70 25.58
C GLU C 411 36.51 10.38 24.96
C GLU C 411 36.50 10.39 24.96
N HIS C 412 36.47 9.37 24.11
CA HIS C 412 35.23 8.94 23.45
C HIS C 412 34.81 7.56 23.90
N ALA C 413 35.75 6.78 24.42
CA ALA C 413 35.44 5.43 24.87
C ALA C 413 36.32 4.97 26.02
N ASN C 414 35.84 3.95 26.74
CA ASN C 414 36.54 3.39 27.88
C ASN C 414 36.23 1.90 27.84
N ALA C 415 37.26 1.07 27.98
CA ALA C 415 37.06 -0.36 27.91
C ALA C 415 38.13 -1.15 28.63
N PHE C 416 37.79 -2.35 29.08
CA PHE C 416 38.79 -3.17 29.73
C PHE C 416 38.59 -4.67 29.64
N THR C 417 39.62 -5.37 30.08
CA THR C 417 39.58 -6.81 30.20
C THR C 417 38.93 -6.77 31.58
N GLU C 418 37.68 -7.18 31.65
CA GLU C 418 36.91 -7.11 32.89
C GLU C 418 37.43 -7.94 34.06
N LEU C 419 37.28 -7.38 35.26
CA LEU C 419 37.72 -8.09 36.46
C LEU C 419 36.64 -9.10 36.81
N ASN C 420 36.97 -10.38 36.76
CA ASN C 420 35.99 -11.40 37.10
C ASN C 420 36.36 -12.18 38.36
N ASP C 421 37.49 -11.81 38.97
CA ASP C 421 37.95 -12.43 40.21
C ASP C 421 37.16 -11.74 41.33
N PRO C 422 36.23 -12.45 41.98
CA PRO C 422 35.41 -11.86 43.06
C PRO C 422 36.20 -11.38 44.27
N ILE C 423 37.26 -12.12 44.61
CA ILE C 423 38.09 -11.78 45.76
C ILE C 423 38.83 -10.48 45.48
N ASP C 424 39.41 -10.37 44.28
CA ASP C 424 40.12 -9.17 43.88
C ASP C 424 39.13 -8.01 43.80
N GLN C 425 37.96 -8.27 43.23
CA GLN C 425 36.95 -7.22 43.09
C GLN C 425 36.53 -6.65 44.45
N ARG C 426 36.32 -7.53 45.43
CA ARG C 426 35.93 -7.03 46.75
C ARG C 426 37.04 -6.14 47.27
N GLN C 427 38.29 -6.56 47.08
CA GLN C 427 39.44 -5.78 47.52
C GLN C 427 39.44 -4.40 46.86
N ARG C 428 39.12 -4.36 45.57
CA ARG C 428 39.10 -3.08 44.85
C ARG C 428 38.06 -2.16 45.47
N PHE C 429 36.88 -2.71 45.79
CA PHE C 429 35.82 -1.90 46.38
C PHE C 429 36.27 -1.39 47.76
N GLU C 430 36.94 -2.24 48.52
CA GLU C 430 37.40 -1.82 49.84
C GLU C 430 38.40 -0.67 49.71
N GLU C 431 39.26 -0.74 48.69
CA GLU C 431 40.22 0.32 48.47
C GLU C 431 39.50 1.62 48.07
N GLN C 432 38.43 1.48 47.30
CA GLN C 432 37.65 2.64 46.88
C GLN C 432 36.96 3.28 48.08
N LEU C 433 36.41 2.44 48.96
CA LEU C 433 35.74 2.96 50.14
C LEU C 433 36.74 3.74 50.99
N LYS C 434 37.98 3.27 51.02
CA LYS C 434 39.04 3.94 51.77
C LYS C 434 39.31 5.30 51.12
N GLU C 435 39.32 5.34 49.79
CA GLU C 435 39.56 6.59 49.08
C GLU C 435 38.48 7.61 49.42
N ARG C 436 37.25 7.14 49.59
CA ARG C 436 36.14 8.02 49.92
C ARG C 436 36.35 8.61 51.30
N GLU C 437 36.90 7.82 52.21
CA GLU C 437 37.16 8.30 53.56
C GLU C 437 38.26 9.36 53.50
N GLN C 438 39.08 9.31 52.46
CA GLN C 438 40.16 10.27 52.31
C GLN C 438 39.83 11.47 51.41
N GLY C 439 38.54 11.66 51.14
CA GLY C 439 38.12 12.80 50.34
C GLY C 439 37.62 12.57 48.92
N ASN C 440 37.76 11.35 48.39
CA ASN C 440 37.27 11.11 47.04
C ASN C 440 35.80 10.71 47.07
N ASP C 441 34.92 11.70 46.96
CA ASP C 441 33.49 11.41 47.02
C ASP C 441 32.93 10.87 45.71
N GLU C 442 33.81 10.47 44.80
CA GLU C 442 33.40 9.90 43.53
C GLU C 442 33.84 8.44 43.48
N ALA C 443 34.46 7.98 44.55
CA ALA C 443 34.93 6.60 44.62
C ALA C 443 33.75 5.64 44.53
N HIS C 444 34.02 4.42 44.06
CA HIS C 444 33.01 3.39 43.91
C HIS C 444 32.56 2.94 45.30
N GLU C 445 31.30 2.56 45.44
CA GLU C 445 30.79 2.11 46.72
C GLU C 445 30.63 0.60 46.69
N MET C 446 30.37 -0.01 47.84
CA MET C 446 30.21 -1.46 47.90
C MET C 446 28.91 -1.91 47.25
N ASP C 447 28.96 -3.03 46.56
CA ASP C 447 27.78 -3.58 45.91
C ASP C 447 27.82 -5.09 46.13
N GLU C 448 27.29 -5.53 47.28
CA GLU C 448 27.29 -6.95 47.62
C GLU C 448 26.53 -7.82 46.62
N ASP C 449 25.42 -7.31 46.08
CA ASP C 449 24.64 -8.07 45.11
C ASP C 449 25.50 -8.34 43.88
N PHE C 450 26.31 -7.36 43.49
CA PHE C 450 27.18 -7.52 42.35
C PHE C 450 28.28 -8.54 42.65
N LEU C 451 28.87 -8.47 43.84
CA LEU C 451 29.92 -9.41 44.20
C LEU C 451 29.36 -10.83 44.23
N GLU C 452 28.13 -10.95 44.72
CA GLU C 452 27.47 -12.26 44.79
C GLU C 452 27.37 -12.82 43.37
N ALA C 453 26.97 -11.98 42.43
CA ALA C 453 26.85 -12.39 41.04
C ALA C 453 28.18 -12.94 40.53
N LEU C 454 29.27 -12.22 40.79
CA LEU C 454 30.59 -12.66 40.35
C LEU C 454 30.98 -14.00 40.97
N GLU C 455 30.52 -14.26 42.18
CA GLU C 455 30.85 -15.50 42.86
C GLU C 455 30.23 -16.72 42.19
N TYR C 456 29.19 -16.51 41.37
CA TYR C 456 28.60 -17.65 40.68
C TYR C 456 29.42 -17.89 39.42
N GLY C 457 30.32 -16.96 39.14
CA GLY C 457 31.20 -17.07 37.99
C GLY C 457 30.92 -16.27 36.73
N MET C 458 31.78 -15.29 36.44
CA MET C 458 31.65 -14.49 35.23
C MET C 458 32.85 -14.88 34.37
N PRO C 459 32.60 -15.34 33.14
CA PRO C 459 33.71 -15.74 32.27
C PRO C 459 34.64 -14.58 31.92
N PRO C 460 35.84 -14.89 31.39
CA PRO C 460 36.71 -13.75 31.03
C PRO C 460 35.85 -12.96 30.06
N THR C 461 35.87 -11.63 30.19
CA THR C 461 35.04 -10.78 29.37
C THR C 461 35.73 -9.50 28.96
N GLY C 462 35.31 -8.94 27.83
CA GLY C 462 35.85 -7.68 27.34
C GLY C 462 34.67 -6.73 27.36
N GLY C 463 34.82 -5.55 27.97
CA GLY C 463 33.73 -4.60 28.03
C GLY C 463 34.05 -3.26 27.40
N LEU C 464 33.02 -2.54 26.98
CA LEU C 464 33.21 -1.27 26.29
C LEU C 464 32.12 -0.25 26.61
N GLY C 465 32.52 1.02 26.69
CA GLY C 465 31.58 2.10 26.92
C GLY C 465 31.91 3.22 25.96
N ILE C 466 30.94 3.67 25.16
CA ILE C 466 31.19 4.76 24.22
C ILE C 466 30.19 5.89 24.48
N GLY C 467 30.70 7.12 24.53
CA GLY C 467 29.83 8.27 24.73
C GLY C 467 29.20 8.54 23.38
N VAL C 468 27.94 8.17 23.20
CA VAL C 468 27.25 8.36 21.93
C VAL C 468 27.15 9.83 21.50
N ASP C 469 26.83 10.71 22.44
CA ASP C 469 26.73 12.13 22.12
C ASP C 469 28.07 12.64 21.59
N ARG C 470 29.16 12.26 22.23
CA ARG C 470 30.47 12.71 21.77
C ARG C 470 30.80 12.15 20.39
N LEU C 471 30.40 10.92 20.13
CA LEU C 471 30.66 10.34 18.81
C LEU C 471 29.84 11.13 17.77
N VAL C 472 28.61 11.49 18.12
CA VAL C 472 27.75 12.24 17.22
C VAL C 472 28.38 13.62 16.95
N MET C 473 28.96 14.23 17.98
CA MET C 473 29.61 15.52 17.81
C MET C 473 30.74 15.40 16.77
N LEU C 474 31.56 14.37 16.93
CA LEU C 474 32.69 14.14 16.03
C LEU C 474 32.25 13.95 14.58
N LEU C 475 31.23 13.11 14.37
CA LEU C 475 30.76 12.81 13.03
C LEU C 475 29.85 13.86 12.39
N THR C 476 29.46 14.89 13.15
CA THR C 476 28.63 15.96 12.60
C THR C 476 29.38 17.27 12.67
N ASN C 477 30.64 17.20 13.10
CA ASN C 477 31.50 18.39 13.25
C ASN C 477 30.79 19.46 14.09
N SER C 478 30.25 19.02 15.23
CA SER C 478 29.57 19.90 16.17
C SER C 478 30.55 20.21 17.30
N PRO C 479 30.82 21.51 17.55
CA PRO C 479 31.75 21.94 18.61
C PRO C 479 31.30 21.71 20.04
N SER C 480 30.00 21.61 20.26
CA SER C 480 29.46 21.41 21.61
C SER C 480 28.39 20.34 21.67
N ILE C 481 28.29 19.67 22.81
CA ILE C 481 27.29 18.64 23.01
C ILE C 481 25.90 19.27 22.97
N ARG C 482 25.83 20.58 23.25
CA ARG C 482 24.55 21.26 23.23
C ARG C 482 23.99 21.31 21.81
N ASP C 483 24.85 21.06 20.83
CA ASP C 483 24.47 21.07 19.42
C ASP C 483 23.94 19.72 18.92
N VAL C 484 24.19 18.64 19.67
CA VAL C 484 23.72 17.32 19.25
C VAL C 484 22.60 16.79 20.12
N LEU C 485 22.18 17.61 21.10
CA LEU C 485 21.09 17.25 22.00
C LEU C 485 19.93 18.17 21.65
N LEU C 486 18.74 17.60 21.45
CA LEU C 486 17.59 18.42 21.11
C LEU C 486 17.24 19.42 22.20
N PHE C 487 17.32 18.99 23.45
CA PHE C 487 17.00 19.85 24.58
C PHE C 487 18.04 19.74 25.69
N PRO C 488 19.24 20.33 25.46
CA PRO C 488 20.30 20.28 26.47
C PRO C 488 19.90 20.95 27.78
N GLN C 489 20.47 20.50 28.89
CA GLN C 489 20.16 21.07 30.19
C GLN C 489 20.51 22.54 30.22
N MET C 490 19.53 23.36 30.59
CA MET C 490 19.72 24.81 30.66
C MET C 490 19.91 25.26 32.10
N ARG C 491 20.69 26.33 32.28
CA ARG C 491 20.92 26.87 33.60
C ARG C 491 19.61 27.52 34.02
N HIS C 492 19.41 27.69 35.32
CA HIS C 492 18.18 28.29 35.82
C HIS C 492 17.87 29.61 35.11
N GLU D 4 27.32 -28.76 53.93
CA GLU D 4 26.35 -27.62 53.82
C GLU D 4 26.84 -26.65 52.75
N LEU D 5 26.07 -25.59 52.52
CA LEU D 5 26.43 -24.58 51.54
C LEU D 5 27.74 -23.93 51.99
N ASN D 6 27.87 -23.74 53.30
CA ASN D 6 29.08 -23.13 53.87
C ASN D 6 30.28 -24.04 53.64
N ASP D 7 30.03 -25.35 53.65
CA ASP D 7 31.08 -26.34 53.44
C ASP D 7 31.53 -26.30 51.97
N GLN D 8 30.55 -26.21 51.07
CA GLN D 8 30.83 -26.16 49.63
C GLN D 8 31.68 -24.95 49.26
N LEU D 9 31.41 -23.82 49.91
CA LEU D 9 32.15 -22.60 49.64
C LEU D 9 33.63 -22.76 49.99
N ARG D 10 33.92 -23.39 51.13
CA ARG D 10 35.29 -23.60 51.56
C ARG D 10 36.02 -24.46 50.53
N VAL D 11 35.37 -25.52 50.08
CA VAL D 11 35.95 -26.45 49.10
C VAL D 11 36.28 -25.73 47.79
N ARG D 12 35.31 -25.01 47.25
CA ARG D 12 35.53 -24.28 46.00
C ARG D 12 36.65 -23.26 46.17
N ARG D 13 36.73 -22.72 47.37
CA ARG D 13 37.77 -21.74 47.68
C ARG D 13 39.14 -22.43 47.66
N GLU D 14 39.20 -23.69 48.09
CA GLU D 14 40.47 -24.42 48.11
C GLU D 14 40.84 -24.94 46.72
N LYS D 15 39.85 -25.26 45.91
CA LYS D 15 40.11 -25.74 44.55
C LYS D 15 40.73 -24.60 43.75
N LEU D 16 40.27 -23.39 44.04
CA LEU D 16 40.78 -22.20 43.36
C LEU D 16 42.29 -22.12 43.56
N LYS D 17 42.75 -22.50 44.75
CA LYS D 17 44.18 -22.45 45.06
C LYS D 17 44.93 -23.55 44.32
N LYS D 18 44.33 -24.73 44.24
CA LYS D 18 44.95 -25.85 43.56
C LYS D 18 45.13 -25.59 42.07
N ILE D 19 44.19 -24.85 41.48
CA ILE D 19 44.27 -24.51 40.07
C ILE D 19 45.42 -23.55 39.82
N GLU D 20 45.56 -22.58 40.73
CA GLU D 20 46.63 -21.60 40.62
C GLU D 20 47.96 -22.33 40.74
N GLU D 21 48.02 -23.31 41.63
CA GLU D 21 49.23 -24.08 41.84
C GLU D 21 49.58 -24.85 40.57
N LEU D 22 48.59 -25.09 39.71
CA LEU D 22 48.82 -25.79 38.46
C LEU D 22 49.32 -24.80 37.40
N GLY D 23 49.55 -23.57 37.83
CA GLY D 23 50.04 -22.54 36.92
C GLY D 23 49.01 -22.02 35.95
N VAL D 24 47.73 -22.16 36.31
CA VAL D 24 46.65 -21.70 35.46
C VAL D 24 46.00 -20.46 36.06
N ASP D 25 45.57 -19.54 35.20
CA ASP D 25 44.88 -18.34 35.67
C ASP D 25 43.45 -18.84 35.87
N PRO D 26 43.01 -18.97 37.13
CA PRO D 26 41.67 -19.46 37.43
C PRO D 26 40.51 -18.62 36.91
N PHE D 27 40.82 -17.46 36.33
CA PHE D 27 39.76 -16.60 35.80
C PHE D 27 39.88 -16.36 34.31
N GLY D 28 40.75 -17.16 33.70
CA GLY D 28 40.96 -17.17 32.27
C GLY D 28 41.44 -16.00 31.44
N LYS D 29 41.77 -16.34 30.20
CA LYS D 29 42.24 -15.39 29.19
C LYS D 29 41.18 -15.46 28.09
N ARG D 30 41.40 -14.76 27.00
CA ARG D 30 40.45 -14.79 25.89
C ARG D 30 40.44 -16.22 25.36
N PHE D 31 39.34 -16.61 24.74
CA PHE D 31 39.21 -17.94 24.17
C PHE D 31 38.49 -17.85 22.83
N GLU D 32 39.12 -18.35 21.77
CA GLU D 32 38.51 -18.29 20.44
C GLU D 32 37.59 -19.49 20.21
N ARG D 33 36.38 -19.22 19.75
CA ARG D 33 35.40 -20.26 19.48
C ARG D 33 35.09 -20.36 18.00
N THR D 34 34.57 -21.50 17.57
CA THR D 34 34.22 -21.70 16.17
C THR D 34 32.72 -21.92 16.04
N HIS D 35 32.10 -22.43 17.10
CA HIS D 35 30.66 -22.70 17.05
C HIS D 35 29.94 -22.53 18.38
N LYS D 36 28.61 -22.58 18.29
CA LYS D 36 27.70 -22.52 19.42
C LYS D 36 27.20 -23.95 19.54
N ALA D 37 26.73 -24.33 20.72
CA ALA D 37 26.23 -25.69 20.92
C ALA D 37 25.14 -26.10 19.94
N GLU D 38 24.18 -25.21 19.70
CA GLU D 38 23.08 -25.53 18.79
C GLU D 38 23.52 -25.66 17.33
N GLU D 39 24.49 -24.85 16.91
CA GLU D 39 24.98 -24.92 15.53
C GLU D 39 25.55 -26.30 15.24
N LEU D 40 26.28 -26.83 16.21
CA LEU D 40 26.89 -28.16 16.10
C LEU D 40 25.85 -29.21 15.76
N PHE D 41 24.74 -29.21 16.49
CA PHE D 41 23.66 -30.16 16.25
C PHE D 41 23.00 -29.94 14.90
N GLU D 42 22.81 -28.67 14.53
CA GLU D 42 22.18 -28.34 13.26
C GLU D 42 23.02 -28.76 12.05
N LEU D 43 24.33 -28.59 12.14
CA LEU D 43 25.21 -28.95 11.03
C LEU D 43 25.47 -30.44 10.87
N TYR D 44 25.43 -31.19 11.96
CA TYR D 44 25.67 -32.63 11.90
C TYR D 44 25.08 -33.45 13.04
N GLY D 45 23.86 -33.11 13.45
CA GLY D 45 23.22 -33.84 14.53
C GLY D 45 22.72 -35.20 14.07
N ASP D 46 22.67 -35.41 12.75
CA ASP D 46 22.20 -36.67 12.21
C ASP D 46 23.28 -37.45 11.47
N LEU D 47 24.48 -36.85 11.36
CA LEU D 47 25.59 -37.50 10.69
C LEU D 47 26.14 -38.62 11.58
N SER D 48 26.04 -39.85 11.08
CA SER D 48 26.52 -41.02 11.81
C SER D 48 27.97 -40.91 12.26
N LYS D 49 28.28 -41.61 13.35
CA LYS D 49 29.63 -41.60 13.92
C LYS D 49 30.70 -41.91 12.88
N GLU D 50 30.33 -42.68 11.86
CA GLU D 50 31.25 -43.07 10.79
C GLU D 50 31.87 -41.87 10.09
N GLU D 51 31.02 -41.06 9.46
CA GLU D 51 31.46 -39.87 8.76
C GLU D 51 32.24 -38.94 9.67
N LEU D 52 31.78 -38.79 10.90
CA LEU D 52 32.44 -37.92 11.87
C LEU D 52 33.85 -38.41 12.12
N GLU D 53 34.00 -39.72 12.26
CA GLU D 53 35.30 -40.33 12.50
C GLU D 53 36.23 -40.09 11.31
N GLU D 54 35.67 -40.12 10.11
CA GLU D 54 36.43 -39.93 8.88
C GLU D 54 36.86 -38.48 8.67
N GLN D 55 35.90 -37.56 8.84
CA GLN D 55 36.15 -36.14 8.65
C GLN D 55 37.02 -35.46 9.71
N GLN D 56 36.87 -35.88 10.97
CA GLN D 56 37.63 -35.28 12.05
C GLN D 56 37.36 -33.77 12.05
N ILE D 57 36.10 -33.40 12.22
CA ILE D 57 35.69 -32.00 12.24
C ILE D 57 36.10 -31.33 13.54
N GLU D 58 37.11 -30.46 13.46
CA GLU D 58 37.61 -29.77 14.64
C GLU D 58 36.75 -28.56 14.97
N VAL D 59 36.40 -28.42 16.24
CA VAL D 59 35.59 -27.31 16.69
C VAL D 59 36.13 -26.74 18.00
N ALA D 60 35.63 -25.58 18.40
CA ALA D 60 36.04 -24.94 19.64
C ALA D 60 34.83 -24.26 20.25
N VAL D 61 34.46 -24.68 21.46
CA VAL D 61 33.32 -24.12 22.14
C VAL D 61 33.70 -23.79 23.57
N ALA D 62 32.84 -23.05 24.24
CA ALA D 62 33.07 -22.69 25.64
C ALA D 62 31.73 -22.58 26.35
N GLY D 63 31.71 -22.86 27.64
CA GLY D 63 30.47 -22.78 28.38
C GLY D 63 30.59 -23.21 29.82
N ARG D 64 29.48 -23.17 30.54
CA ARG D 64 29.42 -23.54 31.95
C ARG D 64 29.15 -25.03 32.14
N ILE D 65 29.88 -25.65 33.06
CA ILE D 65 29.69 -27.06 33.36
C ILE D 65 28.38 -27.21 34.14
N MET D 66 27.41 -27.87 33.53
CA MET D 66 26.10 -28.07 34.17
C MET D 66 25.99 -29.44 34.82
N THR D 67 26.65 -30.43 34.21
CA THR D 67 26.64 -31.79 34.73
C THR D 67 28.01 -32.40 34.46
N LYS D 68 28.38 -33.40 35.25
CA LYS D 68 29.66 -34.07 35.09
C LYS D 68 29.49 -35.51 35.57
N ARG D 69 30.18 -36.44 34.93
CA ARG D 69 30.07 -37.83 35.35
C ARG D 69 31.28 -38.66 34.95
N GLY D 70 31.42 -39.82 35.60
CA GLY D 70 32.54 -40.69 35.31
C GLY D 70 33.63 -40.67 36.35
N MET D 71 34.44 -41.71 36.33
CA MET D 71 35.56 -41.86 37.24
C MET D 71 36.70 -42.37 36.38
N GLY D 72 37.91 -42.40 36.93
CA GLY D 72 39.03 -42.90 36.16
C GLY D 72 39.69 -41.90 35.24
N LYS D 73 40.30 -42.42 34.18
CA LYS D 73 41.04 -41.61 33.23
C LYS D 73 40.25 -41.09 32.04
N ALA D 74 38.93 -41.17 32.12
CA ALA D 74 38.07 -40.66 31.06
C ALA D 74 36.79 -40.19 31.72
N GLY D 75 36.27 -39.05 31.29
CA GLY D 75 35.06 -38.52 31.89
C GLY D 75 34.22 -37.70 30.92
N PHE D 76 33.02 -37.38 31.36
CA PHE D 76 32.08 -36.60 30.55
C PHE D 76 31.62 -35.36 31.30
N ALA D 77 31.08 -34.42 30.55
CA ALA D 77 30.54 -33.19 31.11
C ALA D 77 29.67 -32.55 30.06
N HIS D 78 28.65 -31.83 30.51
CA HIS D 78 27.77 -31.12 29.61
C HIS D 78 28.01 -29.66 29.90
N ILE D 79 28.48 -28.93 28.89
CA ILE D 79 28.74 -27.51 29.05
C ILE D 79 27.63 -26.76 28.32
N GLN D 80 27.26 -25.61 28.85
CA GLN D 80 26.17 -24.84 28.30
C GLN D 80 26.59 -23.46 27.86
N ASP D 81 26.23 -23.09 26.63
CA ASP D 81 26.54 -21.76 26.14
C ASP D 81 25.20 -21.06 25.94
N VAL D 82 25.21 -19.88 25.33
CA VAL D 82 23.96 -19.14 25.16
C VAL D 82 22.89 -19.86 24.32
N THR D 83 23.30 -20.83 23.51
CA THR D 83 22.35 -21.55 22.66
C THR D 83 21.91 -22.92 23.16
N GLY D 84 22.63 -23.48 24.14
CA GLY D 84 22.23 -24.79 24.63
C GLY D 84 23.37 -25.56 25.26
N GLN D 85 23.23 -26.88 25.32
CA GLN D 85 24.26 -27.74 25.92
C GLN D 85 24.88 -28.72 24.94
N ILE D 86 26.13 -29.07 25.20
CA ILE D 86 26.85 -30.01 24.36
C ILE D 86 27.70 -30.89 25.28
N GLN D 87 27.70 -32.19 25.04
CA GLN D 87 28.48 -33.10 25.86
C GLN D 87 29.94 -33.11 25.41
N ILE D 88 30.86 -33.07 26.37
CA ILE D 88 32.27 -33.12 26.06
C ILE D 88 32.82 -34.41 26.65
N TYR D 89 33.73 -35.04 25.92
CA TYR D 89 34.35 -36.28 26.34
C TYR D 89 35.84 -36.03 26.50
N VAL D 90 36.32 -36.12 27.73
CA VAL D 90 37.73 -35.87 28.01
C VAL D 90 38.46 -37.12 28.46
N ARG D 91 39.51 -37.48 27.72
CA ARG D 91 40.32 -38.66 28.03
C ARG D 91 41.73 -38.25 28.40
N GLN D 92 42.23 -38.79 29.50
CA GLN D 92 43.58 -38.49 29.94
C GLN D 92 44.58 -38.87 28.84
N ASP D 93 44.33 -39.96 28.13
CA ASP D 93 45.27 -40.36 27.09
C ASP D 93 45.20 -39.53 25.82
N ASP D 94 44.39 -38.48 25.85
CA ASP D 94 44.27 -37.58 24.70
C ASP D 94 44.78 -36.19 25.08
N VAL D 95 44.25 -35.64 26.17
CA VAL D 95 44.63 -34.29 26.61
C VAL D 95 45.89 -34.21 27.45
N GLY D 96 46.33 -35.32 28.01
CA GLY D 96 47.54 -35.29 28.83
C GLY D 96 47.22 -35.16 30.31
N GLU D 97 48.22 -35.39 31.15
CA GLU D 97 48.06 -35.34 32.59
C GLU D 97 47.62 -34.00 33.19
N GLN D 98 48.33 -32.91 32.87
CA GLN D 98 47.96 -31.63 33.43
C GLN D 98 46.54 -31.18 33.08
N GLN D 99 46.17 -31.31 31.81
CA GLN D 99 44.84 -30.90 31.40
C GLN D 99 43.77 -31.82 31.97
N TYR D 100 44.09 -33.11 32.11
CA TYR D 100 43.11 -34.02 32.67
C TYR D 100 42.89 -33.70 34.14
N GLU D 101 43.95 -33.29 34.84
CA GLU D 101 43.82 -32.94 36.24
C GLU D 101 42.90 -31.73 36.36
N LEU D 102 43.01 -30.80 35.41
CA LEU D 102 42.15 -29.61 35.43
C LEU D 102 40.71 -30.04 35.23
N PHE D 103 40.50 -31.00 34.34
CA PHE D 103 39.16 -31.50 34.08
C PHE D 103 38.59 -32.13 35.35
N LYS D 104 39.39 -32.96 36.01
CA LYS D 104 38.95 -33.63 37.23
C LYS D 104 38.63 -32.66 38.37
N ILE D 105 39.41 -31.60 38.52
CA ILE D 105 39.15 -30.65 39.60
C ILE D 105 38.00 -29.71 39.27
N SER D 106 37.63 -29.61 38.01
CA SER D 106 36.53 -28.74 37.60
C SER D 106 35.23 -29.09 38.31
N ASP D 107 34.51 -28.06 38.76
CA ASP D 107 33.24 -28.18 39.47
C ASP D 107 32.06 -27.77 38.58
N LEU D 108 30.86 -28.18 38.98
CA LEU D 108 29.67 -27.76 38.26
C LEU D 108 29.71 -26.24 38.48
N GLY D 109 29.35 -25.47 37.46
CA GLY D 109 29.38 -24.03 37.62
C GLY D 109 30.62 -23.40 37.03
N ASP D 110 31.74 -24.13 37.01
CA ASP D 110 32.97 -23.58 36.44
C ASP D 110 32.78 -23.42 34.94
N ILE D 111 33.48 -22.45 34.36
CA ILE D 111 33.38 -22.20 32.92
C ILE D 111 34.66 -22.66 32.24
N VAL D 112 34.52 -23.40 31.14
CA VAL D 112 35.68 -23.92 30.45
C VAL D 112 35.56 -23.80 28.93
N GLY D 113 36.71 -23.93 28.26
CA GLY D 113 36.71 -23.87 26.81
C GLY D 113 37.38 -25.14 26.32
N VAL D 114 36.89 -25.70 25.22
CA VAL D 114 37.50 -26.90 24.69
C VAL D 114 37.66 -26.88 23.18
N ARG D 115 38.66 -27.61 22.71
CA ARG D 115 38.91 -27.76 21.29
C ARG D 115 38.90 -29.27 21.12
N GLY D 116 38.32 -29.74 20.02
CA GLY D 116 38.26 -31.17 19.78
C GLY D 116 37.53 -31.48 18.49
N THR D 117 37.24 -32.76 18.28
CA THR D 117 36.54 -33.18 17.08
C THR D 117 35.16 -33.71 17.41
N MET D 118 34.21 -33.50 16.50
CA MET D 118 32.85 -33.98 16.70
C MET D 118 32.82 -35.49 16.64
N PHE D 119 31.83 -36.09 17.29
CA PHE D 119 31.66 -37.54 17.31
C PHE D 119 30.44 -37.89 18.13
N LYS D 120 29.98 -39.13 18.01
CA LYS D 120 28.82 -39.60 18.76
C LYS D 120 29.25 -40.79 19.60
N THR D 121 28.73 -40.87 20.83
CA THR D 121 29.06 -41.97 21.71
C THR D 121 28.30 -43.20 21.24
N LYS D 122 28.30 -44.24 22.05
CA LYS D 122 27.60 -45.48 21.71
C LYS D 122 26.14 -45.15 21.39
N VAL D 123 25.51 -44.43 22.31
CA VAL D 123 24.11 -44.03 22.15
C VAL D 123 23.92 -42.98 21.06
N GLY D 124 25.00 -42.67 20.35
CA GLY D 124 24.94 -41.71 19.27
C GLY D 124 24.74 -40.24 19.65
N GLU D 125 24.94 -39.90 20.92
CA GLU D 125 24.78 -38.52 21.36
C GLU D 125 25.90 -37.65 20.80
N LEU D 126 25.54 -36.62 20.04
CA LEU D 126 26.54 -35.72 19.46
C LEU D 126 27.41 -35.15 20.59
N SER D 127 28.72 -35.32 20.47
CA SER D 127 29.63 -34.85 21.50
C SER D 127 30.93 -34.34 20.91
N ILE D 128 31.76 -33.77 21.77
CA ILE D 128 33.06 -33.27 21.34
C ILE D 128 34.15 -34.10 22.01
N LYS D 129 35.02 -34.70 21.19
CA LYS D 129 36.12 -35.49 21.69
C LYS D 129 37.25 -34.49 21.91
N VAL D 130 37.37 -34.03 23.15
CA VAL D 130 38.36 -33.02 23.52
C VAL D 130 39.82 -33.34 23.27
N SER D 131 40.52 -32.39 22.64
CA SER D 131 41.93 -32.51 22.36
C SER D 131 42.66 -31.47 23.20
N SER D 132 41.91 -30.46 23.65
CA SER D 132 42.47 -29.40 24.46
C SER D 132 41.42 -28.90 25.45
N TYR D 133 41.77 -28.90 26.73
CA TYR D 133 40.86 -28.47 27.80
C TYR D 133 41.40 -27.20 28.46
N GLU D 134 40.66 -26.11 28.32
CA GLU D 134 41.04 -24.81 28.87
C GLU D 134 40.14 -24.39 30.04
N PHE D 135 40.71 -24.22 31.22
CA PHE D 135 39.91 -23.79 32.37
C PHE D 135 39.78 -22.27 32.21
N LEU D 136 38.55 -21.75 32.22
CA LEU D 136 38.35 -20.31 32.04
C LEU D 136 37.90 -19.49 33.25
N THR D 137 37.05 -20.06 34.11
CA THR D 137 36.61 -19.32 35.30
C THR D 137 36.10 -20.22 36.40
N LYS D 138 36.55 -19.96 37.62
CA LYS D 138 36.13 -20.72 38.78
C LYS D 138 34.89 -20.11 39.40
N ALA D 139 33.85 -20.92 39.60
CA ALA D 139 32.63 -20.45 40.23
C ALA D 139 32.84 -20.68 41.72
N LEU D 140 32.84 -19.61 42.50
CA LEU D 140 33.05 -19.77 43.94
C LEU D 140 31.81 -20.26 44.67
N ARG D 141 30.65 -20.11 44.03
CA ARG D 141 29.38 -20.56 44.60
C ARG D 141 28.80 -21.64 43.69
N PRO D 142 28.17 -22.67 44.28
CA PRO D 142 27.57 -23.76 43.50
C PRO D 142 26.29 -23.33 42.78
N LEU D 143 26.06 -23.94 41.63
CA LEU D 143 24.88 -23.65 40.84
C LEU D 143 23.69 -24.28 41.58
N PRO D 144 22.49 -23.72 41.41
CA PRO D 144 21.33 -24.28 42.11
C PRO D 144 21.08 -25.74 41.74
N GLU D 145 20.62 -26.54 42.70
CA GLU D 145 20.32 -27.94 42.45
C GLU D 145 19.17 -28.04 41.46
N LYS D 146 19.43 -28.60 40.30
CA LYS D 146 18.41 -28.74 39.27
C LYS D 146 17.20 -29.48 39.85
N ASP D 152 11.91 -20.64 43.33
CA ASP D 152 10.92 -19.63 43.71
C ASP D 152 10.85 -18.51 42.66
N ILE D 153 9.63 -18.20 42.24
CA ILE D 153 9.40 -17.15 41.23
C ILE D 153 10.06 -15.82 41.53
N GLU D 154 9.79 -15.24 42.70
CA GLU D 154 10.36 -13.95 43.05
C GLU D 154 11.88 -14.03 43.17
N GLN D 155 12.39 -15.24 43.39
CA GLN D 155 13.82 -15.44 43.52
C GLN D 155 14.47 -15.33 42.14
N ARG D 156 13.72 -15.70 41.11
CA ARG D 156 14.21 -15.63 39.75
C ARG D 156 14.36 -14.18 39.30
N TYR D 157 13.59 -13.29 39.92
CA TYR D 157 13.67 -11.87 39.58
C TYR D 157 14.80 -11.21 40.36
N ARG D 158 15.02 -11.68 41.58
CA ARG D 158 16.06 -11.14 42.45
C ARG D 158 17.45 -11.49 41.93
N GLN D 159 17.58 -12.68 41.33
CA GLN D 159 18.84 -13.12 40.75
C GLN D 159 18.54 -13.61 39.34
N ARG D 160 18.27 -12.66 38.44
CA ARG D 160 17.96 -13.01 37.07
C ARG D 160 19.03 -13.87 36.42
N TYR D 161 20.30 -13.64 36.77
CA TYR D 161 21.36 -14.43 36.17
C TYR D 161 21.22 -15.93 36.45
N LEU D 162 20.75 -16.29 37.64
CA LEU D 162 20.58 -17.69 37.97
C LEU D 162 19.43 -18.27 37.14
N ASP D 163 18.38 -17.46 36.97
CA ASP D 163 17.21 -17.85 36.18
C ASP D 163 17.62 -18.12 34.73
N LEU D 164 18.40 -17.21 34.16
CA LEU D 164 18.85 -17.35 32.77
C LEU D 164 19.71 -18.59 32.56
N ILE D 165 20.46 -18.98 33.60
CA ILE D 165 21.32 -20.15 33.51
C ILE D 165 20.53 -21.45 33.68
N MET D 166 19.66 -21.50 34.67
CA MET D 166 18.88 -22.70 34.97
C MET D 166 17.61 -22.93 34.14
N ASN D 167 17.04 -21.86 33.59
CA ASN D 167 15.82 -21.99 32.79
C ASN D 167 15.96 -21.36 31.40
N PRO D 168 16.21 -22.19 30.38
CA PRO D 168 16.40 -21.79 28.98
C PRO D 168 15.22 -21.10 28.29
N GLU D 169 14.01 -21.31 28.80
CA GLU D 169 12.85 -20.68 28.19
C GLU D 169 12.79 -19.20 28.57
N SER D 170 13.41 -18.85 29.70
CA SER D 170 13.40 -17.47 30.15
C SER D 170 14.25 -16.60 29.25
N LYS D 171 15.44 -17.10 28.90
CA LYS D 171 16.34 -16.36 28.02
C LYS D 171 15.66 -16.09 26.68
N LYS D 172 14.84 -17.03 26.21
CA LYS D 172 14.14 -16.88 24.95
C LYS D 172 13.19 -15.70 24.98
N THR D 173 12.56 -15.47 26.13
CA THR D 173 11.63 -14.37 26.30
C THR D 173 12.32 -13.04 26.02
N PHE D 174 13.54 -12.90 26.53
CA PHE D 174 14.29 -11.66 26.35
C PHE D 174 14.86 -11.52 24.95
N ILE D 175 15.15 -12.63 24.30
CA ILE D 175 15.66 -12.55 22.94
C ILE D 175 14.49 -12.08 22.08
N THR D 176 13.29 -12.59 22.38
CA THR D 176 12.10 -12.21 21.66
C THR D 176 11.80 -10.73 21.92
N ARG D 177 12.01 -10.29 23.16
CA ARG D 177 11.77 -8.89 23.46
C ARG D 177 12.58 -7.99 22.53
N SER D 178 13.86 -8.34 22.34
CA SER D 178 14.72 -7.55 21.47
C SER D 178 14.22 -7.55 20.04
N LEU D 179 13.71 -8.68 19.57
CA LEU D 179 13.20 -8.79 18.21
C LEU D 179 11.95 -7.93 18.02
N ILE D 180 11.12 -7.88 19.04
CA ILE D 180 9.90 -7.07 19.00
C ILE D 180 10.24 -5.59 18.86
N ILE D 181 11.19 -5.12 19.66
CA ILE D 181 11.58 -3.72 19.58
C ILE D 181 12.28 -3.41 18.26
N GLN D 182 13.05 -4.36 17.76
CA GLN D 182 13.75 -4.17 16.48
C GLN D 182 12.73 -4.07 15.36
N SER D 183 11.76 -4.98 15.38
CA SER D 183 10.72 -4.99 14.36
C SER D 183 9.95 -3.68 14.42
N MET D 184 9.71 -3.18 15.63
CA MET D 184 9.00 -1.91 15.80
C MET D 184 9.74 -0.75 15.15
N ARG D 185 11.03 -0.62 15.45
CA ARG D 185 11.81 0.46 14.87
C ARG D 185 11.91 0.35 13.35
N ARG D 186 12.05 -0.85 12.83
CA ARG D 186 12.13 -1.03 11.38
C ARG D 186 10.87 -0.50 10.71
N TYR D 187 9.71 -0.89 11.24
CA TYR D 187 8.45 -0.44 10.69
C TYR D 187 8.39 1.09 10.73
N LEU D 188 8.61 1.65 11.91
CA LEU D 188 8.56 3.10 12.06
C LEU D 188 9.59 3.83 11.19
N ASP D 189 10.81 3.30 11.13
CA ASP D 189 11.84 3.92 10.30
C ASP D 189 11.43 3.88 8.84
N SER D 190 10.97 2.71 8.39
CA SER D 190 10.54 2.53 7.00
C SER D 190 9.31 3.34 6.64
N HIS D 191 8.57 3.80 7.64
CA HIS D 191 7.37 4.58 7.39
C HIS D 191 7.59 6.08 7.57
N GLY D 192 8.85 6.48 7.56
CA GLY D 192 9.21 7.89 7.67
C GLY D 192 9.27 8.60 9.01
N TYR D 193 9.20 7.87 10.12
CA TYR D 193 9.27 8.55 11.42
C TYR D 193 10.71 8.67 11.87
N LEU D 194 11.08 9.84 12.39
CA LEU D 194 12.44 10.09 12.86
C LEU D 194 12.59 9.71 14.32
N GLU D 195 13.53 8.80 14.59
CA GLU D 195 13.78 8.36 15.97
C GLU D 195 14.59 9.44 16.68
N VAL D 196 14.05 9.93 17.79
CA VAL D 196 14.73 10.98 18.55
C VAL D 196 14.88 10.63 20.02
N GLU D 197 15.68 11.44 20.71
CA GLU D 197 15.90 11.30 22.14
C GLU D 197 15.59 12.66 22.74
N THR D 198 14.68 12.68 23.72
CA THR D 198 14.32 13.93 24.38
C THR D 198 14.64 13.74 25.86
N PRO D 199 14.69 14.84 26.62
CA PRO D 199 15.01 14.77 28.06
C PRO D 199 14.22 13.80 28.91
N MET D 200 14.92 13.17 29.85
CA MET D 200 14.28 12.27 30.80
C MET D 200 14.16 12.99 32.14
N MET D 201 14.86 14.11 32.26
CA MET D 201 14.81 14.93 33.47
C MET D 201 14.07 16.21 33.09
N HIS D 202 12.94 16.45 33.74
CA HIS D 202 12.10 17.62 33.41
C HIS D 202 11.97 18.68 34.51
N ALA D 203 11.75 19.92 34.08
CA ALA D 203 11.55 21.02 35.02
C ALA D 203 10.16 20.85 35.63
N VAL D 204 9.24 20.35 34.82
CA VAL D 204 7.86 20.09 35.23
C VAL D 204 7.43 18.74 34.66
N ALA D 205 7.05 17.80 35.52
CA ALA D 205 6.64 16.48 35.06
C ALA D 205 5.22 16.49 34.48
N GLY D 206 5.12 16.49 33.17
CA GLY D 206 3.80 16.50 32.55
C GLY D 206 3.64 15.46 31.46
N GLY D 207 2.50 15.48 30.78
CA GLY D 207 2.26 14.53 29.71
C GLY D 207 1.44 13.31 30.09
N ALA D 208 1.08 13.22 31.37
CA ALA D 208 0.29 12.10 31.87
C ALA D 208 -0.19 12.37 33.29
N ALA D 209 -1.04 11.48 33.81
CA ALA D 209 -1.55 11.60 35.16
C ALA D 209 -0.79 10.59 36.01
N ALA D 210 0.26 11.06 36.69
CA ALA D 210 1.07 10.17 37.51
C ALA D 210 1.97 10.94 38.47
N ARG D 211 2.38 10.26 39.54
CA ARG D 211 3.27 10.85 40.53
C ARG D 211 4.70 10.67 40.03
N PRO D 212 5.50 11.74 40.04
CA PRO D 212 6.88 11.66 39.57
C PRO D 212 7.93 11.37 40.64
N PHE D 213 9.10 10.94 40.16
CA PHE D 213 10.23 10.73 41.05
C PHE D 213 10.86 12.12 41.03
N ILE D 214 11.26 12.61 42.20
CA ILE D 214 11.87 13.92 42.30
C ILE D 214 13.34 13.82 42.63
N THR D 215 14.15 14.69 42.03
CA THR D 215 15.58 14.68 42.32
C THR D 215 16.14 16.09 42.28
N HIS D 216 17.44 16.22 42.50
CA HIS D 216 18.05 17.53 42.54
C HIS D 216 19.44 17.59 41.90
N HIS D 217 19.68 18.65 41.13
CA HIS D 217 20.99 18.84 40.50
C HIS D 217 21.72 19.85 41.38
N ASN D 218 22.82 19.41 41.98
CA ASN D 218 23.57 20.25 42.90
C ASN D 218 24.26 21.49 42.31
N ALA D 219 25.06 21.31 41.27
CA ALA D 219 25.76 22.45 40.68
C ALA D 219 24.80 23.53 40.14
N LEU D 220 23.67 23.10 39.60
CA LEU D 220 22.69 24.02 39.06
C LEU D 220 21.67 24.44 40.10
N ASP D 221 21.67 23.73 41.24
CA ASP D 221 20.73 23.99 42.32
C ASP D 221 19.35 24.03 41.70
N MET D 222 18.97 22.92 41.09
CA MET D 222 17.70 22.83 40.39
C MET D 222 16.95 21.55 40.73
N THR D 223 15.65 21.68 40.95
CA THR D 223 14.81 20.53 41.24
C THR D 223 14.41 19.96 39.89
N LEU D 224 14.55 18.64 39.72
CA LEU D 224 14.21 17.99 38.47
C LEU D 224 13.29 16.81 38.73
N TYR D 225 12.43 16.51 37.76
CA TYR D 225 11.50 15.39 37.87
C TYR D 225 11.78 14.40 36.74
N MET D 226 11.87 13.13 37.07
CA MET D 226 12.10 12.14 36.03
C MET D 226 10.81 12.16 35.20
N ARG D 227 10.95 12.07 33.88
CA ARG D 227 9.76 12.15 33.04
C ARG D 227 8.72 11.07 33.28
N ILE D 228 7.45 11.47 33.35
CA ILE D 228 6.35 10.51 33.54
C ILE D 228 5.74 10.22 32.18
N ALA D 229 6.24 10.91 31.17
CA ALA D 229 5.77 10.75 29.78
C ALA D 229 6.76 11.44 28.85
N ILE D 230 6.65 11.16 27.55
CA ILE D 230 7.56 11.75 26.56
C ILE D 230 6.87 12.81 25.72
N GLU D 231 5.54 12.84 25.81
CA GLU D 231 4.68 13.74 25.04
C GLU D 231 5.02 15.22 24.86
N LEU D 232 5.21 15.95 25.96
CA LEU D 232 5.44 17.38 25.84
C LEU D 232 6.66 17.82 25.04
N HIS D 233 7.77 17.09 25.13
CA HIS D 233 8.94 17.47 24.34
C HIS D 233 8.78 17.04 22.88
N LEU D 234 8.07 15.95 22.63
CA LEU D 234 7.85 15.52 21.25
C LEU D 234 6.91 16.52 20.58
N LYS D 235 5.97 17.07 21.33
CA LYS D 235 5.07 18.05 20.74
C LYS D 235 5.87 19.29 20.37
N ARG D 236 6.90 19.60 21.14
CA ARG D 236 7.75 20.75 20.84
C ARG D 236 8.44 20.53 19.48
N LEU D 237 8.79 19.27 19.19
CA LEU D 237 9.44 18.96 17.93
C LEU D 237 8.47 19.10 16.75
N ILE D 238 7.19 18.86 17.00
CA ILE D 238 6.17 19.00 15.96
C ILE D 238 5.97 20.50 15.68
N VAL D 239 6.06 21.31 16.72
CA VAL D 239 5.96 22.76 16.54
C VAL D 239 7.20 23.12 15.72
N GLY D 240 8.30 22.45 16.07
CA GLY D 240 9.57 22.66 15.40
C GLY D 240 9.56 22.26 13.93
N GLY D 241 8.48 21.64 13.49
CA GLY D 241 8.34 21.24 12.09
C GLY D 241 8.90 19.91 11.65
N LEU D 242 9.24 19.01 12.59
CA LEU D 242 9.79 17.72 12.22
C LEU D 242 8.78 16.73 11.63
N GLU D 243 7.49 17.04 11.76
CA GLU D 243 6.41 16.26 11.18
C GLU D 243 6.15 14.82 11.63
N LYS D 244 7.19 14.01 11.71
CA LYS D 244 7.04 12.61 12.12
C LYS D 244 8.19 12.23 13.03
N VAL D 245 7.89 12.05 14.30
CA VAL D 245 8.92 11.68 15.26
C VAL D 245 8.43 10.61 16.21
N TYR D 246 9.37 9.84 16.74
CA TYR D 246 9.03 8.79 17.69
C TYR D 246 10.20 8.57 18.59
N GLU D 247 9.93 8.01 19.75
CA GLU D 247 10.96 7.72 20.72
C GLU D 247 10.53 6.51 21.52
N ILE D 248 11.41 5.52 21.62
CA ILE D 248 11.11 4.34 22.41
C ILE D 248 12.11 4.47 23.55
N GLY D 249 11.64 4.89 24.71
CA GLY D 249 12.53 5.08 25.83
C GLY D 249 11.89 4.87 27.18
N ARG D 250 12.73 4.94 28.20
CA ARG D 250 12.27 4.73 29.57
C ARG D 250 11.44 5.89 30.10
N VAL D 251 10.42 5.55 30.87
CA VAL D 251 9.53 6.53 31.50
C VAL D 251 9.50 6.11 32.97
N PHE D 252 9.31 7.07 33.86
CA PHE D 252 9.35 6.77 35.28
C PHE D 252 8.13 7.26 36.05
N ARG D 253 7.52 6.36 36.80
CA ARG D 253 6.35 6.73 37.59
C ARG D 253 6.51 6.19 39.00
N ASN D 254 6.40 7.10 39.97
CA ASN D 254 6.53 6.79 41.38
C ASN D 254 5.25 6.11 41.84
N GLU D 255 5.12 4.83 41.52
CA GLU D 255 3.93 4.06 41.88
C GLU D 255 4.24 2.59 42.17
N GLY D 256 3.35 1.94 42.90
CA GLY D 256 3.54 0.54 43.24
C GLY D 256 3.55 -0.38 42.04
N ILE D 257 4.19 -1.53 42.18
CA ILE D 257 4.26 -2.48 41.08
C ILE D 257 2.99 -3.32 40.99
N SER D 258 2.80 -3.95 39.84
CA SER D 258 1.65 -4.81 39.62
C SER D 258 2.01 -5.77 38.50
N THR D 259 1.05 -6.59 38.11
CA THR D 259 1.25 -7.56 37.03
C THR D 259 1.61 -6.85 35.73
N ARG D 260 1.30 -5.56 35.63
CA ARG D 260 1.64 -4.81 34.42
C ARG D 260 2.19 -3.41 34.70
N HIS D 261 2.73 -3.23 35.90
CA HIS D 261 3.33 -1.94 36.30
C HIS D 261 4.71 -2.11 36.93
N ASN D 262 5.66 -1.30 36.48
CA ASN D 262 7.01 -1.26 37.04
C ASN D 262 7.32 0.25 37.09
N PRO D 263 7.99 0.73 38.16
CA PRO D 263 8.35 2.14 38.34
C PRO D 263 9.05 2.77 37.14
N GLU D 264 9.85 1.97 36.44
CA GLU D 264 10.50 2.44 35.23
C GLU D 264 10.10 1.42 34.17
N PHE D 265 9.57 1.93 33.06
CA PHE D 265 9.13 1.06 31.98
C PHE D 265 9.49 1.71 30.66
N THR D 266 9.27 0.98 29.57
CA THR D 266 9.58 1.48 28.24
C THR D 266 8.32 1.80 27.48
N MET D 267 8.26 3.03 26.96
CA MET D 267 7.09 3.45 26.22
C MET D 267 7.49 3.99 24.86
N LEU D 268 6.64 3.73 23.88
CA LEU D 268 6.86 4.28 22.55
C LEU D 268 5.90 5.46 22.50
N GLU D 269 6.40 6.64 22.16
CA GLU D 269 5.52 7.79 21.96
C GLU D 269 5.85 8.22 20.54
N LEU D 270 4.81 8.52 19.76
CA LEU D 270 4.98 8.90 18.37
C LEU D 270 3.99 9.99 18.01
N TYR D 271 4.43 10.93 17.18
CA TYR D 271 3.58 12.04 16.77
C TYR D 271 3.67 12.26 15.26
N GLU D 272 2.52 12.47 14.64
CA GLU D 272 2.46 12.69 13.21
C GLU D 272 1.60 13.90 12.87
N ALA D 273 2.24 14.90 12.27
CA ALA D 273 1.52 16.10 11.88
C ALA D 273 0.57 15.78 10.73
N TYR D 274 -0.58 16.46 10.71
CA TYR D 274 -1.60 16.33 9.68
C TYR D 274 -2.42 15.03 9.72
N ALA D 275 -2.32 14.31 10.84
CA ALA D 275 -3.07 13.08 11.03
C ALA D 275 -3.98 13.30 12.23
N ASP D 276 -5.02 12.46 12.35
CA ASP D 276 -5.93 12.54 13.49
C ASP D 276 -5.96 11.18 14.17
N PHE D 277 -6.79 11.00 15.20
CA PHE D 277 -6.80 9.73 15.91
C PHE D 277 -7.25 8.50 15.11
N ARG D 278 -8.02 8.71 14.04
CA ARG D 278 -8.45 7.59 13.21
C ARG D 278 -7.23 7.08 12.45
N ASP D 279 -6.40 8.00 11.99
CA ASP D 279 -5.18 7.63 11.28
C ASP D 279 -4.28 6.84 12.21
N ILE D 280 -4.25 7.28 13.48
CA ILE D 280 -3.42 6.60 14.48
C ILE D 280 -3.94 5.20 14.79
N MET D 281 -5.25 5.01 14.74
CA MET D 281 -5.82 3.67 14.97
C MET D 281 -5.25 2.72 13.93
N LYS D 282 -5.28 3.14 12.67
CA LYS D 282 -4.76 2.30 11.59
C LYS D 282 -3.27 2.02 11.78
N LEU D 283 -2.52 3.05 12.12
CA LEU D 283 -1.09 2.89 12.35
C LEU D 283 -0.85 1.88 13.46
N THR D 284 -1.60 2.02 14.55
CA THR D 284 -1.44 1.13 15.69
C THR D 284 -1.71 -0.34 15.36
N GLU D 285 -2.85 -0.63 14.73
CA GLU D 285 -3.16 -2.01 14.40
C GLU D 285 -2.19 -2.56 13.34
N ASN D 286 -1.81 -1.74 12.36
CA ASN D 286 -0.88 -2.19 11.34
C ASN D 286 0.50 -2.48 11.93
N LEU D 287 0.93 -1.63 12.85
CA LEU D 287 2.24 -1.79 13.50
C LEU D 287 2.29 -3.06 14.34
N ILE D 288 1.32 -3.22 15.23
CA ILE D 288 1.30 -4.39 16.09
C ILE D 288 1.13 -5.68 15.28
N ALA D 289 0.27 -5.65 14.27
CA ALA D 289 0.06 -6.83 13.44
C ALA D 289 1.36 -7.16 12.71
N HIS D 290 2.07 -6.12 12.26
CA HIS D 290 3.35 -6.30 11.56
C HIS D 290 4.37 -7.01 12.45
N ILE D 291 4.51 -6.51 13.68
CA ILE D 291 5.44 -7.08 14.64
C ILE D 291 5.11 -8.54 14.94
N ALA D 292 3.82 -8.82 15.13
CA ALA D 292 3.40 -10.18 15.42
C ALA D 292 3.77 -11.09 14.25
N THR D 293 3.46 -10.63 13.04
CA THR D 293 3.77 -11.40 11.84
C THR D 293 5.27 -11.68 11.72
N GLU D 294 6.08 -10.66 11.96
CA GLU D 294 7.53 -10.85 11.86
C GLU D 294 8.13 -11.76 12.92
N VAL D 295 7.75 -11.53 14.17
CA VAL D 295 8.29 -12.29 15.29
C VAL D 295 7.68 -13.67 15.53
N LEU D 296 6.36 -13.76 15.45
CA LEU D 296 5.66 -15.03 15.69
C LEU D 296 5.31 -15.78 14.42
N GLY D 297 5.32 -15.08 13.29
CA GLY D 297 4.99 -15.70 12.03
C GLY D 297 3.49 -15.71 11.75
N THR D 298 2.72 -15.10 12.64
CA THR D 298 1.27 -15.05 12.48
C THR D 298 0.64 -14.02 13.42
N THR D 299 -0.59 -13.63 13.13
CA THR D 299 -1.29 -12.66 13.97
C THR D 299 -2.20 -13.38 14.95
N LYS D 300 -2.22 -14.70 14.88
CA LYS D 300 -3.03 -15.52 15.77
C LYS D 300 -2.13 -15.88 16.95
N ILE D 301 -2.47 -15.40 18.14
CA ILE D 301 -1.62 -15.69 19.29
C ILE D 301 -2.38 -16.28 20.48
N GLN D 302 -1.63 -16.74 21.46
CA GLN D 302 -2.23 -17.31 22.65
C GLN D 302 -1.72 -16.53 23.85
N TYR D 303 -2.63 -16.14 24.73
CA TYR D 303 -2.25 -15.42 25.95
C TYR D 303 -3.06 -16.01 27.09
N GLY D 304 -2.40 -16.76 27.97
CA GLY D 304 -3.11 -17.38 29.07
C GLY D 304 -4.14 -18.32 28.50
N GLU D 305 -5.38 -18.21 28.97
CA GLU D 305 -6.46 -19.07 28.50
C GLU D 305 -7.15 -18.48 27.28
N HIS D 306 -6.61 -17.38 26.76
CA HIS D 306 -7.23 -16.71 25.62
C HIS D 306 -6.53 -16.90 24.28
N LEU D 307 -7.33 -16.97 23.22
CA LEU D 307 -6.82 -17.06 21.85
C LEU D 307 -7.13 -15.66 21.33
N VAL D 308 -6.08 -14.88 21.08
CA VAL D 308 -6.25 -13.51 20.62
C VAL D 308 -5.88 -13.33 19.15
N ASP D 309 -6.80 -12.75 18.39
CA ASP D 309 -6.59 -12.51 16.95
C ASP D 309 -6.17 -11.06 16.74
N LEU D 310 -4.91 -10.85 16.34
CA LEU D 310 -4.39 -9.50 16.12
C LEU D 310 -4.48 -9.05 14.66
N THR D 311 -5.22 -9.79 13.85
CA THR D 311 -5.37 -9.46 12.44
C THR D 311 -6.28 -8.22 12.30
N PRO D 312 -5.82 -7.21 11.55
CA PRO D 312 -6.65 -6.00 11.36
C PRO D 312 -7.87 -6.35 10.51
N GLU D 313 -8.94 -5.56 10.57
CA GLU D 313 -9.02 -4.37 11.40
C GLU D 313 -9.69 -4.71 12.73
N TRP D 314 -9.23 -4.06 13.80
CA TRP D 314 -9.78 -4.32 15.12
C TRP D 314 -11.07 -3.57 15.37
N ARG D 315 -11.82 -4.04 16.37
CA ARG D 315 -13.10 -3.43 16.71
C ARG D 315 -12.93 -2.01 17.24
N ARG D 316 -13.80 -1.11 16.78
CA ARG D 316 -13.83 0.27 17.25
C ARG D 316 -15.09 0.36 18.10
N LEU D 317 -14.94 0.76 19.35
CA LEU D 317 -16.08 0.86 20.26
C LEU D 317 -15.99 2.11 21.14
N HIS D 318 -17.02 2.94 21.07
CA HIS D 318 -17.04 4.15 21.89
C HIS D 318 -17.22 3.74 23.34
N MET D 319 -16.51 4.42 24.24
CA MET D 319 -16.60 4.11 25.67
C MET D 319 -18.04 4.07 26.16
N VAL D 320 -18.83 5.05 25.72
CA VAL D 320 -20.24 5.13 26.12
C VAL D 320 -21.03 3.91 25.63
N ASP D 321 -20.76 3.45 24.41
CA ASP D 321 -21.45 2.27 23.88
C ASP D 321 -20.99 1.01 24.60
N ALA D 322 -19.73 0.99 25.04
CA ALA D 322 -19.20 -0.16 25.75
C ALA D 322 -19.90 -0.30 27.11
N ILE D 323 -20.11 0.83 27.79
CA ILE D 323 -20.77 0.80 29.08
C ILE D 323 -22.23 0.37 28.91
N LYS D 324 -22.85 0.82 27.83
CA LYS D 324 -24.23 0.46 27.55
C LYS D 324 -24.37 -1.04 27.27
N GLU D 325 -23.40 -1.60 26.56
CA GLU D 325 -23.43 -3.03 26.22
C GLU D 325 -23.19 -3.92 27.42
N TYR D 326 -22.22 -3.55 28.25
CA TYR D 326 -21.86 -4.36 29.41
C TYR D 326 -22.54 -4.02 30.74
N VAL D 327 -22.95 -2.77 30.93
CA VAL D 327 -23.58 -2.39 32.20
C VAL D 327 -25.07 -2.10 32.11
N GLY D 328 -25.55 -1.73 30.92
CA GLY D 328 -26.96 -1.43 30.76
C GLY D 328 -27.26 0.02 31.06
N VAL D 329 -26.23 0.84 31.22
CA VAL D 329 -26.40 2.26 31.51
C VAL D 329 -26.07 3.10 30.27
N ASP D 330 -26.91 4.08 29.97
CA ASP D 330 -26.71 4.92 28.80
C ASP D 330 -26.25 6.33 29.18
N PHE D 331 -25.01 6.67 28.83
CA PHE D 331 -24.50 7.99 29.14
C PHE D 331 -24.52 8.97 27.97
N TRP D 332 -25.17 8.60 26.86
CA TRP D 332 -25.29 9.49 25.72
C TRP D 332 -26.29 10.58 26.07
N ARG D 333 -27.27 10.23 26.89
CA ARG D 333 -28.29 11.18 27.31
C ARG D 333 -27.62 12.32 28.09
N GLN D 334 -28.08 13.55 27.87
CA GLN D 334 -27.53 14.68 28.60
C GLN D 334 -28.00 14.51 30.04
N MET D 335 -27.07 14.56 31.00
CA MET D 335 -27.47 14.40 32.38
C MET D 335 -26.61 15.24 33.33
N SER D 336 -27.13 15.45 34.53
CA SER D 336 -26.46 16.23 35.55
C SER D 336 -25.44 15.37 36.29
N ASP D 337 -24.55 16.03 37.02
CA ASP D 337 -23.56 15.31 37.80
C ASP D 337 -24.24 14.45 38.86
N GLU D 338 -25.31 14.99 39.46
CA GLU D 338 -25.99 14.22 40.49
C GLU D 338 -26.65 12.97 39.91
N GLU D 339 -27.15 13.06 38.69
CA GLU D 339 -27.77 11.91 38.05
C GLU D 339 -26.72 10.82 37.82
N ALA D 340 -25.51 11.25 37.47
CA ALA D 340 -24.41 10.31 37.23
C ALA D 340 -23.99 9.69 38.55
N ARG D 341 -23.92 10.50 39.60
CA ARG D 341 -23.51 10.00 40.91
C ARG D 341 -24.55 9.00 41.43
N GLU D 342 -25.81 9.22 41.06
CA GLU D 342 -26.90 8.35 41.47
C GLU D 342 -26.71 6.98 40.80
N LEU D 343 -26.41 7.03 39.49
CA LEU D 343 -26.19 5.81 38.72
C LEU D 343 -25.01 5.05 39.29
N ALA D 344 -23.97 5.78 39.70
CA ALA D 344 -22.76 5.16 40.26
C ALA D 344 -23.09 4.39 41.53
N LYS D 345 -23.90 4.99 42.39
CA LYS D 345 -24.30 4.35 43.64
C LYS D 345 -25.11 3.09 43.36
N GLU D 346 -26.06 3.20 42.44
CA GLU D 346 -26.92 2.07 42.09
C GLU D 346 -26.14 0.89 41.51
N HIS D 347 -25.11 1.17 40.73
CA HIS D 347 -24.32 0.11 40.11
C HIS D 347 -23.04 -0.24 40.84
N GLY D 348 -22.86 0.32 42.03
CA GLY D 348 -21.68 0.03 42.83
C GLY D 348 -20.36 0.52 42.26
N VAL D 349 -20.37 1.70 41.65
CA VAL D 349 -19.16 2.28 41.07
C VAL D 349 -18.61 3.33 42.04
N GLU D 350 -17.40 3.10 42.54
CA GLU D 350 -16.79 4.04 43.48
C GLU D 350 -16.34 5.32 42.78
N VAL D 351 -16.63 6.46 43.39
CA VAL D 351 -16.25 7.76 42.84
C VAL D 351 -15.58 8.64 43.88
N ALA D 352 -14.75 9.57 43.43
CA ALA D 352 -14.04 10.49 44.32
C ALA D 352 -14.74 11.84 44.35
N PRO D 353 -14.40 12.69 45.34
CA PRO D 353 -15.01 14.02 45.49
C PRO D 353 -14.92 14.94 44.27
N HIS D 354 -13.75 14.97 43.63
CA HIS D 354 -13.52 15.82 42.47
C HIS D 354 -14.19 15.38 41.18
N MET D 355 -14.86 14.22 41.20
CA MET D 355 -15.48 13.71 40.00
C MET D 355 -16.84 14.26 39.62
N THR D 356 -17.02 14.45 38.32
CA THR D 356 -18.29 14.92 37.76
C THR D 356 -18.65 13.91 36.68
N PHE D 357 -19.67 14.23 35.88
CA PHE D 357 -20.14 13.33 34.81
C PHE D 357 -19.02 12.62 34.05
N GLY D 358 -18.11 13.38 33.48
CA GLY D 358 -17.02 12.80 32.72
C GLY D 358 -16.19 11.76 33.45
N HIS D 359 -15.78 12.05 34.68
CA HIS D 359 -14.97 11.10 35.44
C HIS D 359 -15.77 9.84 35.74
N ILE D 360 -17.04 10.02 36.07
CA ILE D 360 -17.90 8.90 36.42
C ILE D 360 -18.10 7.94 35.24
N VAL D 361 -18.20 8.49 34.03
CA VAL D 361 -18.35 7.67 32.84
C VAL D 361 -17.13 6.75 32.75
N ASN D 362 -15.95 7.33 32.92
CA ASN D 362 -14.74 6.55 32.85
C ASN D 362 -14.65 5.54 34.01
N GLU D 363 -15.17 5.89 35.18
CA GLU D 363 -15.13 4.93 36.29
C GLU D 363 -16.01 3.72 35.98
N PHE D 364 -17.15 3.96 35.33
CA PHE D 364 -18.03 2.87 34.96
C PHE D 364 -17.28 1.93 34.02
N PHE D 365 -16.59 2.51 33.04
CA PHE D 365 -15.84 1.72 32.08
C PHE D 365 -14.71 0.90 32.74
N GLU D 366 -13.86 1.57 33.51
CA GLU D 366 -12.75 0.90 34.16
C GLU D 366 -13.15 -0.12 35.22
N GLN D 367 -14.21 0.18 35.98
CA GLN D 367 -14.63 -0.71 37.04
C GLN D 367 -15.57 -1.85 36.62
N LYS D 368 -16.28 -1.67 35.51
CA LYS D 368 -17.24 -2.69 35.09
C LYS D 368 -17.10 -3.22 33.67
N VAL D 369 -16.20 -2.65 32.88
CA VAL D 369 -16.10 -3.08 31.49
C VAL D 369 -14.76 -3.56 30.94
N GLU D 370 -13.71 -2.78 31.16
CA GLU D 370 -12.41 -3.09 30.61
C GLU D 370 -11.85 -4.52 30.73
N ASP D 371 -12.05 -5.18 31.87
CA ASP D 371 -11.50 -6.52 32.01
C ASP D 371 -12.09 -7.53 31.03
N LYS D 372 -13.23 -7.20 30.43
CA LYS D 372 -13.89 -8.12 29.50
C LYS D 372 -13.49 -7.92 28.04
N LEU D 373 -12.63 -6.93 27.78
CA LEU D 373 -12.18 -6.67 26.42
C LEU D 373 -10.93 -7.50 26.14
N ILE D 374 -11.14 -8.73 25.70
CA ILE D 374 -10.04 -9.66 25.42
C ILE D 374 -9.46 -9.45 24.02
N GLN D 375 -10.31 -9.46 23.01
CA GLN D 375 -9.85 -9.24 21.65
C GLN D 375 -9.44 -7.77 21.53
N PRO D 376 -8.44 -7.45 20.67
CA PRO D 376 -8.00 -6.07 20.51
C PRO D 376 -9.13 -5.12 20.20
N THR D 377 -9.30 -4.12 21.06
CA THR D 377 -10.38 -3.16 20.90
C THR D 377 -9.97 -1.72 21.11
N PHE D 378 -10.32 -0.86 20.16
CA PHE D 378 -10.02 0.56 20.30
C PHE D 378 -11.23 1.19 20.99
N ILE D 379 -11.09 1.49 22.27
CA ILE D 379 -12.17 2.14 23.02
C ILE D 379 -11.90 3.62 22.85
N TYR D 380 -12.87 4.36 22.29
CA TYR D 380 -12.65 5.77 22.06
C TYR D 380 -13.74 6.71 22.60
N GLY D 381 -13.45 8.01 22.57
CA GLY D 381 -14.40 8.98 23.04
C GLY D 381 -14.32 9.29 24.53
N HIS D 382 -13.13 9.17 25.11
CA HIS D 382 -12.95 9.46 26.53
C HIS D 382 -13.42 10.87 26.87
N PRO D 383 -14.15 11.02 28.00
CA PRO D 383 -14.66 12.32 28.44
C PRO D 383 -13.54 13.36 28.54
N VAL D 384 -13.87 14.59 28.18
CA VAL D 384 -12.89 15.67 28.20
C VAL D 384 -12.25 15.88 29.58
N GLU D 385 -13.00 15.64 30.65
CA GLU D 385 -12.48 15.81 32.00
C GLU D 385 -11.23 14.99 32.29
N ILE D 386 -11.11 13.82 31.67
CA ILE D 386 -9.94 12.97 31.90
C ILE D 386 -8.96 12.98 30.74
N SER D 387 -9.15 13.91 29.81
CA SER D 387 -8.29 13.99 28.62
C SER D 387 -7.82 15.43 28.39
N PRO D 388 -7.03 15.97 29.33
CA PRO D 388 -6.53 17.33 29.23
C PRO D 388 -5.65 17.70 28.02
N LEU D 389 -5.16 16.71 27.30
CA LEU D 389 -4.28 16.99 26.15
C LEU D 389 -4.87 16.56 24.81
N ALA D 390 -6.14 16.16 24.83
CA ALA D 390 -6.83 15.70 23.64
C ALA D 390 -7.87 16.70 23.13
N LYS D 391 -8.03 16.76 21.82
CA LYS D 391 -8.99 17.68 21.22
C LYS D 391 -10.42 17.17 21.40
N LYS D 392 -11.34 18.07 21.69
CA LYS D 392 -12.74 17.69 21.87
C LYS D 392 -13.34 17.21 20.55
N ASN D 393 -14.30 16.28 20.64
CA ASN D 393 -14.99 15.79 19.46
C ASN D 393 -15.92 16.92 19.02
N PRO D 394 -15.89 17.28 17.73
CA PRO D 394 -16.73 18.36 17.18
C PRO D 394 -18.25 18.21 17.39
N ASP D 395 -18.77 17.00 17.26
CA ASP D 395 -20.20 16.78 17.41
C ASP D 395 -20.72 16.70 18.84
N ASP D 396 -19.93 16.13 19.73
CA ASP D 396 -20.31 15.99 21.13
C ASP D 396 -19.08 16.28 21.99
N PRO D 397 -18.84 17.56 22.32
CA PRO D 397 -17.70 18.01 23.12
C PRO D 397 -17.57 17.49 24.55
N ARG D 398 -18.52 16.68 24.99
CA ARG D 398 -18.40 16.09 26.32
C ARG D 398 -17.28 15.06 26.23
N PHE D 399 -17.02 14.61 25.01
CA PHE D 399 -16.01 13.60 24.74
C PHE D 399 -14.89 14.10 23.85
N THR D 400 -13.75 13.42 23.88
CA THR D 400 -12.60 13.80 23.07
C THR D 400 -12.27 12.75 22.03
N ASP D 401 -11.54 13.16 20.99
CA ASP D 401 -11.14 12.22 19.96
C ASP D 401 -9.86 11.55 20.46
N ARG D 402 -10.08 10.62 21.37
CA ARG D 402 -9.03 9.86 22.00
C ARG D 402 -9.44 8.39 22.03
N PHE D 403 -8.45 7.51 22.06
CA PHE D 403 -8.76 6.09 22.16
C PHE D 403 -7.68 5.39 22.97
N GLU D 404 -8.06 4.28 23.57
CA GLU D 404 -7.13 3.46 24.31
C GLU D 404 -7.28 2.09 23.72
N LEU D 405 -6.17 1.36 23.61
CA LEU D 405 -6.20 0.02 23.05
C LEU D 405 -6.26 -0.98 24.19
N PHE D 406 -7.29 -1.82 24.19
CA PHE D 406 -7.42 -2.85 25.20
C PHE D 406 -7.28 -4.22 24.54
N ILE D 407 -6.49 -5.07 25.19
CA ILE D 407 -6.27 -6.44 24.73
C ILE D 407 -6.14 -7.24 26.03
N VAL D 408 -6.63 -8.46 26.02
CA VAL D 408 -6.61 -9.32 27.20
C VAL D 408 -6.92 -8.57 28.49
N GLY D 409 -7.95 -7.72 28.43
CA GLY D 409 -8.39 -6.97 29.60
C GLY D 409 -7.56 -5.82 30.13
N ARG D 410 -6.48 -5.43 29.45
CA ARG D 410 -5.67 -4.32 29.94
C ARG D 410 -5.29 -3.33 28.85
N GLU D 411 -4.92 -2.13 29.30
N GLU D 411 -4.97 -2.11 29.27
CA GLU D 411 -4.54 -1.03 28.41
CA GLU D 411 -4.61 -1.06 28.33
C GLU D 411 -3.15 -1.24 27.84
C GLU D 411 -3.17 -1.22 27.83
N HIS D 412 -3.02 -1.13 26.52
CA HIS D 412 -1.72 -1.28 25.87
C HIS D 412 -1.29 0.00 25.17
N ALA D 413 -2.26 0.86 24.86
CA ALA D 413 -1.93 2.09 24.16
C ALA D 413 -2.92 3.20 24.46
N ASN D 414 -2.46 4.43 24.26
CA ASN D 414 -3.28 5.62 24.51
C ASN D 414 -2.94 6.58 23.38
N ALA D 415 -3.95 7.15 22.74
CA ALA D 415 -3.69 8.03 21.61
C ALA D 415 -4.82 9.01 21.36
N PHE D 416 -4.48 10.14 20.75
CA PHE D 416 -5.52 11.10 20.42
C PHE D 416 -5.20 12.08 19.32
N THR D 417 -6.22 12.84 18.95
CA THR D 417 -6.12 13.92 17.99
C THR D 417 -5.62 14.95 19.00
N GLU D 418 -4.39 15.42 18.84
CA GLU D 418 -3.80 16.34 19.78
C GLU D 418 -4.44 17.72 19.90
N LEU D 419 -4.49 18.22 21.13
CA LEU D 419 -5.04 19.54 21.40
C LEU D 419 -3.96 20.56 21.04
N ASN D 420 -4.16 21.27 19.93
CA ASN D 420 -3.16 22.24 19.51
C ASN D 420 -3.59 23.70 19.76
N ASP D 421 -4.81 23.87 20.26
CA ASP D 421 -5.34 25.20 20.59
C ASP D 421 -4.70 25.58 21.93
N PRO D 422 -3.82 26.59 21.94
CA PRO D 422 -3.15 27.04 23.16
C PRO D 422 -4.09 27.60 24.23
N ILE D 423 -5.16 28.24 23.78
CA ILE D 423 -6.12 28.84 24.70
C ILE D 423 -6.89 27.75 25.42
N ASP D 424 -7.37 26.76 24.65
CA ASP D 424 -8.09 25.65 25.23
C ASP D 424 -7.15 24.90 26.16
N GLN D 425 -5.93 24.62 25.69
CA GLN D 425 -4.97 23.89 26.49
C GLN D 425 -4.72 24.51 27.86
N ARG D 426 -4.56 25.84 27.90
CA ARG D 426 -4.32 26.50 29.18
C ARG D 426 -5.53 26.29 30.08
N GLN D 427 -6.72 26.31 29.50
CA GLN D 427 -7.94 26.11 30.29
C GLN D 427 -7.99 24.69 30.83
N ARG D 428 -7.55 23.71 30.05
CA ARG D 428 -7.57 22.32 30.50
C ARG D 428 -6.68 22.21 31.74
N PHE D 429 -5.51 22.85 31.69
CA PHE D 429 -4.59 22.81 32.81
C PHE D 429 -5.22 23.48 34.04
N GLU D 430 -5.95 24.55 33.80
CA GLU D 430 -6.60 25.27 34.90
C GLU D 430 -7.64 24.38 35.59
N GLU D 431 -8.36 23.60 34.81
CA GLU D 431 -9.35 22.69 35.37
C GLU D 431 -8.63 21.59 36.15
N GLN D 432 -7.42 21.25 35.71
CA GLN D 432 -6.63 20.22 36.37
C GLN D 432 -6.20 20.74 37.74
N LEU D 433 -5.79 22.00 37.79
CA LEU D 433 -5.37 22.60 39.04
C LEU D 433 -6.53 22.58 40.03
N LYS D 434 -7.72 22.87 39.52
CA LYS D 434 -8.93 22.87 40.35
C LYS D 434 -9.16 21.49 40.95
N GLU D 435 -8.94 20.45 40.15
CA GLU D 435 -9.12 19.09 40.61
C GLU D 435 -8.10 18.73 41.69
N ARG D 436 -6.87 19.19 41.54
CA ARG D 436 -5.84 18.90 42.53
C ARG D 436 -6.26 19.44 43.89
N GLU D 437 -6.91 20.61 43.90
CA GLU D 437 -7.36 21.21 45.13
C GLU D 437 -8.58 20.45 45.67
N GLN D 438 -9.16 19.62 44.80
CA GLN D 438 -10.33 18.83 45.18
C GLN D 438 -9.95 17.41 45.59
N GLY D 439 -8.64 17.14 45.68
CA GLY D 439 -8.19 15.82 46.08
C GLY D 439 -7.49 14.97 45.04
N ASN D 440 -7.43 15.44 43.80
CA ASN D 440 -6.77 14.69 42.73
C ASN D 440 -5.30 15.05 42.66
N ASP D 441 -4.46 14.28 43.37
CA ASP D 441 -3.03 14.56 43.40
C ASP D 441 -2.26 14.00 42.21
N GLU D 442 -2.97 13.69 41.14
CA GLU D 442 -2.36 13.20 39.90
C GLU D 442 -2.71 14.15 38.76
N ALA D 443 -3.39 15.23 39.11
CA ALA D 443 -3.79 16.24 38.13
C ALA D 443 -2.54 16.81 37.46
N HIS D 444 -2.67 17.24 36.22
CA HIS D 444 -1.54 17.80 35.49
C HIS D 444 -1.13 19.17 36.03
N GLU D 445 0.14 19.51 35.87
CA GLU D 445 0.69 20.78 36.33
C GLU D 445 0.63 21.83 35.22
N MET D 446 0.73 23.10 35.59
CA MET D 446 0.70 24.19 34.61
C MET D 446 2.10 24.38 34.01
N ASP D 447 2.28 23.92 32.78
CA ASP D 447 3.56 24.01 32.09
C ASP D 447 3.59 25.22 31.14
N GLU D 448 4.11 26.35 31.62
CA GLU D 448 4.15 27.56 30.80
C GLU D 448 5.05 27.42 29.57
N ASP D 449 6.15 26.71 29.72
CA ASP D 449 7.09 26.52 28.62
C ASP D 449 6.39 25.78 27.48
N PHE D 450 5.62 24.76 27.84
CA PHE D 450 4.88 23.98 26.86
C PHE D 450 3.83 24.86 26.18
N LEU D 451 3.10 25.62 26.98
CA LEU D 451 2.07 26.49 26.43
C LEU D 451 2.68 27.50 25.46
N GLU D 452 3.86 28.02 25.81
CA GLU D 452 4.55 28.97 24.96
C GLU D 452 4.80 28.33 23.60
N ALA D 453 5.27 27.09 23.62
CA ALA D 453 5.56 26.37 22.38
C ALA D 453 4.32 26.28 21.49
N LEU D 454 3.18 25.87 22.05
CA LEU D 454 1.96 25.77 21.28
C LEU D 454 1.55 27.12 20.69
N GLU D 455 1.88 28.19 21.38
CA GLU D 455 1.53 29.52 20.90
C GLU D 455 2.26 29.92 19.61
N TYR D 456 3.33 29.21 19.27
CA TYR D 456 4.03 29.51 18.03
C TYR D 456 3.37 28.73 16.90
N GLY D 457 2.46 27.84 17.28
CA GLY D 457 1.74 27.05 16.30
C GLY D 457 2.15 25.60 16.13
N MET D 458 1.28 24.68 16.53
CA MET D 458 1.53 23.26 16.35
C MET D 458 0.42 22.81 15.41
N PRO D 459 0.78 22.23 14.26
CA PRO D 459 -0.22 21.77 13.30
C PRO D 459 -1.14 20.70 13.86
N PRO D 460 -2.26 20.42 13.17
CA PRO D 460 -3.14 19.37 13.68
C PRO D 460 -2.23 18.15 13.71
N THR D 461 -2.33 17.35 14.77
CA THR D 461 -1.43 16.21 14.93
C THR D 461 -2.11 14.99 15.58
N GLY D 462 -1.60 13.82 15.25
CA GLY D 462 -2.11 12.57 15.82
C GLY D 462 -0.98 12.00 16.65
N GLY D 463 -1.25 11.66 17.91
CA GLY D 463 -0.22 11.14 18.78
C GLY D 463 -0.53 9.77 19.34
N LEU D 464 0.52 9.03 19.66
CA LEU D 464 0.37 7.66 20.16
C LEU D 464 1.37 7.29 21.25
N GLY D 465 0.88 6.53 22.23
CA GLY D 465 1.74 6.05 23.30
C GLY D 465 1.45 4.57 23.47
N ILE D 466 2.49 3.72 23.39
CA ILE D 466 2.34 2.28 23.54
C ILE D 466 3.24 1.76 24.65
N GLY D 467 2.69 0.94 25.54
CA GLY D 467 3.52 0.38 26.59
C GLY D 467 4.24 -0.80 25.98
N VAL D 468 5.53 -0.63 25.68
CA VAL D 468 6.32 -1.68 25.06
C VAL D 468 6.39 -2.95 25.90
N ASP D 469 6.58 -2.79 27.20
CA ASP D 469 6.64 -3.95 28.09
C ASP D 469 5.36 -4.75 28.01
N ARG D 470 4.22 -4.05 28.03
CA ARG D 470 2.94 -4.75 27.97
C ARG D 470 2.78 -5.46 26.63
N LEU D 471 3.24 -4.84 25.55
CA LEU D 471 3.16 -5.46 24.24
C LEU D 471 4.05 -6.71 24.23
N VAL D 472 5.20 -6.63 24.89
CA VAL D 472 6.10 -7.78 24.94
C VAL D 472 5.44 -8.91 25.74
N MET D 473 4.76 -8.56 26.82
CA MET D 473 4.06 -9.56 27.62
C MET D 473 3.09 -10.31 26.74
N LEU D 474 2.30 -9.55 25.99
CA LEU D 474 1.30 -10.13 25.10
C LEU D 474 1.88 -11.10 24.09
N LEU D 475 2.94 -10.67 23.40
CA LEU D 475 3.55 -11.49 22.37
C LEU D 475 4.45 -12.63 22.84
N THR D 476 4.71 -12.71 24.15
CA THR D 476 5.54 -13.78 24.69
C THR D 476 4.75 -14.63 25.66
N ASN D 477 3.45 -14.36 25.74
CA ASN D 477 2.55 -15.08 26.64
C ASN D 477 3.06 -15.06 28.07
N SER D 478 3.48 -13.88 28.53
CA SER D 478 3.99 -13.70 29.90
C SER D 478 2.88 -13.09 30.73
N PRO D 479 2.51 -13.75 31.85
CA PRO D 479 1.45 -13.25 32.73
C PRO D 479 1.81 -12.00 33.54
N SER D 480 3.10 -11.72 33.68
CA SER D 480 3.53 -10.55 34.44
C SER D 480 4.62 -9.76 33.75
N ILE D 481 4.64 -8.45 34.00
CA ILE D 481 5.66 -7.59 33.42
C ILE D 481 7.01 -8.01 34.00
N ARG D 482 6.97 -8.64 35.18
CA ARG D 482 8.19 -9.08 35.82
C ARG D 482 8.89 -10.16 35.02
N ASP D 483 8.14 -10.81 34.13
CA ASP D 483 8.69 -11.88 33.30
C ASP D 483 9.39 -11.34 32.05
N VAL D 484 9.07 -10.10 31.66
CA VAL D 484 9.67 -9.51 30.46
C VAL D 484 10.67 -8.39 30.72
N LEU D 485 10.99 -8.16 32.00
CA LEU D 485 11.97 -7.15 32.40
C LEU D 485 13.13 -7.93 33.00
N LEU D 486 14.35 -7.70 32.52
CA LEU D 486 15.49 -8.42 33.05
C LEU D 486 15.64 -8.24 34.56
N PHE D 487 15.49 -7.01 35.03
CA PHE D 487 15.64 -6.72 36.46
C PHE D 487 14.48 -5.88 36.99
N PRO D 488 13.29 -6.49 37.18
CA PRO D 488 12.13 -5.75 37.69
C PRO D 488 12.41 -5.17 39.08
N GLN D 489 11.74 -4.08 39.41
CA GLN D 489 11.93 -3.43 40.70
C GLN D 489 11.62 -4.38 41.85
N MET D 490 12.58 -4.57 42.74
CA MET D 490 12.37 -5.45 43.89
C MET D 490 11.97 -4.65 45.11
N ARG D 491 11.23 -5.27 46.02
CA ARG D 491 10.82 -4.61 47.25
C ARG D 491 12.01 -4.69 48.19
N HIS D 492 11.94 -4.05 49.34
CA HIS D 492 13.04 -4.11 50.29
C HIS D 492 13.25 -5.56 50.77
#